data_9FG0
#
_entry.id   9FG0
#
_cell.length_a   1.00
_cell.length_b   1.00
_cell.length_c   1.00
_cell.angle_alpha   90.00
_cell.angle_beta   90.00
_cell.angle_gamma   90.00
#
_symmetry.space_group_name_H-M   'P 1'
#
loop_
_entity.id
_entity.type
_entity.pdbx_description
1 polymer 'Gamma-aminobutyric acid receptor subunit alpha-1'
2 polymer 'Gamma-aminobutyric acid receptor subunit beta-3'
3 polymer 'Gamma-aminobutyric acid receptor subunit gamma-2'
4 polymer Nanobody38
5 branched alpha-D-mannopyranose-(1-2)-alpha-D-mannopyranose-(1-2)-alpha-D-mannopyranose-(1-3)-[alpha-D-mannopyranose-(1-2)-alpha-D-mannopyranose-(1-6)-[alpha-D-mannopyranose-(1-3)]alpha-D-mannopyranose-(1-6)]beta-D-mannopyranose-(1-4)-2-acetamido-2-deoxy-beta-D-glucopyranose-(1-4)-2-acetamido-2-deoxy-beta-D-glucopyranose
6 branched 2-acetamido-2-deoxy-beta-D-glucopyranose-(1-4)-2-acetamido-2-deoxy-beta-D-glucopyranose
7 branched alpha-D-mannopyranose-(1-3)-alpha-D-mannopyranose-(1-6)-[alpha-D-mannopyranose-(1-3)]beta-D-mannopyranose-(1-4)-2-acetamido-2-deoxy-beta-D-glucopyranose-(1-4)-2-acetamido-2-deoxy-beta-D-glucopyranose
8 branched alpha-D-mannopyranose-(1-3)-[alpha-D-mannopyranose-(1-6)]beta-D-mannopyranose-(1-4)-2-acetamido-2-deoxy-beta-D-glucopyranose-(1-4)-2-acetamido-2-deoxy-beta-D-glucopyranose
9 non-polymer 'GAMMA-AMINO-BUTANOIC ACID'
#
loop_
_entity_poly.entity_id
_entity_poly.type
_entity_poly.pdbx_seq_one_letter_code
_entity_poly.pdbx_strand_id
1 'polypeptide(L)'
;DNTTVFTRILDRLLDGYDNRLRPGLGERVTEVKTDIFVTSFGPVSDHDMEYTIDVFFRQSWKDERLKFKGPMTVLRLNNL
MASKIWTPDTFFHNGKKSVAHNMTMPNKLLRITEDGTLLYTMRLTVRAECPMHLEDFPMDAHACPLKFGSYAYTRAEVVY
EWTREPARSVVVAEDGSRLNQYDLLGQTVDSGIVQSSTGEYVVMTTHFHLKRKIGYFVIQTYLPCIMTVILSQVSFWLNR
ESVPARTVFGVTTVLTMTTLSISARNSLPKVAYATAMDWFIAVCYAFVFSALIEFATVNYFTKSQPARAAKIDRLSRIAF
PLLFGIFNLVYWATYLNR
;
A,D
2 'polypeptide(L)'
;NMSFVKETVDKLLKGYDIRLRPDFGGPPVCVGMNIDIASIDMVSEVNMDYTLTMYFQQYWRDKRLAYSGIPLNLTLDNRV
ADQLWVPDTYFLNDKKSFVHGVTVKNRMIRLHPDGTVLYGLRITTTAACMMDLRRYPLDEQNCTLEIESYGYTTDDIEFY
WRGGDKAVTGVERIELPQFSIVEHRLVSRNVVFATGAYPRLSLSFRLKRNIGYFILQTYMPSILITILSWVSFWINYDAS
AARVALGITTVLTMTTINTHLRETLPKIPYVKAIDMYLMGCFVFVFLALLEYAFVNYIFFSQPARAAAIDRWSRIVFPFT
FSLFNLVYWLYYV
;
B,E
3 'polypeptide(L)'
;GDVTVILNNLLEGYDNKLRPDIGVKPTLIHTDMYVNSIGPVNAINMEYTIDIFFAQTWYDRRLKFNSTIKVLRLNSNMVG
KIWIPDTFFRNSKKADAHWITTPNRMLRIWNDGRVLYTLRLTIDAECQLQLHNFPMDEHSCPLEFSSYGYPREEIVYQWK
RSSVEVGDTRSWRLYQFSFVGLRNTTEVVKTTSGDYVVMSVYFDLSRRMGYFTIQTYIPCTLIVVLSWVSFWINKDAVPA
RTSLGITTVLTMTTLSTIARKSLPKVSYVTAMDLFVSVCFIFVFSALVEYGTLHYFVSSQPARAAKMDSYARIFFPTAFC
LFNLVYWVSYLYLG
;
C
4 'polypeptide(L)'
;QVQLQESGGGLVQAGGSLRVSCAASGRTFTTYIMAWFRQAPGKEREFLAAMDQGRIQYYGDSVRGRFTISRDYAKNSVDL
QLDGLRPEDTAVYYCAAGAGFWGLRTASSYHYWGQGTQVTVSS
;
F
#
loop_
_chem_comp.id
_chem_comp.type
_chem_comp.name
_chem_comp.formula
ABU non-polymer 'GAMMA-AMINO-BUTANOIC ACID' 'C4 H9 N O2'
BMA D-saccharide, beta linking beta-D-mannopyranose 'C6 H12 O6'
MAN D-saccharide, alpha linking alpha-D-mannopyranose 'C6 H12 O6'
NAG D-saccharide, beta linking 2-acetamido-2-deoxy-beta-D-glucopyranose 'C8 H15 N O6'
#
# COMPACT_ATOMS: atom_id res chain seq x y z
N ASP A 1 49.67 -27.23 -7.64
CA ASP A 1 48.91 -27.71 -8.79
C ASP A 1 47.55 -28.24 -8.37
N ASN A 2 47.26 -28.19 -7.08
CA ASN A 2 45.97 -28.66 -6.58
C ASN A 2 44.83 -27.83 -7.13
N THR A 3 45.03 -26.52 -7.22
CA THR A 3 44.01 -25.64 -7.80
C THR A 3 43.80 -25.97 -9.28
N THR A 4 44.88 -26.23 -10.02
CA THR A 4 44.71 -26.57 -11.43
C THR A 4 44.03 -27.93 -11.57
N VAL A 5 44.32 -28.88 -10.68
CA VAL A 5 43.68 -30.18 -10.75
C VAL A 5 42.18 -30.01 -10.55
N PHE A 6 41.81 -29.22 -9.54
CA PHE A 6 40.40 -28.99 -9.26
C PHE A 6 39.74 -28.28 -10.43
N THR A 7 40.44 -27.33 -11.03
CA THR A 7 39.87 -26.61 -12.16
C THR A 7 39.63 -27.58 -13.30
N ARG A 8 40.56 -28.51 -13.51
CA ARG A 8 40.39 -29.47 -14.60
C ARG A 8 39.14 -30.30 -14.35
N ILE A 9 38.93 -30.73 -13.10
CA ILE A 9 37.76 -31.55 -12.81
C ILE A 9 36.48 -30.73 -13.04
N LEU A 10 36.53 -29.44 -12.70
CA LEU A 10 35.36 -28.59 -12.92
C LEU A 10 35.10 -28.41 -14.40
N ASP A 11 36.17 -28.29 -15.20
CA ASP A 11 36.03 -28.03 -16.62
C ASP A 11 35.78 -29.32 -17.37
N ARG A 12 35.76 -30.45 -16.65
CA ARG A 12 35.56 -31.75 -17.25
C ARG A 12 34.17 -32.27 -16.93
N LEU A 13 33.59 -31.83 -15.80
CA LEU A 13 32.31 -32.39 -15.38
C LEU A 13 31.24 -32.03 -16.39
N LEU A 14 31.25 -30.77 -16.84
CA LEU A 14 30.22 -30.20 -17.70
C LEU A 14 30.50 -30.43 -19.18
N ASP A 15 31.30 -31.43 -19.52
CA ASP A 15 31.61 -31.73 -20.92
C ASP A 15 30.58 -32.74 -21.40
N GLY A 16 29.80 -32.36 -22.41
CA GLY A 16 28.71 -33.20 -22.85
C GLY A 16 27.50 -33.16 -21.95
N TYR A 17 27.38 -32.13 -21.12
CA TYR A 17 26.29 -32.03 -20.15
C TYR A 17 25.25 -31.04 -20.67
N ASP A 18 24.00 -31.48 -20.73
CA ASP A 18 22.88 -30.65 -21.13
C ASP A 18 22.00 -30.37 -19.93
N ASN A 19 21.85 -29.10 -19.57
CA ASN A 19 21.06 -28.74 -18.40
C ASN A 19 19.58 -28.61 -18.71
N ARG A 20 19.18 -28.80 -19.95
CA ARG A 20 17.78 -28.77 -20.35
C ARG A 20 17.06 -30.09 -20.14
N LEU A 21 17.75 -31.11 -19.65
CA LEU A 21 17.18 -32.45 -19.45
C LEU A 21 17.37 -32.85 -18.00
N ARG A 22 16.30 -33.35 -17.39
CA ARG A 22 16.39 -33.82 -16.02
C ARG A 22 17.17 -35.12 -15.95
N PRO A 23 17.79 -35.42 -14.81
CA PRO A 23 18.49 -36.71 -14.66
C PRO A 23 17.54 -37.88 -14.84
N GLY A 24 18.03 -38.90 -15.54
CA GLY A 24 17.19 -40.07 -15.79
C GLY A 24 16.04 -39.86 -16.73
N LEU A 25 16.10 -38.85 -17.59
CA LEU A 25 15.02 -38.60 -18.52
C LEU A 25 14.82 -39.79 -19.45
N GLY A 26 13.59 -40.31 -19.49
CA GLY A 26 13.28 -41.48 -20.28
C GLY A 26 13.70 -42.80 -19.67
N GLU A 27 14.24 -42.81 -18.46
CA GLU A 27 14.69 -44.05 -17.85
C GLU A 27 14.09 -44.29 -16.47
N ARG A 28 13.93 -43.25 -15.66
CA ARG A 28 13.47 -43.41 -14.29
C ARG A 28 12.92 -42.07 -13.81
N VAL A 29 12.27 -42.09 -12.65
CA VAL A 29 11.71 -40.89 -12.06
C VAL A 29 12.76 -40.21 -11.19
N THR A 30 12.88 -38.90 -11.32
CA THR A 30 13.80 -38.12 -10.52
C THR A 30 13.18 -37.88 -9.15
N GLU A 31 13.80 -38.41 -8.10
CA GLU A 31 13.30 -38.24 -6.75
C GLU A 31 13.95 -37.02 -6.12
N VAL A 32 13.13 -36.11 -5.60
CA VAL A 32 13.59 -34.90 -4.93
C VAL A 32 13.17 -34.98 -3.47
N LYS A 33 14.15 -34.88 -2.58
CA LYS A 33 13.91 -34.86 -1.15
C LYS A 33 13.94 -33.41 -0.69
N THR A 34 12.93 -33.01 0.08
CA THR A 34 12.78 -31.60 0.43
C THR A 34 12.60 -31.43 1.93
N ASP A 35 13.20 -30.38 2.47
CA ASP A 35 12.96 -29.96 3.84
C ASP A 35 13.00 -28.44 3.94
N ILE A 36 12.32 -27.92 4.96
CA ILE A 36 12.13 -26.48 5.12
C ILE A 36 12.53 -26.09 6.54
N PHE A 37 13.30 -25.02 6.65
CA PHE A 37 13.60 -24.37 7.92
C PHE A 37 12.97 -22.99 7.91
N VAL A 38 12.15 -22.69 8.90
CA VAL A 38 11.45 -21.41 8.97
C VAL A 38 12.25 -20.52 9.90
N THR A 39 12.76 -19.41 9.38
CA THR A 39 13.53 -18.48 10.19
C THR A 39 12.67 -17.45 10.86
N SER A 40 11.54 -17.08 10.24
CA SER A 40 10.63 -16.12 10.85
C SER A 40 9.26 -16.32 10.22
N PHE A 41 8.25 -16.55 11.04
CA PHE A 41 6.87 -16.61 10.57
C PHE A 41 6.29 -15.20 10.67
N GLY A 42 6.26 -14.48 9.56
CA GLY A 42 6.03 -13.06 9.59
C GLY A 42 4.59 -12.70 9.89
N PRO A 43 4.23 -11.45 9.64
CA PRO A 43 2.89 -10.97 10.00
C PRO A 43 1.81 -11.65 9.18
N VAL A 44 0.64 -11.81 9.79
CA VAL A 44 -0.54 -12.34 9.13
C VAL A 44 -1.53 -11.20 8.95
N SER A 45 -1.99 -11.01 7.71
CA SER A 45 -2.92 -9.94 7.38
C SER A 45 -4.32 -10.54 7.19
N ASP A 46 -5.23 -10.20 8.10
CA ASP A 46 -6.61 -10.69 7.99
C ASP A 46 -7.38 -9.95 6.90
N HIS A 47 -7.02 -8.71 6.62
CA HIS A 47 -7.70 -7.95 5.57
C HIS A 47 -7.48 -8.57 4.20
N ASP A 48 -6.23 -8.86 3.88
CA ASP A 48 -5.90 -9.43 2.57
C ASP A 48 -5.94 -10.95 2.56
N MET A 49 -6.11 -11.59 3.72
CA MET A 49 -6.13 -13.04 3.85
C MET A 49 -4.85 -13.64 3.26
N GLU A 50 -3.73 -13.20 3.83
CA GLU A 50 -2.42 -13.62 3.35
C GLU A 50 -1.46 -13.57 4.52
N TYR A 51 -0.31 -14.25 4.36
CA TYR A 51 0.69 -14.23 5.40
C TYR A 51 2.07 -14.30 4.75
N THR A 52 3.08 -13.92 5.53
CA THR A 52 4.45 -13.88 5.07
C THR A 52 5.29 -14.87 5.88
N ILE A 53 6.24 -15.52 5.21
CA ILE A 53 7.10 -16.50 5.86
C ILE A 53 8.48 -16.42 5.22
N ASP A 54 9.51 -16.52 6.04
CA ASP A 54 10.89 -16.53 5.56
C ASP A 54 11.47 -17.91 5.82
N VAL A 55 11.99 -18.54 4.77
CA VAL A 55 12.41 -19.93 4.89
C VAL A 55 13.77 -20.16 4.22
N PHE A 56 14.42 -21.21 4.68
CA PHE A 56 15.51 -21.87 3.99
C PHE A 56 14.93 -23.14 3.37
N PHE A 57 15.04 -23.24 2.05
CA PHE A 57 14.46 -24.32 1.28
C PHE A 57 15.61 -25.23 0.86
N ARG A 58 15.56 -26.49 1.29
CA ARG A 58 16.61 -27.45 1.00
C ARG A 58 16.04 -28.58 0.15
N GLN A 59 16.73 -28.86 -0.97
CA GLN A 59 16.34 -29.88 -1.93
C GLN A 59 17.54 -30.78 -2.19
N SER A 60 17.27 -32.04 -2.47
CA SER A 60 18.34 -33.01 -2.63
C SER A 60 17.94 -34.02 -3.69
N TRP A 61 18.84 -34.28 -4.64
CA TRP A 61 18.54 -35.26 -5.68
C TRP A 61 19.83 -35.87 -6.20
N LYS A 62 19.69 -36.87 -7.05
CA LYS A 62 20.83 -37.62 -7.57
C LYS A 62 20.97 -37.37 -9.06
N ASP A 63 22.21 -37.12 -9.49
CA ASP A 63 22.53 -36.90 -10.90
C ASP A 63 23.78 -37.69 -11.23
N GLU A 64 23.63 -38.81 -11.93
CA GLU A 64 24.77 -39.67 -12.22
C GLU A 64 25.79 -38.97 -13.12
N ARG A 65 25.36 -37.96 -13.87
CA ARG A 65 26.25 -37.24 -14.77
C ARG A 65 27.31 -36.43 -14.03
N LEU A 66 27.17 -36.26 -12.71
CA LEU A 66 28.05 -35.41 -11.93
C LEU A 66 28.89 -36.20 -10.92
N LYS A 67 29.33 -37.40 -11.30
CA LYS A 67 30.24 -38.13 -10.44
C LYS A 67 31.66 -37.63 -10.68
N PHE A 68 32.50 -37.75 -9.65
CA PHE A 68 33.88 -37.31 -9.78
C PHE A 68 34.76 -38.07 -8.79
N LYS A 69 36.06 -38.01 -9.05
CA LYS A 69 37.07 -38.57 -8.16
C LYS A 69 38.08 -37.49 -7.85
N GLY A 70 38.39 -37.31 -6.57
CA GLY A 70 39.32 -36.29 -6.16
C GLY A 70 39.69 -36.39 -4.69
N PRO A 71 40.61 -35.52 -4.24
CA PRO A 71 40.99 -35.53 -2.82
C PRO A 71 39.86 -35.28 -1.85
N MET A 72 38.89 -34.43 -2.21
CA MET A 72 37.76 -34.16 -1.35
C MET A 72 36.56 -35.01 -1.73
N THR A 73 35.57 -35.03 -0.84
CA THR A 73 34.36 -35.82 -1.07
C THR A 73 33.11 -34.96 -1.08
N VAL A 74 33.24 -33.66 -0.81
CA VAL A 74 32.14 -32.72 -0.80
C VAL A 74 32.65 -31.46 -1.50
N LEU A 75 31.82 -30.88 -2.36
CA LEU A 75 32.20 -29.65 -3.05
C LEU A 75 31.14 -28.60 -2.82
N ARG A 76 31.57 -27.43 -2.35
CA ARG A 76 30.71 -26.25 -2.29
C ARG A 76 30.90 -25.47 -3.59
N LEU A 77 29.79 -24.99 -4.17
CA LEU A 77 29.81 -24.38 -5.48
C LEU A 77 29.37 -22.93 -5.41
N ASN A 78 30.09 -22.09 -6.14
CA ASN A 78 29.68 -20.72 -6.38
C ASN A 78 28.37 -20.69 -7.17
N ASN A 79 27.57 -19.65 -6.90
CA ASN A 79 26.22 -19.52 -7.45
C ASN A 79 26.22 -19.37 -8.96
N LEU A 80 27.35 -18.94 -9.54
CA LEU A 80 27.51 -18.95 -10.99
C LEU A 80 27.54 -20.38 -11.52
N MET A 81 28.18 -21.29 -10.79
CA MET A 81 28.20 -22.69 -11.21
C MET A 81 26.87 -23.39 -10.95
N ALA A 82 26.16 -23.01 -9.89
CA ALA A 82 24.88 -23.64 -9.61
C ALA A 82 23.82 -23.36 -10.68
N SER A 83 24.01 -22.35 -11.53
CA SER A 83 23.08 -22.11 -12.62
C SER A 83 23.43 -22.83 -13.92
N LYS A 84 24.48 -23.65 -13.95
CA LYS A 84 24.84 -24.36 -15.16
C LYS A 84 24.31 -25.79 -15.20
N ILE A 85 23.85 -26.31 -14.08
CA ILE A 85 23.36 -27.67 -13.98
C ILE A 85 21.84 -27.65 -13.86
N TRP A 86 21.23 -28.81 -14.06
CA TRP A 86 19.78 -28.92 -13.98
C TRP A 86 19.36 -28.89 -12.52
N THR A 87 18.38 -28.06 -12.20
CA THR A 87 17.77 -28.00 -10.89
C THR A 87 16.26 -28.10 -11.01
N PRO A 88 15.58 -28.57 -9.96
CA PRO A 88 14.13 -28.66 -10.02
C PRO A 88 13.46 -27.29 -10.13
N ASP A 89 12.34 -27.26 -10.84
CA ASP A 89 11.55 -26.04 -11.01
C ASP A 89 10.40 -26.00 -10.01
N THR A 90 10.76 -25.96 -8.73
CA THR A 90 9.76 -25.96 -7.67
C THR A 90 9.11 -24.59 -7.55
N PHE A 91 7.79 -24.59 -7.37
CA PHE A 91 7.04 -23.36 -7.16
C PHE A 91 5.94 -23.61 -6.15
N PHE A 92 5.46 -22.52 -5.56
CA PHE A 92 4.41 -22.57 -4.54
C PHE A 92 3.05 -22.32 -5.18
N HIS A 93 2.13 -23.27 -5.01
CA HIS A 93 0.84 -23.21 -5.69
C HIS A 93 0.02 -22.00 -5.23
N ASN A 94 0.02 -21.73 -3.93
CA ASN A 94 -0.77 -20.64 -3.36
C ASN A 94 0.05 -19.39 -3.07
N GLY A 95 1.25 -19.28 -3.65
CA GLY A 95 2.04 -18.08 -3.46
C GLY A 95 1.49 -16.90 -4.24
N LYS A 96 1.66 -15.71 -3.66
CA LYS A 96 1.17 -14.48 -4.26
C LYS A 96 2.27 -13.66 -4.90
N LYS A 97 3.33 -13.37 -4.15
CA LYS A 97 4.52 -12.74 -4.73
C LYS A 97 5.69 -13.02 -3.80
N SER A 98 6.62 -13.84 -4.26
CA SER A 98 7.72 -14.27 -3.43
C SER A 98 9.01 -13.61 -3.91
N VAL A 99 9.99 -13.57 -3.02
CA VAL A 99 11.25 -12.89 -3.27
C VAL A 99 12.38 -13.87 -3.01
N ALA A 100 13.29 -14.01 -3.95
CA ALA A 100 14.54 -14.71 -3.70
C ALA A 100 15.61 -13.67 -3.46
N HIS A 101 16.23 -13.71 -2.28
CA HIS A 101 17.16 -12.66 -1.89
C HIS A 101 18.51 -12.88 -2.57
N ASN A 102 19.09 -11.79 -3.07
CA ASN A 102 20.43 -11.85 -3.65
C ASN A 102 21.27 -10.68 -3.16
N MET A 103 21.19 -10.38 -1.87
CA MET A 103 22.00 -9.35 -1.22
C MET A 103 22.87 -10.02 -0.17
N THR A 104 24.18 -9.83 -0.25
CA THR A 104 24.81 -9.02 -1.30
C THR A 104 25.09 -9.85 -2.54
N MET A 105 24.85 -11.15 -2.44
CA MET A 105 25.01 -12.10 -3.52
C MET A 105 23.83 -13.06 -3.46
N PRO A 106 23.58 -13.80 -4.55
CA PRO A 106 22.46 -14.74 -4.54
C PRO A 106 22.55 -15.73 -3.38
N ASN A 107 21.46 -15.85 -2.63
CA ASN A 107 21.41 -16.68 -1.43
C ASN A 107 21.09 -18.12 -1.80
N LYS A 108 21.96 -18.68 -2.62
CA LYS A 108 21.86 -20.04 -3.11
C LYS A 108 23.13 -20.80 -2.75
N LEU A 109 22.99 -22.11 -2.55
CA LEU A 109 24.11 -22.97 -2.24
C LEU A 109 23.93 -24.35 -2.86
N LEU A 110 24.99 -24.84 -3.50
CA LEU A 110 24.95 -26.11 -4.18
C LEU A 110 26.18 -26.94 -3.82
N ARG A 111 25.93 -28.10 -3.21
CA ARG A 111 26.98 -29.00 -2.78
C ARG A 111 26.86 -30.28 -3.57
N ILE A 112 28.00 -30.80 -4.01
CA ILE A 112 28.06 -32.04 -4.78
C ILE A 112 28.90 -33.05 -4.02
N THR A 113 28.36 -34.25 -3.83
CA THR A 113 29.12 -35.33 -3.23
C THR A 113 29.73 -36.22 -4.31
N GLU A 114 30.61 -37.13 -3.88
CA GLU A 114 31.34 -37.95 -4.83
C GLU A 114 30.43 -38.95 -5.53
N ASP A 115 29.41 -39.47 -4.83
CA ASP A 115 28.51 -40.43 -5.45
C ASP A 115 27.54 -39.80 -6.44
N GLY A 116 27.48 -38.47 -6.51
CA GLY A 116 26.62 -37.80 -7.45
C GLY A 116 25.44 -37.10 -6.84
N THR A 117 25.37 -36.97 -5.53
CA THR A 117 24.23 -36.35 -4.87
C THR A 117 24.41 -34.84 -4.82
N LEU A 118 23.32 -34.12 -5.07
CA LEU A 118 23.30 -32.67 -5.11
C LEU A 118 22.38 -32.15 -4.02
N LEU A 119 22.90 -31.21 -3.23
CA LEU A 119 22.15 -30.50 -2.21
C LEU A 119 22.06 -29.04 -2.63
N TYR A 120 20.83 -28.52 -2.68
CA TYR A 120 20.54 -27.21 -3.24
C TYR A 120 19.68 -26.46 -2.22
N THR A 121 20.22 -25.39 -1.66
CA THR A 121 19.55 -24.62 -0.64
C THR A 121 19.38 -23.18 -1.11
N MET A 122 18.29 -22.56 -0.68
CA MET A 122 18.03 -21.18 -1.05
C MET A 122 17.23 -20.52 0.05
N ARG A 123 17.27 -19.19 0.08
CA ARG A 123 16.54 -18.40 1.05
C ARG A 123 15.43 -17.63 0.36
N LEU A 124 14.21 -17.75 0.87
CA LEU A 124 13.06 -17.20 0.19
C LEU A 124 12.16 -16.52 1.20
N THR A 125 11.42 -15.52 0.73
CA THR A 125 10.32 -14.95 1.47
C THR A 125 9.06 -15.17 0.63
N VAL A 126 8.07 -15.79 1.24
CA VAL A 126 6.87 -16.24 0.53
C VAL A 126 5.68 -15.54 1.15
N ARG A 127 4.86 -14.90 0.31
CA ARG A 127 3.58 -14.35 0.71
C ARG A 127 2.51 -15.25 0.14
N ALA A 128 1.75 -15.92 1.00
CA ALA A 128 0.81 -16.94 0.58
C ALA A 128 -0.59 -16.57 1.03
N GLU A 129 -1.57 -17.33 0.50
CA GLU A 129 -2.98 -17.09 0.77
C GLU A 129 -3.45 -17.99 1.89
N CYS A 130 -4.16 -17.42 2.84
CA CYS A 130 -4.78 -18.15 3.95
C CYS A 130 -6.23 -17.69 4.05
N PRO A 131 -7.13 -18.30 3.28
CA PRO A 131 -8.55 -17.97 3.41
C PRO A 131 -9.04 -18.26 4.82
N MET A 132 -9.86 -17.36 5.35
CA MET A 132 -10.27 -17.40 6.74
C MET A 132 -11.78 -17.37 6.87
N HIS A 133 -12.29 -18.12 7.84
CA HIS A 133 -13.67 -18.05 8.27
C HIS A 133 -13.72 -17.19 9.53
N LEU A 134 -14.39 -16.05 9.45
CA LEU A 134 -14.38 -15.07 10.52
C LEU A 134 -15.71 -15.01 11.28
N GLU A 135 -16.46 -16.11 11.28
CA GLU A 135 -17.73 -16.12 12.00
C GLU A 135 -17.52 -16.08 13.50
N ASP A 136 -16.38 -16.55 13.99
CA ASP A 136 -16.08 -16.60 15.42
C ASP A 136 -15.17 -15.46 15.86
N PHE A 137 -14.98 -14.46 15.03
CA PHE A 137 -14.09 -13.36 15.36
C PHE A 137 -14.58 -12.65 16.61
N PRO A 138 -13.68 -12.32 17.56
CA PRO A 138 -12.23 -12.49 17.54
C PRO A 138 -11.76 -13.75 18.27
N MET A 139 -12.56 -14.82 18.28
CA MET A 139 -12.22 -16.07 18.94
C MET A 139 -12.07 -17.19 17.92
N ASP A 140 -11.39 -16.90 16.83
CA ASP A 140 -11.28 -17.82 15.70
C ASP A 140 -9.89 -18.41 15.62
N ALA A 141 -9.82 -19.56 14.95
CA ALA A 141 -8.57 -20.25 14.70
C ALA A 141 -8.53 -20.67 13.24
N HIS A 142 -7.35 -20.64 12.66
CA HIS A 142 -7.18 -20.84 11.23
C HIS A 142 -6.05 -21.82 10.96
N ALA A 143 -6.12 -22.46 9.80
CA ALA A 143 -5.04 -23.32 9.32
C ALA A 143 -4.57 -22.70 8.01
N CYS A 144 -3.37 -22.11 8.04
CA CYS A 144 -2.81 -21.46 6.87
C CYS A 144 -1.92 -22.44 6.13
N PRO A 145 -2.19 -22.76 4.87
CA PRO A 145 -1.41 -23.78 4.18
C PRO A 145 -0.22 -23.19 3.43
N LEU A 146 0.66 -24.09 3.03
CA LEU A 146 1.79 -23.78 2.15
C LEU A 146 1.99 -25.01 1.29
N LYS A 147 1.75 -24.87 -0.01
CA LYS A 147 1.79 -25.99 -0.94
C LYS A 147 2.85 -25.72 -1.99
N PHE A 148 3.60 -26.75 -2.36
CA PHE A 148 4.58 -26.57 -3.42
C PHE A 148 4.75 -27.83 -4.23
N GLY A 149 5.28 -27.66 -5.44
CA GLY A 149 5.50 -28.79 -6.32
C GLY A 149 6.18 -28.34 -7.59
N SER A 150 6.19 -29.24 -8.58
CA SER A 150 6.84 -28.94 -9.85
C SER A 150 5.85 -28.29 -10.81
N TYR A 151 6.30 -27.22 -11.48
CA TYR A 151 5.44 -26.51 -12.40
C TYR A 151 5.30 -27.21 -13.75
N ALA A 152 6.34 -27.90 -14.20
CA ALA A 152 6.37 -28.44 -15.56
C ALA A 152 6.43 -29.96 -15.63
N TYR A 153 6.93 -30.63 -14.60
CA TYR A 153 7.15 -32.07 -14.64
C TYR A 153 5.99 -32.77 -13.95
N THR A 154 5.37 -33.72 -14.64
CA THR A 154 4.28 -34.50 -14.11
C THR A 154 4.81 -35.57 -13.16
N ARG A 155 3.87 -36.24 -12.49
CA ARG A 155 4.23 -37.23 -11.47
C ARG A 155 4.86 -38.48 -12.08
N ALA A 156 4.78 -38.63 -13.40
CA ALA A 156 5.52 -39.69 -14.07
C ALA A 156 6.98 -39.34 -14.30
N GLU A 157 7.39 -38.11 -13.99
CA GLU A 157 8.77 -37.67 -14.20
C GLU A 157 9.48 -37.22 -12.94
N VAL A 158 8.81 -36.48 -12.07
CA VAL A 158 9.43 -35.95 -10.86
C VAL A 158 8.47 -36.15 -9.69
N VAL A 159 8.98 -36.69 -8.59
CA VAL A 159 8.23 -36.84 -7.36
C VAL A 159 9.02 -36.23 -6.21
N TYR A 160 8.30 -35.73 -5.22
CA TYR A 160 8.90 -35.09 -4.05
C TYR A 160 8.67 -35.94 -2.81
N GLU A 161 9.64 -35.89 -1.90
CA GLU A 161 9.55 -36.58 -0.62
C GLU A 161 10.18 -35.72 0.45
N TRP A 162 9.80 -35.97 1.70
CA TRP A 162 10.44 -35.32 2.83
C TRP A 162 11.70 -36.06 3.23
N THR A 163 12.71 -35.31 3.65
CA THR A 163 14.00 -35.92 3.99
C THR A 163 13.88 -36.86 5.18
N ARG A 164 13.06 -36.49 6.17
CA ARG A 164 12.86 -37.30 7.35
C ARG A 164 11.37 -37.56 7.54
N GLU A 165 10.98 -38.05 8.70
CA GLU A 165 9.56 -38.12 9.03
C GLU A 165 8.92 -36.76 8.77
N PRO A 166 7.70 -36.71 8.21
CA PRO A 166 7.12 -35.42 7.85
C PRO A 166 6.99 -34.45 9.01
N ALA A 167 6.78 -34.93 10.23
CA ALA A 167 6.72 -34.01 11.37
C ALA A 167 8.04 -33.29 11.58
N ARG A 168 9.15 -34.01 11.42
CA ARG A 168 10.48 -33.48 11.69
C ARG A 168 11.17 -32.93 10.44
N SER A 169 10.47 -32.86 9.31
CA SER A 169 11.04 -32.36 8.08
C SER A 169 10.84 -30.87 7.89
N VAL A 170 9.96 -30.26 8.68
CA VAL A 170 9.77 -28.81 8.68
C VAL A 170 10.07 -28.34 10.09
N VAL A 171 11.08 -27.48 10.23
CA VAL A 171 11.56 -27.06 11.55
C VAL A 171 11.45 -25.55 11.64
N VAL A 172 10.88 -25.05 12.73
CA VAL A 172 10.73 -23.62 12.97
C VAL A 172 11.71 -23.19 14.05
N ALA A 173 12.37 -22.06 13.84
CA ALA A 173 13.32 -21.55 14.80
C ALA A 173 12.61 -21.14 16.09
N GLU A 174 13.39 -21.11 17.18
CA GLU A 174 12.82 -20.75 18.48
C GLU A 174 12.27 -19.33 18.50
N ASP A 175 13.02 -18.38 17.92
CA ASP A 175 12.55 -17.00 17.81
C ASP A 175 11.87 -16.71 16.48
N GLY A 176 11.31 -17.73 15.83
CA GLY A 176 10.74 -17.53 14.51
C GLY A 176 9.50 -16.67 14.54
N SER A 177 8.67 -16.83 15.57
CA SER A 177 7.39 -16.15 15.63
C SER A 177 7.53 -14.64 15.70
N ARG A 178 6.95 -13.95 14.73
CA ARG A 178 6.93 -12.51 14.61
C ARG A 178 5.49 -12.05 14.48
N LEU A 179 4.64 -12.59 15.34
CA LEU A 179 3.20 -12.40 15.28
C LEU A 179 2.76 -11.60 16.50
N ASN A 180 2.01 -10.53 16.26
CA ASN A 180 1.53 -9.67 17.34
C ASN A 180 0.08 -9.92 17.71
N GLN A 181 -0.68 -10.61 16.87
CA GLN A 181 -2.08 -10.88 17.16
C GLN A 181 -2.46 -12.36 17.08
N TYR A 182 -1.51 -13.25 16.79
CA TYR A 182 -1.79 -14.68 16.71
C TYR A 182 -0.81 -15.44 17.57
N ASP A 183 -1.18 -16.68 17.87
CA ASP A 183 -0.34 -17.61 18.62
C ASP A 183 -0.14 -18.87 17.79
N LEU A 184 1.09 -19.13 17.39
CA LEU A 184 1.39 -20.30 16.56
C LEU A 184 1.42 -21.54 17.43
N LEU A 185 0.48 -22.46 17.19
CA LEU A 185 0.35 -23.66 18.01
C LEU A 185 1.21 -24.80 17.48
N GLY A 186 1.23 -24.99 16.17
CA GLY A 186 2.01 -26.07 15.60
C GLY A 186 1.77 -26.17 14.11
N GLN A 187 2.33 -27.21 13.52
CA GLN A 187 2.20 -27.45 12.09
C GLN A 187 2.00 -28.93 11.84
N THR A 188 1.30 -29.22 10.74
CA THR A 188 1.12 -30.58 10.27
C THR A 188 1.62 -30.67 8.83
N VAL A 189 2.26 -31.78 8.49
CA VAL A 189 2.93 -31.92 7.20
C VAL A 189 2.32 -33.09 6.44
N ASP A 190 1.97 -32.88 5.18
CA ASP A 190 1.28 -33.90 4.41
C ASP A 190 1.78 -33.86 2.97
N SER A 191 1.13 -34.64 2.11
CA SER A 191 1.53 -34.74 0.72
C SER A 191 0.39 -35.36 -0.09
N GLY A 192 0.05 -34.74 -1.21
CA GLY A 192 -1.05 -35.19 -2.02
C GLY A 192 -0.79 -35.17 -3.51
N ILE A 193 -1.85 -35.18 -4.28
CA ILE A 193 -1.79 -35.20 -5.74
C ILE A 193 -2.83 -34.23 -6.27
N VAL A 194 -2.47 -33.46 -7.29
CA VAL A 194 -3.40 -32.57 -7.95
C VAL A 194 -3.43 -32.91 -9.43
N GLN A 195 -4.54 -32.60 -10.09
CA GLN A 195 -4.70 -32.84 -11.51
C GLN A 195 -5.17 -31.56 -12.18
N SER A 196 -4.48 -31.18 -13.24
CA SER A 196 -4.77 -29.97 -13.98
C SER A 196 -5.07 -30.32 -15.44
N SER A 197 -5.19 -29.29 -16.27
CA SER A 197 -5.40 -29.50 -17.69
C SER A 197 -4.15 -30.00 -18.40
N THR A 198 -2.99 -29.98 -17.73
CA THR A 198 -1.75 -30.44 -18.33
C THR A 198 -1.25 -31.79 -17.81
N GLY A 199 -1.79 -32.27 -16.70
CA GLY A 199 -1.38 -33.57 -16.20
C GLY A 199 -1.64 -33.68 -14.70
N GLU A 200 -1.00 -34.67 -14.10
CA GLU A 200 -1.06 -34.90 -12.66
C GLU A 200 0.27 -34.59 -12.01
N TYR A 201 0.23 -33.92 -10.86
CA TYR A 201 1.43 -33.46 -10.19
C TYR A 201 1.38 -33.84 -8.72
N VAL A 202 2.57 -33.96 -8.13
CA VAL A 202 2.74 -34.23 -6.71
C VAL A 202 2.81 -32.91 -5.97
N VAL A 203 2.07 -32.78 -4.87
CA VAL A 203 2.03 -31.56 -4.08
C VAL A 203 2.48 -31.89 -2.67
N MET A 204 3.40 -31.10 -2.13
CA MET A 204 3.83 -31.23 -0.75
C MET A 204 3.20 -30.09 0.03
N THR A 205 2.61 -30.41 1.19
CA THR A 205 1.79 -29.44 1.89
C THR A 205 2.21 -29.34 3.34
N THR A 206 2.11 -28.14 3.89
CA THR A 206 2.30 -27.89 5.31
C THR A 206 1.21 -26.95 5.79
N HIS A 207 0.65 -27.22 6.95
CA HIS A 207 -0.40 -26.39 7.50
C HIS A 207 0.07 -25.85 8.84
N PHE A 208 -0.02 -24.54 9.01
CA PHE A 208 0.34 -23.88 10.25
C PHE A 208 -0.94 -23.48 10.96
N HIS A 209 -1.09 -23.89 12.21
CA HIS A 209 -2.33 -23.70 12.94
C HIS A 209 -2.19 -22.50 13.87
N LEU A 210 -3.03 -21.50 13.66
CA LEU A 210 -2.96 -20.23 14.35
C LEU A 210 -4.23 -20.02 15.15
N LYS A 211 -4.08 -19.38 16.31
CA LYS A 211 -5.21 -19.01 17.16
C LYS A 211 -5.05 -17.55 17.54
N ARG A 212 -6.12 -16.78 17.39
CA ARG A 212 -6.04 -15.35 17.61
C ARG A 212 -6.05 -15.00 19.10
N LYS A 213 -5.24 -14.01 19.44
CA LYS A 213 -5.19 -13.48 20.80
C LYS A 213 -6.32 -12.48 20.98
N ILE A 214 -7.01 -12.56 22.11
CA ILE A 214 -8.24 -11.81 22.32
C ILE A 214 -8.09 -10.72 23.35
N GLY A 215 -6.93 -10.61 24.01
CA GLY A 215 -6.78 -9.60 25.05
C GLY A 215 -6.93 -8.19 24.54
N TYR A 216 -6.50 -7.94 23.30
CA TYR A 216 -6.62 -6.58 22.78
C TYR A 216 -8.08 -6.18 22.64
N PHE A 217 -8.92 -7.10 22.15
CA PHE A 217 -10.32 -6.74 21.96
C PHE A 217 -11.04 -6.68 23.29
N VAL A 218 -10.58 -7.46 24.26
CA VAL A 218 -11.17 -7.43 25.60
C VAL A 218 -10.92 -6.07 26.24
N ILE A 219 -9.69 -5.58 26.14
CA ILE A 219 -9.35 -4.32 26.79
C ILE A 219 -9.76 -3.10 25.97
N GLN A 220 -9.96 -3.27 24.66
CA GLN A 220 -10.26 -2.14 23.80
C GLN A 220 -11.74 -1.98 23.47
N THR A 221 -12.48 -3.09 23.33
CA THR A 221 -13.87 -3.06 22.92
C THR A 221 -14.82 -3.60 23.97
N TYR A 222 -14.56 -4.80 24.50
CA TYR A 222 -15.55 -5.47 25.35
C TYR A 222 -15.70 -4.75 26.68
N LEU A 223 -14.59 -4.41 27.31
CA LEU A 223 -14.67 -3.73 28.61
C LEU A 223 -15.33 -2.35 28.52
N PRO A 224 -14.99 -1.48 27.56
CA PRO A 224 -15.74 -0.21 27.46
C PRO A 224 -17.22 -0.41 27.22
N CYS A 225 -17.61 -1.43 26.44
CA CYS A 225 -19.03 -1.65 26.19
C CYS A 225 -19.73 -2.15 27.44
N ILE A 226 -19.07 -3.01 28.21
CA ILE A 226 -19.67 -3.53 29.43
C ILE A 226 -19.82 -2.40 30.44
N MET A 227 -18.81 -1.53 30.53
CA MET A 227 -18.90 -0.41 31.47
C MET A 227 -19.98 0.56 31.03
N THR A 228 -20.15 0.77 29.72
CA THR A 228 -21.19 1.67 29.26
C THR A 228 -22.56 1.11 29.58
N VAL A 229 -22.75 -0.20 29.41
CA VAL A 229 -24.03 -0.81 29.77
C VAL A 229 -24.29 -0.70 31.27
N ILE A 230 -23.26 -0.95 32.08
CA ILE A 230 -23.44 -0.82 33.52
C ILE A 230 -23.79 0.62 33.88
N LEU A 231 -23.18 1.58 33.19
CA LEU A 231 -23.50 2.97 33.46
C LEU A 231 -24.94 3.26 33.10
N SER A 232 -25.41 2.71 31.97
CA SER A 232 -26.78 2.98 31.57
C SER A 232 -27.77 2.36 32.56
N GLN A 233 -27.40 1.24 33.18
CA GLN A 233 -28.28 0.66 34.17
C GLN A 233 -28.15 1.33 35.54
N VAL A 234 -27.10 2.13 35.74
CA VAL A 234 -26.99 2.94 36.95
C VAL A 234 -28.10 3.99 37.02
N SER A 235 -28.58 4.44 35.85
CA SER A 235 -29.63 5.45 35.80
C SER A 235 -30.89 5.03 36.55
N PHE A 236 -31.13 3.72 36.70
CA PHE A 236 -32.31 3.25 37.39
C PHE A 236 -32.33 3.64 38.86
N TRP A 237 -31.18 3.97 39.44
CA TRP A 237 -31.07 4.31 40.85
C TRP A 237 -31.16 5.80 41.13
N LEU A 238 -31.22 6.63 40.09
CA LEU A 238 -31.50 8.05 40.27
C LEU A 238 -32.98 8.26 40.52
N ASN A 239 -33.29 9.30 41.29
CA ASN A 239 -34.68 9.59 41.64
C ASN A 239 -35.47 9.99 40.41
N ARG A 240 -36.77 9.67 40.44
CA ARG A 240 -37.63 9.87 39.28
C ARG A 240 -37.77 11.35 38.91
N GLU A 241 -37.79 12.24 39.89
CA GLU A 241 -38.05 13.64 39.60
C GLU A 241 -36.95 14.30 38.79
N SER A 242 -35.73 13.76 38.81
CA SER A 242 -34.63 14.31 38.02
C SER A 242 -34.78 13.86 36.56
N VAL A 243 -35.80 14.38 35.90
CA VAL A 243 -36.09 13.99 34.52
C VAL A 243 -34.96 14.42 33.58
N PRO A 244 -34.51 15.69 33.58
CA PRO A 244 -33.41 16.05 32.69
C PRO A 244 -32.12 15.31 32.99
N ALA A 245 -31.85 15.01 34.26
CA ALA A 245 -30.62 14.30 34.61
C ALA A 245 -30.63 12.89 34.03
N ARG A 246 -31.75 12.19 34.18
CA ARG A 246 -31.81 10.81 33.71
C ARG A 246 -31.94 10.76 32.19
N THR A 247 -32.52 11.81 31.59
CA THR A 247 -32.60 11.85 30.14
C THR A 247 -31.22 12.09 29.52
N VAL A 248 -30.46 13.03 30.08
CA VAL A 248 -29.10 13.24 29.61
C VAL A 248 -28.26 11.99 29.85
N PHE A 249 -28.47 11.34 31.00
CA PHE A 249 -27.72 10.12 31.32
C PHE A 249 -27.98 9.05 30.27
N GLY A 250 -29.25 8.78 29.97
CA GLY A 250 -29.57 7.71 29.05
C GLY A 250 -29.12 8.04 27.64
N VAL A 251 -29.31 9.29 27.22
CA VAL A 251 -29.02 9.60 25.83
C VAL A 251 -27.52 9.69 25.63
N THR A 252 -26.76 9.97 26.69
CA THR A 252 -25.32 10.01 26.52
C THR A 252 -24.73 8.62 26.61
N THR A 253 -25.37 7.71 27.36
CA THR A 253 -24.89 6.33 27.30
C THR A 253 -25.23 5.71 25.97
N VAL A 254 -26.32 6.17 25.33
CA VAL A 254 -26.64 5.70 23.99
C VAL A 254 -25.61 6.22 22.99
N LEU A 255 -25.22 7.49 23.13
CA LEU A 255 -24.19 8.03 22.25
C LEU A 255 -22.85 7.37 22.49
N THR A 256 -22.55 7.00 23.74
CA THR A 256 -21.31 6.30 24.03
C THR A 256 -21.32 4.92 23.40
N MET A 257 -22.44 4.21 23.46
CA MET A 257 -22.52 2.91 22.79
C MET A 257 -22.37 3.06 21.29
N THR A 258 -22.97 4.10 20.70
CA THR A 258 -22.83 4.29 19.26
C THR A 258 -21.38 4.57 18.88
N THR A 259 -20.71 5.41 19.66
CA THR A 259 -19.29 5.73 19.41
C THR A 259 -18.42 4.49 19.54
N LEU A 260 -18.65 3.68 20.58
CA LEU A 260 -17.86 2.47 20.75
C LEU A 260 -18.13 1.50 19.61
N SER A 261 -19.39 1.36 19.19
CA SER A 261 -19.70 0.43 18.13
C SER A 261 -19.01 0.84 16.83
N ILE A 262 -19.03 2.13 16.52
CA ILE A 262 -18.41 2.57 15.27
C ILE A 262 -16.89 2.41 15.35
N SER A 263 -16.31 2.67 16.54
CA SER A 263 -14.88 2.51 16.66
C SER A 263 -14.50 1.05 16.50
N ALA A 264 -15.30 0.15 17.07
CA ALA A 264 -14.92 -1.25 16.97
C ALA A 264 -15.07 -1.72 15.54
N ARG A 265 -16.14 -1.27 14.87
CA ARG A 265 -16.41 -1.73 13.52
C ARG A 265 -15.36 -1.22 12.55
N ASN A 266 -14.64 -0.16 12.91
CA ASN A 266 -13.61 0.36 12.02
C ASN A 266 -12.48 -0.64 11.85
N SER A 267 -12.11 -1.32 12.93
CA SER A 267 -11.04 -2.32 12.90
C SER A 267 -11.40 -3.53 12.03
N LEU A 268 -12.65 -3.96 12.08
CA LEU A 268 -13.05 -5.19 11.39
C LEU A 268 -12.92 -5.04 9.87
N PRO A 269 -12.47 -6.08 9.18
CA PRO A 269 -12.49 -6.09 7.71
C PRO A 269 -13.90 -6.22 7.18
N LYS A 270 -14.03 -5.96 5.87
CA LYS A 270 -15.31 -5.99 5.18
C LYS A 270 -15.71 -7.42 4.86
N VAL A 271 -16.43 -8.05 5.79
CA VAL A 271 -16.92 -9.41 5.61
C VAL A 271 -18.43 -9.36 5.48
N ALA A 272 -18.99 -10.34 4.77
CA ALA A 272 -20.43 -10.34 4.52
C ALA A 272 -21.25 -10.72 5.76
N TYR A 273 -20.83 -11.76 6.48
CA TYR A 273 -21.60 -12.28 7.61
C TYR A 273 -21.39 -11.40 8.86
N ALA A 274 -21.95 -11.86 9.98
CA ALA A 274 -21.84 -11.18 11.26
C ALA A 274 -20.94 -11.99 12.19
N THR A 275 -19.89 -11.35 12.72
CA THR A 275 -18.98 -12.00 13.64
C THR A 275 -19.59 -12.08 15.04
N ALA A 276 -18.86 -12.70 15.97
CA ALA A 276 -19.28 -12.76 17.36
C ALA A 276 -19.29 -11.38 18.01
N MET A 277 -18.45 -10.48 17.52
CA MET A 277 -18.44 -9.13 18.06
C MET A 277 -19.64 -8.35 17.56
N ASP A 278 -20.10 -8.64 16.35
CA ASP A 278 -21.29 -7.95 15.85
C ASP A 278 -22.47 -8.29 16.75
N TRP A 279 -22.56 -9.55 17.19
CA TRP A 279 -23.68 -9.91 18.06
C TRP A 279 -23.49 -9.31 19.44
N PHE A 280 -22.25 -9.25 19.94
CA PHE A 280 -22.06 -8.69 21.26
C PHE A 280 -22.42 -7.20 21.28
N ILE A 281 -22.02 -6.48 20.23
CA ILE A 281 -22.29 -5.06 20.17
C ILE A 281 -23.78 -4.82 19.96
N ALA A 282 -24.42 -5.62 19.11
CA ALA A 282 -25.84 -5.44 18.87
C ALA A 282 -26.64 -5.68 20.15
N VAL A 283 -26.23 -6.67 20.94
CA VAL A 283 -26.95 -6.93 22.19
C VAL A 283 -26.72 -5.82 23.20
N CYS A 284 -25.48 -5.32 23.32
CA CYS A 284 -25.27 -4.20 24.23
C CYS A 284 -26.05 -2.96 23.80
N TYR A 285 -26.13 -2.73 22.49
CA TYR A 285 -26.89 -1.59 22.00
C TYR A 285 -28.37 -1.76 22.28
N ALA A 286 -28.88 -2.99 22.14
CA ALA A 286 -30.29 -3.22 22.43
C ALA A 286 -30.55 -3.11 23.92
N PHE A 287 -29.56 -3.40 24.76
CA PHE A 287 -29.76 -3.31 26.19
C PHE A 287 -29.84 -1.85 26.63
N VAL A 288 -28.94 -1.01 26.11
CA VAL A 288 -29.03 0.40 26.49
C VAL A 288 -30.25 1.06 25.84
N PHE A 289 -30.64 0.60 24.65
CA PHE A 289 -31.86 1.11 24.04
C PHE A 289 -33.06 0.76 24.89
N SER A 290 -33.10 -0.47 25.42
CA SER A 290 -34.26 -0.85 26.21
C SER A 290 -34.23 -0.15 27.56
N ALA A 291 -33.04 0.24 28.03
CA ALA A 291 -33.00 0.94 29.31
C ALA A 291 -33.54 2.36 29.13
N LEU A 292 -33.30 2.95 27.96
CA LEU A 292 -33.85 4.27 27.73
C LEU A 292 -35.33 4.21 27.42
N ILE A 293 -35.79 3.12 26.78
CA ILE A 293 -37.22 2.96 26.59
C ILE A 293 -37.90 2.76 27.94
N GLU A 294 -37.23 2.05 28.85
CA GLU A 294 -37.80 1.81 30.17
C GLU A 294 -37.95 3.12 30.91
N PHE A 295 -36.93 3.99 30.83
CA PHE A 295 -37.06 5.27 31.51
C PHE A 295 -38.13 6.14 30.86
N ALA A 296 -38.27 6.07 29.53
CA ALA A 296 -39.34 6.79 28.85
C ALA A 296 -40.72 6.31 29.29
N THR A 297 -40.83 5.02 29.60
CA THR A 297 -42.09 4.46 30.09
C THR A 297 -42.35 4.91 31.51
N VAL A 298 -41.31 4.94 32.33
CA VAL A 298 -41.50 5.38 33.71
C VAL A 298 -41.92 6.84 33.71
N ASN A 299 -41.24 7.67 32.91
CA ASN A 299 -41.60 9.08 32.87
C ASN A 299 -43.01 9.25 32.32
N TYR A 300 -43.46 8.33 31.45
CA TYR A 300 -44.80 8.47 30.91
C TYR A 300 -45.82 8.15 31.99
N PHE A 301 -45.52 7.18 32.85
CA PHE A 301 -46.42 6.74 33.91
C PHE A 301 -46.22 7.51 35.21
N THR A 302 -45.19 8.35 35.27
CA THR A 302 -44.97 9.20 36.43
C THR A 302 -46.08 10.24 36.52
N LYS A 303 -46.37 10.67 37.75
CA LYS A 303 -47.36 11.69 38.08
C LYS A 303 -48.78 11.21 37.87
N SER A 304 -48.98 9.98 37.38
CA SER A 304 -50.31 9.38 37.32
C SER A 304 -50.40 8.06 38.06
N GLN A 305 -49.40 7.18 37.93
CA GLN A 305 -49.35 5.92 38.67
C GLN A 305 -47.98 5.74 39.30
N PRO A 306 -47.66 6.52 40.33
CA PRO A 306 -46.32 6.42 40.93
C PRO A 306 -46.00 5.06 41.50
N ALA A 307 -47.01 4.31 41.96
CA ALA A 307 -46.75 2.98 42.50
C ALA A 307 -46.25 2.03 41.42
N ARG A 308 -46.85 2.07 40.23
CA ARG A 308 -46.39 1.21 39.16
C ARG A 308 -45.01 1.62 38.68
N ALA A 309 -44.74 2.93 38.63
CA ALA A 309 -43.43 3.39 38.20
C ALA A 309 -42.35 2.96 39.20
N ALA A 310 -42.66 3.00 40.49
CA ALA A 310 -41.70 2.54 41.48
C ALA A 310 -41.50 1.04 41.38
N LYS A 311 -42.58 0.29 41.10
CA LYS A 311 -42.41 -1.15 41.01
C LYS A 311 -41.58 -1.50 39.79
N ILE A 312 -41.75 -0.74 38.71
CA ILE A 312 -40.98 -0.99 37.50
C ILE A 312 -39.51 -0.69 37.75
N ASP A 313 -39.22 0.38 38.50
CA ASP A 313 -37.81 0.70 38.72
C ASP A 313 -37.17 -0.32 39.64
N ARG A 314 -37.95 -0.83 40.61
CA ARG A 314 -37.40 -1.80 41.54
C ARG A 314 -37.15 -3.13 40.84
N LEU A 315 -38.05 -3.51 39.94
CA LEU A 315 -37.84 -4.75 39.22
C LEU A 315 -36.74 -4.60 38.17
N SER A 316 -36.59 -3.40 37.59
CA SER A 316 -35.54 -3.17 36.60
C SER A 316 -34.16 -3.22 37.23
N ARG A 317 -34.05 -2.80 38.49
CA ARG A 317 -32.76 -2.84 39.19
C ARG A 317 -32.27 -4.26 39.40
N ILE A 318 -33.12 -5.25 39.19
CA ILE A 318 -32.76 -6.65 39.33
C ILE A 318 -32.70 -7.31 37.96
N ALA A 319 -33.70 -7.05 37.13
CA ALA A 319 -33.82 -7.71 35.83
C ALA A 319 -32.67 -7.33 34.91
N PHE A 320 -32.33 -6.03 34.84
CA PHE A 320 -31.29 -5.62 33.91
C PHE A 320 -29.93 -6.22 34.26
N PRO A 321 -29.43 -6.15 35.50
CA PRO A 321 -28.17 -6.84 35.80
C PRO A 321 -28.27 -8.34 35.60
N LEU A 322 -29.43 -8.92 35.88
CA LEU A 322 -29.59 -10.36 35.73
C LEU A 322 -29.54 -10.75 34.25
N LEU A 323 -30.29 -10.03 33.42
CA LEU A 323 -30.35 -10.36 32.01
C LEU A 323 -29.00 -10.14 31.35
N PHE A 324 -28.30 -9.08 31.74
CA PHE A 324 -26.96 -8.85 31.16
C PHE A 324 -25.97 -9.90 31.61
N GLY A 325 -26.02 -10.30 32.88
CA GLY A 325 -25.13 -11.37 33.33
C GLY A 325 -25.41 -12.69 32.65
N ILE A 326 -26.69 -12.98 32.38
CA ILE A 326 -27.03 -14.21 31.69
C ILE A 326 -26.53 -14.14 30.25
N PHE A 327 -26.68 -12.98 29.61
CA PHE A 327 -26.20 -12.86 28.25
C PHE A 327 -24.71 -13.05 28.19
N ASN A 328 -23.98 -12.50 29.17
CA ASN A 328 -22.53 -12.65 29.16
C ASN A 328 -22.13 -14.10 29.38
N LEU A 329 -22.86 -14.81 30.25
CA LEU A 329 -22.55 -16.22 30.48
C LEU A 329 -22.75 -17.04 29.21
N VAL A 330 -23.86 -16.81 28.51
CA VAL A 330 -24.09 -17.53 27.26
C VAL A 330 -23.05 -17.15 26.21
N TYR A 331 -22.73 -15.87 26.10
CA TYR A 331 -21.82 -15.43 25.05
C TYR A 331 -20.43 -16.02 25.28
N TRP A 332 -19.93 -15.94 26.51
CA TRP A 332 -18.58 -16.40 26.80
C TRP A 332 -18.52 -17.89 27.06
N ALA A 333 -19.65 -18.61 27.02
CA ALA A 333 -19.58 -20.06 27.01
C ALA A 333 -19.79 -20.66 25.63
N THR A 334 -20.44 -19.95 24.70
CA THR A 334 -20.64 -20.49 23.36
C THR A 334 -19.37 -20.40 22.52
N TYR A 335 -18.59 -19.34 22.69
CA TYR A 335 -17.43 -19.07 21.84
C TYR A 335 -16.09 -19.42 22.46
N LEU A 336 -15.95 -19.29 23.77
CA LEU A 336 -14.70 -19.64 24.44
C LEU A 336 -14.44 -21.15 24.49
N ASN A 337 -15.42 -21.98 24.12
CA ASN A 337 -15.28 -23.42 24.20
C ASN A 337 -15.30 -24.07 22.81
N ARG A 338 -14.62 -23.44 21.85
CA ARG A 338 -14.53 -23.98 20.49
C ARG A 338 -13.06 -24.15 20.08
N ASN B 1 53.83 2.32 -20.15
CA ASN B 1 53.31 2.65 -18.84
C ASN B 1 51.89 2.12 -18.68
N MET B 2 50.96 2.73 -19.40
CA MET B 2 49.57 2.26 -19.39
C MET B 2 49.47 0.86 -19.97
N SER B 3 50.20 0.60 -21.05
CA SER B 3 50.16 -0.73 -21.67
C SER B 3 50.71 -1.79 -20.73
N PHE B 4 51.66 -1.41 -19.87
CA PHE B 4 52.17 -2.35 -18.88
C PHE B 4 51.11 -2.70 -17.85
N VAL B 5 50.34 -1.70 -17.41
CA VAL B 5 49.26 -1.97 -16.47
C VAL B 5 48.19 -2.85 -17.11
N LYS B 6 47.84 -2.56 -18.36
CA LYS B 6 46.85 -3.39 -19.05
C LYS B 6 47.36 -4.82 -19.21
N GLU B 7 48.66 -4.98 -19.50
CA GLU B 7 49.24 -6.31 -19.60
C GLU B 7 49.16 -7.04 -18.26
N THR B 8 49.48 -6.34 -17.18
CA THR B 8 49.47 -7.00 -15.87
C THR B 8 48.07 -7.43 -15.49
N VAL B 9 47.08 -6.57 -15.74
CA VAL B 9 45.71 -6.90 -15.35
C VAL B 9 45.20 -8.07 -16.19
N ASP B 10 45.46 -8.03 -17.51
CA ASP B 10 45.04 -9.16 -18.34
C ASP B 10 45.74 -10.44 -17.95
N LYS B 11 46.96 -10.34 -17.43
CA LYS B 11 47.64 -11.54 -16.95
C LYS B 11 46.97 -12.05 -15.68
N LEU B 12 46.55 -11.14 -14.81
CA LEU B 12 45.92 -11.54 -13.56
C LEU B 12 44.59 -12.22 -13.82
N LEU B 13 43.80 -11.70 -14.75
CA LEU B 13 42.46 -12.22 -15.00
C LEU B 13 42.45 -13.38 -16.00
N LYS B 14 43.60 -13.76 -16.54
CA LYS B 14 43.68 -14.88 -17.46
C LYS B 14 43.82 -16.18 -16.68
N GLY B 15 42.94 -17.15 -16.97
CA GLY B 15 42.92 -18.39 -16.23
C GLY B 15 42.50 -18.23 -14.78
N TYR B 16 41.54 -17.34 -14.51
CA TYR B 16 41.03 -17.11 -13.17
C TYR B 16 39.71 -17.84 -13.02
N ASP B 17 39.62 -18.70 -12.00
CA ASP B 17 38.42 -19.50 -11.76
C ASP B 17 37.57 -18.80 -10.71
N ILE B 18 36.42 -18.27 -11.14
CA ILE B 18 35.53 -17.53 -10.24
C ILE B 18 34.72 -18.44 -9.35
N ARG B 19 34.65 -19.73 -9.67
CA ARG B 19 33.88 -20.69 -8.89
C ARG B 19 34.63 -21.20 -7.66
N LEU B 20 35.89 -20.82 -7.51
CA LEU B 20 36.73 -21.31 -6.42
C LEU B 20 37.08 -20.17 -5.47
N ARG B 21 36.90 -20.40 -4.18
CA ARG B 21 37.26 -19.42 -3.18
C ARG B 21 38.78 -19.37 -3.04
N PRO B 22 39.33 -18.29 -2.50
CA PRO B 22 40.77 -18.26 -2.23
C PRO B 22 41.18 -19.36 -1.27
N ASP B 23 42.36 -19.93 -1.53
CA ASP B 23 42.88 -21.06 -0.76
C ASP B 23 41.87 -22.20 -0.71
N PHE B 24 41.27 -22.50 -1.86
CA PHE B 24 40.29 -23.57 -1.94
C PHE B 24 40.93 -24.90 -1.56
N GLY B 25 40.28 -25.64 -0.67
CA GLY B 25 40.81 -26.89 -0.18
C GLY B 25 41.85 -26.79 0.90
N GLY B 26 42.17 -25.58 1.35
CA GLY B 26 43.18 -25.39 2.37
C GLY B 26 42.64 -24.61 3.55
N PRO B 27 43.47 -23.75 4.14
CA PRO B 27 43.03 -22.98 5.29
C PRO B 27 41.91 -22.04 4.89
N PRO B 28 41.01 -21.72 5.82
CA PRO B 28 39.91 -20.82 5.49
C PRO B 28 40.42 -19.42 5.17
N VAL B 29 39.68 -18.72 4.33
CA VAL B 29 39.99 -17.35 3.97
C VAL B 29 39.39 -16.41 5.00
N CYS B 30 40.21 -15.51 5.54
CA CYS B 30 39.75 -14.58 6.56
C CYS B 30 39.22 -13.31 5.90
N VAL B 31 38.02 -12.90 6.30
CA VAL B 31 37.35 -11.74 5.75
C VAL B 31 37.13 -10.73 6.87
N GLY B 32 37.65 -9.53 6.69
CA GLY B 32 37.44 -8.44 7.63
C GLY B 32 36.40 -7.47 7.09
N MET B 33 35.55 -6.97 7.98
CA MET B 33 34.41 -6.16 7.56
C MET B 33 34.39 -4.84 8.30
N ASN B 34 34.05 -3.78 7.56
CA ASN B 34 33.81 -2.47 8.13
C ASN B 34 32.46 -1.95 7.65
N ILE B 35 31.82 -1.15 8.49
CA ILE B 35 30.55 -0.53 8.16
C ILE B 35 30.64 0.95 8.50
N ASP B 36 30.20 1.81 7.59
CA ASP B 36 30.10 3.23 7.84
C ASP B 36 28.64 3.63 7.63
N ILE B 37 27.95 3.98 8.71
CA ILE B 37 26.51 4.22 8.65
C ILE B 37 26.25 5.66 8.25
N ALA B 38 25.43 5.84 7.21
CA ALA B 38 25.12 7.18 6.74
C ALA B 38 23.88 7.75 7.43
N SER B 39 22.84 6.94 7.58
CA SER B 39 21.60 7.42 8.18
C SER B 39 20.74 6.25 8.60
N ILE B 40 19.89 6.49 9.61
CA ILE B 40 18.84 5.58 10.02
C ILE B 40 17.54 6.36 10.04
N ASP B 41 16.48 5.79 9.49
CA ASP B 41 15.22 6.49 9.44
C ASP B 41 14.08 5.49 9.31
N MET B 42 12.87 5.98 9.58
CA MET B 42 11.65 5.21 9.44
C MET B 42 11.69 3.96 10.31
N VAL B 43 11.85 4.19 11.61
CA VAL B 43 11.71 3.13 12.61
C VAL B 43 10.21 2.91 12.79
N SER B 44 9.67 1.89 12.14
CA SER B 44 8.24 1.66 12.06
C SER B 44 7.81 0.64 13.09
N GLU B 45 6.91 1.05 13.98
CA GLU B 45 6.31 0.12 14.94
C GLU B 45 5.26 -0.76 14.28
N VAL B 46 4.56 -0.24 13.27
CA VAL B 46 3.51 -1.01 12.63
C VAL B 46 4.11 -2.19 11.87
N ASN B 47 5.15 -1.93 11.07
CA ASN B 47 5.80 -2.97 10.30
C ASN B 47 6.90 -3.68 11.08
N MET B 48 7.31 -3.15 12.24
CA MET B 48 8.35 -3.73 13.07
C MET B 48 9.65 -3.90 12.28
N ASP B 49 10.14 -2.78 11.76
CA ASP B 49 11.38 -2.76 11.00
C ASP B 49 11.99 -1.36 11.07
N TYR B 50 13.16 -1.23 10.46
CA TYR B 50 13.86 0.04 10.37
C TYR B 50 14.69 0.03 9.10
N THR B 51 15.06 1.22 8.63
CA THR B 51 15.81 1.38 7.40
C THR B 51 17.21 1.90 7.69
N LEU B 52 18.19 1.33 7.00
CA LEU B 52 19.59 1.64 7.24
C LEU B 52 20.28 1.85 5.91
N THR B 53 21.12 2.88 5.82
CA THR B 53 21.96 3.11 4.66
C THR B 53 23.41 3.11 5.10
N MET B 54 24.27 2.40 4.38
CA MET B 54 25.62 2.24 4.88
C MET B 54 26.59 1.96 3.74
N TYR B 55 27.86 2.16 4.05
CA TYR B 55 28.97 1.75 3.20
C TYR B 55 29.55 0.50 3.83
N PHE B 56 29.40 -0.63 3.15
CA PHE B 56 29.80 -1.93 3.64
C PHE B 56 31.09 -2.30 2.93
N GLN B 57 32.13 -2.60 3.68
CA GLN B 57 33.42 -2.87 3.08
C GLN B 57 33.93 -4.21 3.58
N GLN B 58 34.57 -4.96 2.68
CA GLN B 58 35.14 -6.24 2.99
C GLN B 58 36.58 -6.29 2.51
N TYR B 59 37.38 -7.07 3.21
CA TYR B 59 38.83 -7.04 3.10
C TYR B 59 39.32 -8.48 3.20
N TRP B 60 39.88 -9.01 2.11
CA TRP B 60 40.40 -10.36 2.18
C TRP B 60 41.63 -10.46 1.29
N ARG B 61 42.26 -11.63 1.29
CA ARG B 61 43.49 -11.84 0.55
C ARG B 61 43.31 -13.00 -0.42
N ASP B 62 43.72 -12.78 -1.67
CA ASP B 62 43.68 -13.80 -2.72
C ASP B 62 45.03 -13.80 -3.43
N LYS B 63 45.83 -14.84 -3.21
CA LYS B 63 47.16 -14.87 -3.79
C LYS B 63 47.15 -15.03 -5.30
N ARG B 64 46.00 -15.38 -5.89
CA ARG B 64 45.89 -15.44 -7.34
C ARG B 64 45.94 -14.05 -7.98
N LEU B 65 45.74 -12.99 -7.21
CA LEU B 65 45.72 -11.64 -7.74
C LEU B 65 46.95 -10.83 -7.37
N ALA B 66 47.97 -11.45 -6.79
CA ALA B 66 49.18 -10.71 -6.46
C ALA B 66 49.95 -10.35 -7.72
N TYR B 67 50.46 -9.12 -7.75
CA TYR B 67 51.22 -8.62 -8.88
C TYR B 67 52.42 -7.85 -8.36
N SER B 68 53.45 -7.75 -9.21
CA SER B 68 54.68 -7.07 -8.85
C SER B 68 55.10 -6.15 -10.00
N GLY B 69 55.91 -5.16 -9.66
CA GLY B 69 56.40 -4.20 -10.62
C GLY B 69 55.65 -2.89 -10.65
N ILE B 70 54.48 -2.81 -10.02
CA ILE B 70 53.69 -1.59 -10.01
C ILE B 70 53.51 -1.14 -8.56
N PRO B 71 54.16 -0.05 -8.13
CA PRO B 71 53.98 0.44 -6.75
C PRO B 71 52.70 1.25 -6.58
N LEU B 72 51.56 0.63 -6.87
CA LEU B 72 50.28 1.31 -6.82
C LEU B 72 49.21 0.36 -6.30
N ASN B 73 48.16 0.96 -5.74
CA ASN B 73 46.95 0.24 -5.37
C ASN B 73 45.94 0.47 -6.48
N LEU B 74 45.63 -0.59 -7.23
CA LEU B 74 44.85 -0.45 -8.45
C LEU B 74 43.37 -0.41 -8.11
N THR B 75 42.73 0.74 -8.31
CA THR B 75 41.29 0.84 -8.20
C THR B 75 40.70 0.56 -9.58
N LEU B 76 39.96 -0.52 -9.71
CA LEU B 76 39.43 -0.90 -11.01
C LEU B 76 37.96 -0.50 -11.13
N ASP B 77 37.49 -0.51 -12.37
CA ASP B 77 36.08 -0.31 -12.64
C ASP B 77 35.27 -1.41 -11.97
N ASN B 78 34.11 -1.04 -11.42
CA ASN B 78 33.35 -1.96 -10.61
C ASN B 78 32.82 -3.15 -11.40
N ARG B 79 32.80 -3.06 -12.73
CA ARG B 79 32.37 -4.23 -13.51
C ARG B 79 33.37 -5.37 -13.43
N VAL B 80 34.58 -5.10 -12.95
CA VAL B 80 35.54 -6.19 -12.78
C VAL B 80 35.11 -7.08 -11.63
N ALA B 81 34.16 -6.61 -10.81
CA ALA B 81 33.70 -7.44 -9.73
C ALA B 81 32.95 -8.65 -10.28
N ASP B 82 32.41 -8.53 -11.50
CA ASP B 82 31.74 -9.70 -12.05
C ASP B 82 32.72 -10.78 -12.47
N GLN B 83 34.02 -10.46 -12.57
CA GLN B 83 35.03 -11.42 -12.98
C GLN B 83 35.87 -11.94 -11.82
N LEU B 84 35.52 -11.58 -10.58
CA LEU B 84 36.33 -11.94 -9.42
C LEU B 84 35.45 -12.64 -8.39
N TRP B 85 36.11 -13.41 -7.53
CA TRP B 85 35.42 -14.05 -6.41
C TRP B 85 35.16 -13.04 -5.32
N VAL B 86 33.92 -13.01 -4.82
CA VAL B 86 33.56 -12.15 -3.70
C VAL B 86 32.82 -13.00 -2.68
N PRO B 87 32.85 -12.65 -1.40
CA PRO B 87 32.16 -13.48 -0.41
C PRO B 87 30.65 -13.45 -0.60
N ASP B 88 30.02 -14.56 -0.21
CA ASP B 88 28.57 -14.72 -0.29
C ASP B 88 27.91 -14.24 1.01
N THR B 89 28.17 -12.99 1.35
CA THR B 89 27.65 -12.40 2.57
C THR B 89 26.18 -12.05 2.42
N TYR B 90 25.40 -12.29 3.48
CA TYR B 90 24.01 -11.89 3.48
C TYR B 90 23.57 -11.53 4.89
N PHE B 91 22.47 -10.78 4.96
CA PHE B 91 21.90 -10.30 6.21
C PHE B 91 20.70 -11.16 6.57
N LEU B 92 20.74 -11.78 7.75
CA LEU B 92 19.72 -12.76 8.09
C LEU B 92 18.35 -12.13 8.26
N ASN B 93 18.27 -10.99 8.96
CA ASN B 93 17.00 -10.36 9.27
C ASN B 93 16.59 -9.32 8.23
N ASP B 94 17.14 -9.39 7.02
CA ASP B 94 16.83 -8.41 5.99
C ASP B 94 15.51 -8.76 5.32
N LYS B 95 14.68 -7.75 5.09
CA LYS B 95 13.41 -7.92 4.38
C LYS B 95 13.47 -7.41 2.95
N LYS B 96 14.19 -6.32 2.70
CA LYS B 96 14.25 -5.72 1.38
C LYS B 96 15.49 -4.82 1.33
N SER B 97 16.34 -5.05 0.35
CA SER B 97 17.57 -4.29 0.23
C SER B 97 17.95 -4.16 -1.24
N PHE B 98 18.77 -3.16 -1.54
CA PHE B 98 19.25 -2.95 -2.90
C PHE B 98 20.54 -2.16 -2.85
N VAL B 99 21.29 -2.21 -3.95
CA VAL B 99 22.50 -1.44 -4.13
C VAL B 99 22.19 -0.28 -5.06
N HIS B 100 22.59 0.93 -4.68
CA HIS B 100 22.32 2.11 -5.48
C HIS B 100 23.07 2.03 -6.81
N GLY B 101 22.49 2.61 -7.84
CA GLY B 101 23.02 2.48 -9.19
C GLY B 101 23.04 3.75 -10.01
N VAL B 102 23.18 4.90 -9.35
CA VAL B 102 23.29 6.19 -10.03
C VAL B 102 24.57 6.86 -9.56
N THR B 103 25.38 7.32 -10.50
CA THR B 103 25.12 7.22 -11.93
C THR B 103 25.50 5.86 -12.48
N VAL B 104 26.28 5.12 -11.70
CA VAL B 104 26.60 3.73 -11.98
C VAL B 104 26.39 2.93 -10.69
N LYS B 105 26.58 1.62 -10.79
CA LYS B 105 26.43 0.76 -9.62
C LYS B 105 27.45 1.15 -8.57
N ASN B 106 26.97 1.50 -7.38
CA ASN B 106 27.82 2.00 -6.30
C ASN B 106 28.63 0.85 -5.71
N ARG B 107 29.70 0.50 -6.41
CA ARG B 107 30.53 -0.64 -6.08
C ARG B 107 31.98 -0.29 -6.31
N MET B 108 32.86 -0.86 -5.49
CA MET B 108 34.27 -0.54 -5.54
C MET B 108 35.10 -1.81 -5.42
N ILE B 109 36.13 -1.93 -6.26
CA ILE B 109 37.11 -3.00 -6.18
C ILE B 109 38.49 -2.37 -6.23
N ARG B 110 39.29 -2.62 -5.19
CA ARG B 110 40.65 -2.10 -5.12
C ARG B 110 41.61 -3.24 -4.81
N LEU B 111 42.67 -3.31 -5.60
CA LEU B 111 43.70 -4.34 -5.49
C LEU B 111 44.96 -3.75 -4.90
N HIS B 112 45.77 -4.61 -4.27
CA HIS B 112 47.02 -4.27 -3.66
C HIS B 112 48.11 -5.22 -4.15
N PRO B 113 49.37 -4.77 -4.14
CA PRO B 113 50.44 -5.61 -4.72
C PRO B 113 50.59 -6.97 -4.07
N ASP B 114 50.23 -7.11 -2.80
CA ASP B 114 50.36 -8.40 -2.12
C ASP B 114 49.18 -9.33 -2.39
N GLY B 115 48.19 -8.88 -3.15
CA GLY B 115 47.03 -9.68 -3.44
C GLY B 115 45.79 -9.35 -2.64
N THR B 116 45.86 -8.35 -1.75
CA THR B 116 44.72 -8.02 -0.94
C THR B 116 43.63 -7.36 -1.78
N VAL B 117 42.38 -7.67 -1.47
CA VAL B 117 41.23 -7.15 -2.19
C VAL B 117 40.36 -6.39 -1.20
N LEU B 118 39.98 -5.17 -1.59
CA LEU B 118 39.01 -4.35 -0.88
C LEU B 118 37.76 -4.21 -1.75
N TYR B 119 36.61 -4.56 -1.18
CA TYR B 119 35.35 -4.62 -1.91
C TYR B 119 34.31 -3.81 -1.17
N GLY B 120 33.82 -2.74 -1.80
CA GLY B 120 32.90 -1.82 -1.15
C GLY B 120 31.56 -1.76 -1.86
N LEU B 121 30.50 -1.58 -1.07
CA LEU B 121 29.14 -1.49 -1.57
C LEU B 121 28.34 -0.49 -0.75
N ARG B 122 27.51 0.30 -1.43
CA ARG B 122 26.63 1.24 -0.76
C ARG B 122 25.23 0.63 -0.75
N ILE B 123 24.74 0.28 0.44
CA ILE B 123 23.55 -0.55 0.56
C ILE B 123 22.52 0.17 1.43
N THR B 124 21.27 0.17 0.98
CA THR B 124 20.12 0.55 1.79
C THR B 124 19.28 -0.69 2.03
N THR B 125 19.08 -1.04 3.29
CA THR B 125 18.39 -2.27 3.67
C THR B 125 17.33 -1.97 4.72
N THR B 126 16.31 -2.82 4.75
CA THR B 126 15.24 -2.74 5.74
C THR B 126 15.34 -3.97 6.62
N ALA B 127 15.72 -3.78 7.88
CA ALA B 127 15.93 -4.89 8.80
C ALA B 127 14.81 -4.91 9.84
N ALA B 128 14.40 -6.11 10.22
CA ALA B 128 13.28 -6.31 11.13
C ALA B 128 13.82 -6.60 12.52
N CYS B 129 13.25 -5.95 13.52
CA CYS B 129 13.59 -6.26 14.90
C CYS B 129 12.33 -6.36 15.73
N MET B 130 12.31 -7.33 16.63
CA MET B 130 11.21 -7.49 17.56
C MET B 130 11.22 -6.38 18.60
N MET B 131 10.06 -5.78 18.84
CA MET B 131 9.91 -4.67 19.76
C MET B 131 8.97 -5.06 20.89
N ASP B 132 9.38 -4.79 22.12
CA ASP B 132 8.57 -5.01 23.31
C ASP B 132 8.10 -3.65 23.78
N LEU B 133 6.80 -3.41 23.64
CA LEU B 133 6.19 -2.10 23.88
C LEU B 133 5.31 -2.11 25.12
N ARG B 134 5.60 -3.01 26.07
CA ARG B 134 4.79 -3.07 27.27
C ARG B 134 5.06 -1.87 28.17
N ARG B 135 6.19 -1.19 27.98
CA ARG B 135 6.49 0.03 28.72
C ARG B 135 6.31 1.27 27.85
N TYR B 136 5.64 1.14 26.72
CA TYR B 136 5.40 2.27 25.83
C TYR B 136 4.58 3.34 26.55
N PRO B 137 4.92 4.63 26.39
CA PRO B 137 5.98 5.20 25.56
C PRO B 137 7.29 5.39 26.32
N LEU B 138 7.48 4.65 27.41
CA LEU B 138 8.70 4.69 28.21
C LEU B 138 9.57 3.49 27.94
N ASP B 139 9.64 3.07 26.68
CA ASP B 139 10.29 1.81 26.30
C ASP B 139 11.71 2.06 25.81
N GLU B 140 12.46 0.98 25.74
CA GLU B 140 13.83 0.97 25.25
C GLU B 140 13.98 -0.26 24.38
N GLN B 141 14.39 -0.07 23.14
CA GLN B 141 14.40 -1.11 22.13
C GLN B 141 15.84 -1.49 21.78
N ASN B 142 16.00 -2.72 21.32
CA ASN B 142 17.31 -3.25 20.93
C ASN B 142 17.15 -3.86 19.55
N CYS B 143 17.69 -3.19 18.53
CA CYS B 143 17.58 -3.64 17.15
C CYS B 143 18.95 -3.98 16.60
N THR B 144 19.06 -5.13 15.96
CA THR B 144 20.35 -5.66 15.53
C THR B 144 20.41 -5.76 14.01
N LEU B 145 21.56 -6.22 13.54
CA LEU B 145 21.82 -6.52 12.15
C LEU B 145 22.75 -7.72 12.11
N GLU B 146 22.33 -8.79 11.44
CA GLU B 146 23.07 -10.03 11.38
C GLU B 146 23.78 -10.14 10.04
N ILE B 147 25.03 -10.61 10.08
CA ILE B 147 25.87 -10.76 8.90
C ILE B 147 26.39 -12.19 8.92
N GLU B 148 26.21 -12.90 7.81
CA GLU B 148 26.55 -14.32 7.79
C GLU B 148 26.99 -14.71 6.39
N SER B 149 27.68 -15.83 6.30
CA SER B 149 28.03 -16.39 5.00
C SER B 149 26.95 -17.41 4.64
N TYR B 150 26.46 -17.33 3.40
CA TYR B 150 25.32 -18.18 3.06
C TYR B 150 25.71 -19.63 2.82
N GLY B 151 26.88 -19.86 2.22
CA GLY B 151 27.18 -21.21 1.80
C GLY B 151 28.53 -21.76 2.17
N TYR B 152 29.23 -21.07 3.07
CA TYR B 152 30.54 -21.50 3.50
C TYR B 152 30.48 -21.76 5.00
N THR B 153 31.27 -22.73 5.46
CA THR B 153 31.37 -22.99 6.89
C THR B 153 32.68 -22.45 7.43
N THR B 154 32.93 -22.72 8.72
CA THR B 154 34.15 -22.25 9.32
C THR B 154 35.37 -22.98 8.79
N ASP B 155 35.17 -24.07 8.05
CA ASP B 155 36.28 -24.77 7.41
C ASP B 155 36.77 -24.03 6.17
N ASP B 156 35.99 -23.07 5.66
CA ASP B 156 36.31 -22.39 4.41
C ASP B 156 36.33 -20.87 4.50
N ILE B 157 35.68 -20.26 5.50
CA ILE B 157 35.65 -18.81 5.60
C ILE B 157 35.48 -18.43 7.06
N GLU B 158 36.06 -17.29 7.43
CA GLU B 158 35.95 -16.77 8.78
C GLU B 158 35.69 -15.27 8.71
N PHE B 159 34.94 -14.76 9.69
CA PHE B 159 34.61 -13.35 9.77
C PHE B 159 35.28 -12.73 10.99
N TYR B 160 35.70 -11.47 10.85
CA TYR B 160 36.15 -10.68 11.98
C TYR B 160 35.93 -9.21 11.67
N TRP B 161 35.86 -8.42 12.73
CA TRP B 161 35.72 -6.97 12.59
C TRP B 161 37.09 -6.34 12.38
N ARG B 162 37.25 -5.65 11.25
CA ARG B 162 38.51 -5.01 10.91
C ARG B 162 38.59 -3.67 11.62
N GLY B 163 39.46 -3.57 12.63
CA GLY B 163 39.58 -2.38 13.43
C GLY B 163 39.12 -2.49 14.87
N GLY B 164 38.81 -3.69 15.36
CA GLY B 164 38.33 -3.81 16.72
C GLY B 164 36.99 -3.14 16.91
N ASP B 165 36.91 -2.26 17.91
CA ASP B 165 35.70 -1.52 18.18
C ASP B 165 35.56 -0.28 17.32
N LYS B 166 36.54 0.00 16.45
CA LYS B 166 36.46 1.10 15.50
C LYS B 166 35.89 0.66 14.15
N ALA B 167 35.44 -0.59 14.04
CA ALA B 167 34.98 -1.11 12.76
C ALA B 167 33.72 -0.41 12.29
N VAL B 168 32.89 0.06 13.21
CA VAL B 168 31.63 0.72 12.88
C VAL B 168 31.75 2.19 13.25
N THR B 169 31.52 3.07 12.28
CA THR B 169 31.63 4.50 12.46
C THR B 169 30.37 5.16 11.95
N GLY B 170 30.11 6.37 12.44
CA GLY B 170 28.95 7.13 11.99
C GLY B 170 27.74 7.05 12.89
N VAL B 171 27.84 6.39 14.03
CA VAL B 171 26.68 6.25 14.92
C VAL B 171 26.33 7.60 15.54
N GLU B 172 27.34 8.40 15.88
CA GLU B 172 27.10 9.67 16.55
C GLU B 172 26.51 10.73 15.62
N ARG B 173 26.47 10.47 14.31
CA ARG B 173 25.90 11.40 13.35
C ARG B 173 24.49 10.98 12.92
N ILE B 174 23.86 10.09 13.66
CA ILE B 174 22.51 9.62 13.37
C ILE B 174 21.54 10.38 14.24
N GLU B 175 20.55 11.00 13.62
CA GLU B 175 19.54 11.79 14.31
C GLU B 175 18.17 11.19 14.01
N LEU B 176 17.65 10.43 14.94
CA LEU B 176 16.30 9.89 14.77
C LEU B 176 15.29 10.88 15.32
N PRO B 177 14.24 11.20 14.57
CA PRO B 177 13.24 12.16 15.07
C PRO B 177 12.52 11.69 16.33
N GLN B 178 12.52 10.40 16.63
CA GLN B 178 11.79 9.89 17.78
C GLN B 178 12.63 9.04 18.72
N PHE B 179 13.93 8.88 18.46
CA PHE B 179 14.78 8.09 19.34
C PHE B 179 16.13 8.75 19.49
N SER B 180 16.86 8.31 20.51
CA SER B 180 18.28 8.61 20.69
C SER B 180 19.03 7.29 20.86
N ILE B 181 20.17 7.17 20.20
CA ILE B 181 20.94 5.93 20.23
C ILE B 181 21.82 5.93 21.47
N VAL B 182 21.44 5.13 22.47
CA VAL B 182 22.19 5.08 23.73
C VAL B 182 23.54 4.39 23.53
N GLU B 183 23.55 3.28 22.80
CA GLU B 183 24.74 2.45 22.71
C GLU B 183 24.66 1.58 21.47
N HIS B 184 25.83 1.10 21.03
CA HIS B 184 25.92 0.08 20.00
C HIS B 184 27.00 -0.92 20.40
N ARG B 185 26.89 -2.12 19.86
CA ARG B 185 27.70 -3.25 20.31
C ARG B 185 27.98 -4.17 19.13
N LEU B 186 29.14 -4.84 19.20
CA LEU B 186 29.60 -5.75 18.17
C LEU B 186 29.85 -7.13 18.77
N VAL B 187 29.32 -8.16 18.12
CA VAL B 187 29.42 -9.55 18.55
C VAL B 187 29.90 -10.39 17.39
N SER B 188 30.57 -11.50 17.71
CA SER B 188 31.06 -12.45 16.71
C SER B 188 30.89 -13.86 17.26
N ARG B 189 30.16 -14.69 16.54
CA ARG B 189 29.85 -16.05 17.00
C ARG B 189 29.58 -16.94 15.81
N ASN B 190 29.58 -18.25 16.04
CA ASN B 190 29.29 -19.22 14.99
C ASN B 190 27.92 -19.84 15.24
N VAL B 191 27.03 -19.67 14.27
CA VAL B 191 25.69 -20.24 14.30
C VAL B 191 25.73 -21.69 13.83
N VAL B 192 25.22 -22.60 14.64
CA VAL B 192 25.24 -24.03 14.34
C VAL B 192 23.89 -24.37 13.72
N PHE B 193 23.84 -24.41 12.39
CA PHE B 193 22.66 -24.89 11.68
C PHE B 193 22.81 -26.39 11.39
N ALA B 194 21.91 -26.92 10.57
CA ALA B 194 21.97 -28.33 10.21
C ALA B 194 23.13 -28.62 9.27
N THR B 195 23.34 -27.78 8.27
CA THR B 195 24.40 -28.01 7.30
C THR B 195 25.81 -27.77 7.87
N GLY B 196 25.93 -27.18 9.06
CA GLY B 196 27.22 -26.98 9.68
C GLY B 196 27.35 -25.65 10.39
N ALA B 197 28.53 -25.35 10.94
CA ALA B 197 28.73 -24.08 11.61
C ALA B 197 28.96 -22.97 10.59
N TYR B 198 28.32 -21.82 10.82
CA TYR B 198 28.44 -20.67 9.96
C TYR B 198 28.98 -19.47 10.72
N PRO B 199 29.96 -18.75 10.18
CA PRO B 199 30.46 -17.57 10.88
C PRO B 199 29.37 -16.49 10.90
N ARG B 200 29.41 -15.65 11.92
CA ARG B 200 28.42 -14.58 12.01
C ARG B 200 28.95 -13.41 12.80
N LEU B 201 28.72 -12.22 12.25
CA LEU B 201 29.00 -10.96 12.90
C LEU B 201 27.69 -10.23 13.15
N SER B 202 27.57 -9.61 14.31
CA SER B 202 26.32 -8.98 14.72
C SER B 202 26.61 -7.57 15.20
N LEU B 203 25.79 -6.62 14.75
CA LEU B 203 25.90 -5.24 15.19
C LEU B 203 24.55 -4.83 15.72
N SER B 204 24.51 -4.31 16.95
CA SER B 204 23.24 -3.97 17.56
C SER B 204 23.26 -2.57 18.14
N PHE B 205 22.09 -1.92 18.10
CA PHE B 205 21.89 -0.63 18.71
C PHE B 205 20.82 -0.73 19.79
N ARG B 206 20.86 0.22 20.72
CA ARG B 206 19.86 0.37 21.76
C ARG B 206 19.27 1.77 21.67
N LEU B 207 17.98 1.85 21.38
CA LEU B 207 17.26 3.09 21.16
C LEU B 207 16.37 3.40 22.37
N LYS B 208 16.37 4.66 22.79
CA LYS B 208 15.54 5.12 23.89
C LYS B 208 14.58 6.18 23.39
N ARG B 209 13.29 5.88 23.48
CA ARG B 209 12.26 6.77 22.94
C ARG B 209 12.16 8.06 23.74
N ASN B 210 11.98 9.17 23.04
CA ASN B 210 11.78 10.46 23.68
C ASN B 210 10.37 10.56 24.24
N ILE B 211 10.24 11.23 25.38
CA ILE B 211 8.98 11.28 26.10
C ILE B 211 8.29 12.64 26.03
N GLY B 212 8.97 13.70 25.59
CA GLY B 212 8.37 15.02 25.64
C GLY B 212 7.12 15.17 24.79
N TYR B 213 7.06 14.47 23.67
CA TYR B 213 5.87 14.55 22.82
C TYR B 213 4.63 14.00 23.50
N PHE B 214 4.79 12.88 24.21
CA PHE B 214 3.64 12.23 24.83
C PHE B 214 3.16 12.95 26.08
N ILE B 215 4.04 13.67 26.77
CA ILE B 215 3.61 14.40 27.97
C ILE B 215 2.61 15.48 27.57
N LEU B 216 2.91 16.22 26.52
CA LEU B 216 2.04 17.30 26.05
C LEU B 216 0.83 16.77 25.30
N GLN B 217 1.00 15.71 24.51
CA GLN B 217 -0.05 15.28 23.60
C GLN B 217 -1.06 14.33 24.21
N THR B 218 -0.66 13.49 25.17
CA THR B 218 -1.55 12.46 25.69
C THR B 218 -1.93 12.65 27.15
N TYR B 219 -0.96 12.72 28.06
CA TYR B 219 -1.29 12.61 29.48
C TYR B 219 -2.00 13.84 30.02
N MET B 220 -1.61 15.03 29.55
CA MET B 220 -2.20 16.26 30.09
C MET B 220 -3.70 16.37 29.88
N PRO B 221 -4.27 16.08 28.70
CA PRO B 221 -5.73 16.14 28.59
C PRO B 221 -6.44 15.19 29.54
N SER B 222 -5.90 13.98 29.74
CA SER B 222 -6.53 13.04 30.65
C SER B 222 -6.46 13.55 32.08
N ILE B 223 -5.32 14.14 32.45
CA ILE B 223 -5.18 14.66 33.80
C ILE B 223 -6.16 15.80 34.03
N LEU B 224 -6.30 16.69 33.04
CA LEU B 224 -7.16 17.85 33.24
C LEU B 224 -8.62 17.45 33.26
N ILE B 225 -9.01 16.45 32.48
CA ILE B 225 -10.38 15.96 32.54
C ILE B 225 -10.63 15.28 33.88
N THR B 226 -9.63 14.58 34.41
CA THR B 226 -9.82 13.93 35.71
C THR B 226 -9.96 14.98 36.79
N ILE B 227 -9.24 16.09 36.68
CA ILE B 227 -9.39 17.15 37.68
C ILE B 227 -10.75 17.80 37.53
N LEU B 228 -11.21 17.99 36.30
CA LEU B 228 -12.52 18.60 36.06
C LEU B 228 -13.64 17.74 36.61
N SER B 229 -13.44 16.42 36.69
CA SER B 229 -14.46 15.56 37.26
C SER B 229 -14.64 15.77 38.76
N TRP B 230 -13.65 16.37 39.42
CA TRP B 230 -13.72 16.69 40.84
C TRP B 230 -14.48 17.98 41.13
N VAL B 231 -14.78 18.78 40.09
CA VAL B 231 -15.51 20.04 40.28
C VAL B 231 -16.88 19.82 40.88
N SER B 232 -17.53 18.69 40.56
CA SER B 232 -18.87 18.45 41.06
C SER B 232 -18.94 18.33 42.58
N PHE B 233 -17.82 18.02 43.25
CA PHE B 233 -17.86 17.88 44.70
C PHE B 233 -18.10 19.22 45.40
N TRP B 234 -17.89 20.33 44.71
CA TRP B 234 -18.10 21.66 45.25
C TRP B 234 -19.39 22.29 44.76
N ILE B 235 -20.25 21.51 44.10
CA ILE B 235 -21.54 21.98 43.59
C ILE B 235 -22.64 21.50 44.52
N ASN B 236 -23.66 22.32 44.68
CA ASN B 236 -24.79 21.97 45.53
C ASN B 236 -25.45 20.69 45.04
N TYR B 237 -25.81 19.83 45.99
CA TYR B 237 -26.37 18.52 45.66
C TYR B 237 -27.80 18.60 45.13
N ASP B 238 -28.45 19.75 45.23
CA ASP B 238 -29.79 19.89 44.66
C ASP B 238 -29.76 20.20 43.17
N ALA B 239 -28.58 20.43 42.58
CA ALA B 239 -28.46 20.64 41.14
C ALA B 239 -28.11 19.31 40.51
N SER B 240 -29.12 18.44 40.38
CA SER B 240 -28.87 17.09 39.90
C SER B 240 -28.51 17.08 38.43
N ALA B 241 -29.15 17.95 37.64
CA ALA B 241 -28.88 17.99 36.20
C ALA B 241 -27.45 18.42 35.92
N ALA B 242 -26.93 19.38 36.67
CA ALA B 242 -25.58 19.86 36.43
C ALA B 242 -24.54 18.81 36.78
N ARG B 243 -24.69 18.15 37.94
CA ARG B 243 -23.67 17.20 38.35
C ARG B 243 -23.76 15.91 37.54
N VAL B 244 -24.97 15.54 37.12
CA VAL B 244 -25.12 14.37 36.26
C VAL B 244 -24.53 14.65 34.88
N ALA B 245 -24.82 15.83 34.32
CA ALA B 245 -24.29 16.17 33.02
C ALA B 245 -22.77 16.26 33.06
N LEU B 246 -22.20 16.85 34.11
CA LEU B 246 -20.76 16.92 34.24
C LEU B 246 -20.14 15.52 34.35
N GLY B 247 -20.74 14.64 35.15
CA GLY B 247 -20.15 13.32 35.31
C GLY B 247 -20.21 12.52 34.01
N ILE B 248 -21.36 12.56 33.34
CA ILE B 248 -21.50 11.70 32.18
C ILE B 248 -20.74 12.32 31.02
N THR B 249 -20.56 13.64 31.02
CA THR B 249 -19.81 14.24 29.93
C THR B 249 -18.32 14.01 30.13
N THR B 250 -17.86 13.91 31.38
CA THR B 250 -16.47 13.53 31.58
C THR B 250 -16.24 12.08 31.20
N VAL B 251 -17.25 11.22 31.41
CA VAL B 251 -17.14 9.83 30.95
C VAL B 251 -17.08 9.78 29.43
N LEU B 252 -17.92 10.56 28.76
CA LEU B 252 -17.91 10.60 27.31
C LEU B 252 -16.61 11.19 26.79
N THR B 253 -16.08 12.21 27.46
CA THR B 253 -14.82 12.80 27.05
C THR B 253 -13.67 11.82 27.20
N MET B 254 -13.67 11.04 28.29
CA MET B 254 -12.61 10.05 28.45
C MET B 254 -12.72 8.96 27.40
N THR B 255 -13.95 8.58 27.04
CA THR B 255 -14.12 7.61 25.95
C THR B 255 -13.62 8.20 24.63
N THR B 256 -13.91 9.48 24.39
CA THR B 256 -13.46 10.14 23.17
C THR B 256 -11.95 10.17 23.10
N ILE B 257 -11.31 10.45 24.23
CA ILE B 257 -9.85 10.46 24.31
C ILE B 257 -9.32 9.08 23.98
N ASN B 258 -9.94 8.04 24.56
CA ASN B 258 -9.42 6.69 24.33
C ASN B 258 -9.55 6.30 22.88
N THR B 259 -10.68 6.64 22.25
CA THR B 259 -10.88 6.24 20.85
C THR B 259 -10.01 7.07 19.92
N HIS B 260 -9.72 8.33 20.28
CA HIS B 260 -8.82 9.12 19.46
C HIS B 260 -7.42 8.53 19.53
N LEU B 261 -7.00 8.12 20.72
CA LEU B 261 -5.69 7.50 20.85
C LEU B 261 -5.69 6.16 20.11
N ARG B 262 -6.85 5.51 20.06
CA ARG B 262 -6.97 4.26 19.32
C ARG B 262 -6.70 4.50 17.84
N GLU B 263 -7.22 5.60 17.31
CA GLU B 263 -6.99 5.90 15.90
C GLU B 263 -5.59 6.43 15.63
N THR B 264 -4.95 7.09 16.59
CA THR B 264 -3.67 7.72 16.27
C THR B 264 -2.45 6.82 16.44
N LEU B 265 -2.36 6.03 17.51
CA LEU B 265 -1.18 5.21 17.70
C LEU B 265 -1.23 3.89 16.95
N PRO B 266 -0.06 3.30 16.68
CA PRO B 266 0.00 2.03 15.96
C PRO B 266 -0.66 0.90 16.73
N LYS B 267 -1.25 -0.03 15.96
CA LYS B 267 -1.98 -1.16 16.54
C LYS B 267 -0.97 -2.19 17.03
N ILE B 268 -0.83 -2.28 18.35
CA ILE B 268 0.07 -3.21 19.03
C ILE B 268 -0.76 -3.99 20.04
N PRO B 269 -1.37 -5.09 19.63
CA PRO B 269 -2.39 -5.74 20.46
C PRO B 269 -1.88 -6.46 21.72
N TYR B 270 -1.33 -5.70 22.65
CA TYR B 270 -1.17 -6.17 24.02
C TYR B 270 -1.11 -4.97 24.96
N VAL B 271 -1.26 -5.25 26.25
CA VAL B 271 -1.49 -4.22 27.26
C VAL B 271 -0.21 -3.43 27.50
N LYS B 272 -0.25 -2.12 27.22
CA LYS B 272 0.89 -1.25 27.42
C LYS B 272 0.62 -0.30 28.58
N ALA B 273 1.64 0.51 28.93
CA ALA B 273 1.49 1.45 30.04
C ALA B 273 0.47 2.54 29.75
N ILE B 274 0.30 2.93 28.49
CA ILE B 274 -0.68 3.95 28.18
C ILE B 274 -2.07 3.42 28.45
N ASP B 275 -2.30 2.13 28.22
CA ASP B 275 -3.63 1.60 28.45
C ASP B 275 -3.89 1.53 29.94
N MET B 276 -2.86 1.21 30.73
CA MET B 276 -3.06 1.14 32.17
C MET B 276 -3.37 2.52 32.73
N TYR B 277 -2.78 3.56 32.14
CA TYR B 277 -3.02 4.89 32.67
C TYR B 277 -4.41 5.37 32.28
N LEU B 278 -4.81 5.09 31.04
CA LEU B 278 -6.13 5.51 30.59
C LEU B 278 -7.21 4.74 31.32
N MET B 279 -6.96 3.47 31.62
CA MET B 279 -7.90 2.69 32.40
C MET B 279 -7.98 3.21 33.83
N GLY B 280 -6.85 3.63 34.41
CA GLY B 280 -6.90 4.17 35.75
C GLY B 280 -7.70 5.46 35.82
N CYS B 281 -7.58 6.30 34.79
CA CYS B 281 -8.37 7.52 34.78
C CYS B 281 -9.85 7.25 34.51
N PHE B 282 -10.13 6.23 33.69
CA PHE B 282 -11.52 5.89 33.44
C PHE B 282 -12.16 5.33 34.70
N VAL B 283 -11.37 4.60 35.49
CA VAL B 283 -11.90 4.07 36.74
C VAL B 283 -12.15 5.19 37.73
N PHE B 284 -11.24 6.18 37.78
CA PHE B 284 -11.43 7.26 38.73
C PHE B 284 -12.69 8.06 38.42
N VAL B 285 -12.90 8.40 37.14
CA VAL B 285 -14.13 9.14 36.83
C VAL B 285 -15.37 8.26 36.92
N PHE B 286 -15.22 6.94 36.76
CA PHE B 286 -16.36 6.06 36.96
C PHE B 286 -16.76 6.01 38.43
N LEU B 287 -15.77 5.97 39.32
CA LEU B 287 -16.12 5.91 40.74
C LEU B 287 -16.63 7.27 41.20
N ALA B 288 -16.17 8.35 40.58
CA ALA B 288 -16.68 9.66 40.97
C ALA B 288 -18.15 9.80 40.60
N LEU B 289 -18.52 9.31 39.41
CA LEU B 289 -19.93 9.33 39.07
C LEU B 289 -20.73 8.32 39.90
N LEU B 290 -20.15 7.18 40.25
CA LEU B 290 -20.90 6.27 41.11
C LEU B 290 -21.07 6.87 42.51
N GLU B 291 -20.14 7.75 42.89
CA GLU B 291 -20.25 8.37 44.20
C GLU B 291 -21.38 9.37 44.18
N TYR B 292 -21.52 10.08 43.05
CA TYR B 292 -22.61 11.03 43.02
C TYR B 292 -23.94 10.30 42.93
N ALA B 293 -23.96 9.15 42.26
CA ALA B 293 -25.18 8.35 42.20
C ALA B 293 -25.61 7.89 43.59
N PHE B 294 -24.63 7.52 44.41
CA PHE B 294 -24.91 7.15 45.80
C PHE B 294 -25.37 8.36 46.61
N VAL B 295 -24.76 9.52 46.38
CA VAL B 295 -25.16 10.70 47.14
C VAL B 295 -26.58 11.08 46.76
N ASN B 296 -26.90 11.07 45.46
CA ASN B 296 -28.25 11.43 45.05
C ASN B 296 -29.24 10.39 45.56
N TYR B 297 -28.77 9.16 45.79
CA TYR B 297 -29.65 8.11 46.25
C TYR B 297 -29.96 8.27 47.73
N ILE B 298 -29.03 8.82 48.51
CA ILE B 298 -29.17 8.88 49.96
C ILE B 298 -29.35 10.29 50.49
N PHE B 299 -29.36 11.30 49.61
CA PHE B 299 -29.35 12.69 50.05
C PHE B 299 -30.68 13.14 50.63
N PHE B 300 -31.75 12.36 50.48
CA PHE B 300 -33.03 12.75 51.06
C PHE B 300 -33.17 12.31 52.51
N SER B 301 -32.90 11.03 52.81
CA SER B 301 -33.06 10.57 54.19
C SER B 301 -31.91 11.01 55.08
N GLN B 302 -30.69 11.07 54.56
CA GLN B 302 -29.50 11.38 55.36
C GLN B 302 -28.69 12.49 54.70
N PRO B 303 -29.18 13.73 54.74
CA PRO B 303 -28.43 14.83 54.11
C PRO B 303 -27.06 15.04 54.72
N ALA B 304 -26.92 14.83 56.03
CA ALA B 304 -25.63 15.05 56.68
C ALA B 304 -24.62 14.00 56.27
N ARG B 305 -25.06 12.74 56.12
CA ARG B 305 -24.12 11.72 55.68
C ARG B 305 -23.68 11.99 54.25
N ALA B 306 -24.59 12.44 53.39
CA ALA B 306 -24.21 12.71 52.01
C ALA B 306 -23.23 13.86 51.95
N ALA B 307 -23.44 14.91 52.77
CA ALA B 307 -22.51 16.02 52.72
C ALA B 307 -21.17 15.61 53.32
N ALA B 308 -21.18 14.64 54.24
CA ALA B 308 -19.90 14.21 54.79
C ALA B 308 -19.14 13.37 53.79
N ILE B 309 -19.87 12.59 52.97
CA ILE B 309 -19.23 11.79 51.96
C ILE B 309 -18.62 12.70 50.90
N ASP B 310 -19.33 13.77 50.54
CA ASP B 310 -18.78 14.71 49.57
C ASP B 310 -17.54 15.42 50.14
N ARG B 311 -17.60 15.78 51.43
CA ARG B 311 -16.46 16.45 52.05
C ARG B 311 -15.25 15.54 52.10
N TRP B 312 -15.46 14.24 52.37
CA TRP B 312 -14.33 13.34 52.39
C TRP B 312 -13.87 12.99 50.98
N SER B 313 -14.76 13.03 49.99
CA SER B 313 -14.36 12.79 48.61
C SER B 313 -13.48 13.90 48.09
N ARG B 314 -13.68 15.13 48.59
CA ARG B 314 -12.85 16.26 48.19
C ARG B 314 -11.41 16.08 48.63
N ILE B 315 -11.15 15.17 49.56
CA ILE B 315 -9.82 14.88 50.05
C ILE B 315 -9.31 13.59 49.44
N VAL B 316 -10.14 12.55 49.45
CA VAL B 316 -9.72 11.22 49.06
C VAL B 316 -9.39 11.18 47.57
N PHE B 317 -10.25 11.78 46.72
CA PHE B 317 -10.02 11.68 45.29
C PHE B 317 -8.72 12.34 44.84
N PRO B 318 -8.39 13.57 45.23
CA PRO B 318 -7.06 14.10 44.87
C PRO B 318 -5.92 13.32 45.48
N PHE B 319 -6.10 12.80 46.70
CA PHE B 319 -5.00 12.08 47.35
C PHE B 319 -4.80 10.72 46.71
N THR B 320 -5.90 10.02 46.40
CA THR B 320 -5.76 8.72 45.78
C THR B 320 -5.20 8.87 44.37
N PHE B 321 -5.63 9.93 43.66
CA PHE B 321 -5.12 10.15 42.32
C PHE B 321 -3.63 10.47 42.34
N SER B 322 -3.19 11.25 43.33
CA SER B 322 -1.76 11.54 43.45
C SER B 322 -0.96 10.29 43.83
N LEU B 323 -1.53 9.42 44.65
CA LEU B 323 -0.83 8.16 44.95
C LEU B 323 -0.76 7.27 43.72
N PHE B 324 -1.81 7.26 42.90
CA PHE B 324 -1.79 6.49 41.66
C PHE B 324 -0.74 7.04 40.71
N ASN B 325 -0.62 8.37 40.63
CA ASN B 325 0.37 8.95 39.73
C ASN B 325 1.77 8.69 40.26
N LEU B 326 1.94 8.70 41.58
CA LEU B 326 3.26 8.44 42.15
C LEU B 326 3.69 7.00 41.84
N VAL B 327 2.77 6.05 41.97
CA VAL B 327 3.10 4.66 41.66
C VAL B 327 3.43 4.54 40.18
N TYR B 328 2.66 5.21 39.31
CA TYR B 328 2.92 5.07 37.89
C TYR B 328 4.29 5.66 37.54
N TRP B 329 4.55 6.90 37.97
CA TRP B 329 5.77 7.59 37.62
C TRP B 329 6.96 7.13 38.45
N LEU B 330 6.79 6.07 39.24
CA LEU B 330 7.92 5.41 39.90
C LEU B 330 8.19 4.02 39.33
N TYR B 331 7.15 3.28 38.96
CA TYR B 331 7.36 1.95 38.39
C TYR B 331 7.97 1.98 37.00
N TYR B 332 7.99 3.13 36.32
CA TYR B 332 8.55 3.20 34.99
C TYR B 332 9.69 4.20 34.84
N VAL B 333 9.71 5.27 35.62
CA VAL B 333 10.80 6.24 35.54
C VAL B 333 11.83 5.96 36.62
N GLY C 1 30.17 4.74 -43.51
CA GLY C 1 31.39 4.98 -44.27
C GLY C 1 32.66 4.81 -43.46
N ASP C 2 33.44 5.87 -43.36
CA ASP C 2 34.68 5.84 -42.58
C ASP C 2 34.44 6.02 -41.10
N VAL C 3 33.24 6.44 -40.69
CA VAL C 3 32.96 6.62 -39.26
C VAL C 3 33.03 5.29 -38.54
N THR C 4 32.59 4.20 -39.20
CA THR C 4 32.72 2.89 -38.60
C THR C 4 34.18 2.53 -38.44
N VAL C 5 35.02 2.87 -39.42
CA VAL C 5 36.44 2.58 -39.31
C VAL C 5 37.04 3.33 -38.14
N ILE C 6 36.62 4.59 -37.95
CA ILE C 6 37.12 5.40 -36.85
C ILE C 6 36.73 4.76 -35.52
N LEU C 7 35.47 4.33 -35.39
CA LEU C 7 35.04 3.74 -34.13
C LEU C 7 35.76 2.44 -33.86
N ASN C 8 35.94 1.61 -34.89
CA ASN C 8 36.60 0.33 -34.70
C ASN C 8 38.04 0.54 -34.31
N ASN C 9 38.72 1.52 -34.90
CA ASN C 9 40.11 1.71 -34.56
C ASN C 9 40.23 2.33 -33.18
N LEU C 10 39.26 3.15 -32.77
CA LEU C 10 39.30 3.74 -31.44
C LEU C 10 39.15 2.67 -30.38
N LEU C 11 38.19 1.76 -30.58
CA LEU C 11 37.93 0.72 -29.59
C LEU C 11 38.94 -0.41 -29.63
N GLU C 12 39.79 -0.45 -30.65
CA GLU C 12 40.83 -1.48 -30.71
C GLU C 12 41.94 -1.14 -29.72
N GLY C 13 42.30 -2.12 -28.89
CA GLY C 13 43.31 -1.88 -27.88
C GLY C 13 42.87 -1.01 -26.73
N TYR C 14 41.57 -0.94 -26.47
CA TYR C 14 41.01 -0.10 -25.42
C TYR C 14 40.62 -0.97 -24.23
N ASP C 15 41.08 -0.59 -23.05
CA ASP C 15 40.72 -1.27 -21.80
C ASP C 15 39.92 -0.28 -20.96
N ASN C 16 38.63 -0.54 -20.81
CA ASN C 16 37.76 0.37 -20.09
C ASN C 16 37.79 0.17 -18.58
N LYS C 17 38.57 -0.79 -18.09
CA LYS C 17 38.76 -0.97 -16.66
C LYS C 17 39.76 0.01 -16.06
N LEU C 18 40.46 0.77 -16.89
CA LEU C 18 41.51 1.68 -16.44
C LEU C 18 41.12 3.11 -16.78
N ARG C 19 41.23 4.01 -15.79
CA ARG C 19 40.95 5.41 -16.03
C ARG C 19 42.07 6.04 -16.84
N PRO C 20 41.78 7.11 -17.58
CA PRO C 20 42.83 7.82 -18.32
C PRO C 20 43.90 8.35 -17.38
N ASP C 21 45.16 8.25 -17.83
CA ASP C 21 46.32 8.71 -17.05
C ASP C 21 46.34 8.06 -15.67
N ILE C 22 46.24 6.73 -15.66
CA ILE C 22 46.08 6.00 -14.40
C ILE C 22 47.34 6.12 -13.55
N GLY C 23 48.51 6.14 -14.17
CA GLY C 23 49.73 6.22 -13.41
C GLY C 23 50.52 7.52 -13.58
N VAL C 24 49.87 8.57 -14.05
CA VAL C 24 50.58 9.81 -14.34
C VAL C 24 50.05 10.96 -13.49
N LYS C 25 48.78 11.31 -13.67
CA LYS C 25 48.20 12.47 -13.03
C LYS C 25 46.73 12.21 -12.79
N PRO C 26 46.11 12.93 -11.85
CA PRO C 26 44.67 12.75 -11.63
C PRO C 26 43.87 13.15 -12.86
N THR C 27 42.74 12.48 -13.05
CA THR C 27 41.83 12.79 -14.15
C THR C 27 40.93 13.95 -13.73
N LEU C 28 40.95 15.03 -14.51
CA LEU C 28 40.16 16.21 -14.19
C LEU C 28 38.83 16.15 -14.92
N ILE C 29 37.75 16.32 -14.17
CA ILE C 29 36.39 16.20 -14.69
C ILE C 29 35.66 17.51 -14.44
N HIS C 30 35.01 18.04 -15.47
CA HIS C 30 34.22 19.26 -15.38
C HIS C 30 32.75 18.89 -15.44
N THR C 31 31.97 19.35 -14.48
CA THR C 31 30.59 18.92 -14.35
C THR C 31 29.64 20.10 -14.55
N ASP C 32 28.49 19.83 -15.15
CA ASP C 32 27.42 20.80 -15.34
C ASP C 32 26.10 20.17 -14.92
N MET C 33 25.16 21.01 -14.54
CA MET C 33 23.85 20.57 -14.08
C MET C 33 22.78 21.54 -14.52
N TYR C 34 21.74 21.03 -15.18
CA TYR C 34 20.57 21.82 -15.53
C TYR C 34 19.37 21.23 -14.80
N VAL C 35 18.70 22.06 -14.00
CA VAL C 35 17.59 21.60 -13.17
C VAL C 35 16.28 21.79 -13.94
N ASN C 36 15.64 20.69 -14.32
CA ASN C 36 14.35 20.77 -14.99
C ASN C 36 13.26 21.22 -14.04
N SER C 37 13.22 20.64 -12.84
CA SER C 37 12.19 20.96 -11.86
C SER C 37 12.61 20.42 -10.51
N ILE C 38 12.23 21.13 -9.47
CA ILE C 38 12.41 20.70 -8.08
C ILE C 38 11.04 20.30 -7.56
N GLY C 39 10.87 19.02 -7.26
CA GLY C 39 9.58 18.48 -6.94
C GLY C 39 9.19 18.78 -5.51
N PRO C 40 8.13 18.13 -5.03
CA PRO C 40 7.62 18.45 -3.70
C PRO C 40 8.63 18.15 -2.61
N VAL C 41 8.59 18.96 -1.56
CA VAL C 41 9.43 18.78 -0.39
C VAL C 41 8.63 17.99 0.64
N ASN C 42 9.21 16.91 1.13
CA ASN C 42 8.53 16.01 2.06
C ASN C 42 9.10 16.26 3.45
N ALA C 43 8.40 17.09 4.22
CA ALA C 43 8.86 17.40 5.57
C ALA C 43 8.74 16.20 6.50
N ILE C 44 7.75 15.34 6.26
CA ILE C 44 7.54 14.18 7.13
C ILE C 44 8.73 13.23 7.04
N ASN C 45 9.22 12.97 5.84
CA ASN C 45 10.37 12.10 5.66
C ASN C 45 11.68 12.87 5.56
N MET C 46 11.63 14.20 5.53
CA MET C 46 12.80 15.05 5.41
C MET C 46 13.62 14.69 4.16
N GLU C 47 12.98 14.86 3.01
CA GLU C 47 13.58 14.56 1.73
C GLU C 47 12.94 15.45 0.67
N TYR C 48 13.60 15.56 -0.48
CA TYR C 48 13.03 16.31 -1.58
C TYR C 48 13.40 15.66 -2.91
N THR C 49 12.65 15.99 -3.94
CA THR C 49 12.82 15.39 -5.26
C THR C 49 13.30 16.44 -6.25
N ILE C 50 14.23 16.04 -7.11
CA ILE C 50 14.83 16.93 -8.09
C ILE C 50 15.05 16.16 -9.38
N ASP C 51 14.82 16.82 -10.52
CA ASP C 51 15.06 16.23 -11.83
C ASP C 51 16.09 17.08 -12.55
N ILE C 52 17.17 16.44 -13.02
CA ILE C 52 18.29 17.18 -13.59
C ILE C 52 18.79 16.53 -14.86
N PHE C 53 19.48 17.34 -15.65
CA PHE C 53 20.38 16.90 -16.70
C PHE C 53 21.80 17.05 -16.16
N PHE C 54 22.55 15.96 -16.18
CA PHE C 54 23.89 15.90 -15.59
C PHE C 54 24.89 15.70 -16.72
N ALA C 55 25.86 16.61 -16.81
CA ALA C 55 26.85 16.59 -17.89
C ALA C 55 28.24 16.53 -17.28
N GLN C 56 29.12 15.77 -17.91
CA GLN C 56 30.49 15.61 -17.49
C GLN C 56 31.41 15.67 -18.69
N THR C 57 32.57 16.30 -18.50
CA THR C 57 33.53 16.46 -19.59
C THR C 57 34.92 16.10 -19.05
N TRP C 58 35.67 15.36 -19.85
CA TRP C 58 37.03 15.01 -19.44
C TRP C 58 37.86 14.70 -20.68
N TYR C 59 39.15 14.50 -20.46
CA TYR C 59 40.07 14.21 -21.55
C TYR C 59 40.54 12.77 -21.48
N ASP C 60 40.55 12.09 -22.62
CA ASP C 60 41.06 10.73 -22.74
C ASP C 60 41.99 10.68 -23.94
N ARG C 61 43.29 10.53 -23.69
CA ARG C 61 44.25 10.50 -24.78
C ARG C 61 44.03 9.30 -25.70
N ARG C 62 43.44 8.22 -25.18
CA ARG C 62 43.21 7.03 -25.99
C ARG C 62 42.15 7.22 -27.06
N LEU C 63 41.43 8.33 -27.05
CA LEU C 63 40.32 8.54 -27.98
C LEU C 63 40.60 9.67 -28.97
N LYS C 64 41.85 9.83 -29.37
CA LYS C 64 42.20 10.81 -30.38
C LYS C 64 42.06 10.21 -31.77
N PHE C 65 41.69 11.05 -32.73
CA PHE C 65 41.59 10.61 -34.12
C PHE C 65 41.80 11.79 -35.05
N ASN C 66 42.09 11.48 -36.31
CA ASN C 66 42.33 12.48 -37.33
C ASN C 66 41.36 12.24 -38.47
N SER C 67 40.57 13.25 -38.82
CA SER C 67 39.66 13.19 -39.96
C SER C 67 39.10 14.58 -40.19
N THR C 68 38.35 14.72 -41.29
CA THR C 68 37.61 15.94 -41.53
C THR C 68 36.41 16.09 -40.62
N ILE C 69 36.05 15.04 -39.88
CA ILE C 69 34.95 15.11 -38.92
C ILE C 69 35.48 15.67 -37.61
N LYS C 70 34.84 16.74 -37.12
CA LYS C 70 35.31 17.36 -35.89
C LYS C 70 34.84 16.61 -34.66
N VAL C 71 33.57 16.23 -34.62
CA VAL C 71 32.97 15.63 -33.43
C VAL C 71 32.16 14.41 -33.83
N LEU C 72 32.25 13.36 -33.03
CA LEU C 72 31.45 12.15 -33.19
C LEU C 72 30.31 12.20 -32.19
N ARG C 73 29.10 12.41 -32.69
CA ARG C 73 27.89 12.49 -31.88
C ARG C 73 27.25 11.11 -31.80
N LEU C 74 27.18 10.54 -30.59
CA LEU C 74 26.74 9.16 -30.43
C LEU C 74 25.65 9.08 -29.36
N ASN C 75 24.88 8.00 -29.44
CA ASN C 75 23.85 7.68 -28.48
C ASN C 75 24.44 6.77 -27.40
N SER C 76 23.57 6.14 -26.61
CA SER C 76 24.04 5.39 -25.44
C SER C 76 24.69 4.06 -25.80
N ASN C 77 24.62 3.63 -27.05
CA ASN C 77 25.17 2.33 -27.43
C ASN C 77 26.66 2.20 -27.13
N MET C 78 27.38 3.32 -27.05
CA MET C 78 28.81 3.27 -26.75
C MET C 78 29.14 3.61 -25.31
N VAL C 79 28.13 3.88 -24.47
CA VAL C 79 28.43 4.30 -23.11
C VAL C 79 29.11 3.17 -22.36
N GLY C 80 28.69 1.94 -22.61
CA GLY C 80 29.26 0.83 -21.89
C GLY C 80 30.59 0.36 -22.44
N LYS C 81 31.09 0.97 -23.51
CA LYS C 81 32.34 0.51 -24.10
C LYS C 81 33.55 1.35 -23.72
N ILE C 82 33.37 2.56 -23.20
CA ILE C 82 34.49 3.41 -22.84
C ILE C 82 34.51 3.59 -21.33
N TRP C 83 35.52 4.30 -20.83
CA TRP C 83 35.65 4.55 -19.40
C TRP C 83 34.72 5.67 -18.99
N ILE C 84 34.00 5.48 -17.89
CA ILE C 84 33.08 6.48 -17.37
C ILE C 84 33.39 6.67 -15.89
N PRO C 85 33.41 7.91 -15.39
CA PRO C 85 33.62 8.09 -13.95
C PRO C 85 32.45 7.54 -13.15
N ASP C 86 32.77 7.03 -11.96
CA ASP C 86 31.77 6.40 -11.10
C ASP C 86 31.20 7.42 -10.11
N THR C 87 30.65 8.48 -10.66
CA THR C 87 30.06 9.53 -9.85
C THR C 87 28.79 9.05 -9.20
N PHE C 88 28.63 9.36 -7.92
CA PHE C 88 27.42 9.03 -7.18
C PHE C 88 27.08 10.18 -6.26
N PHE C 89 25.84 10.17 -5.77
CA PHE C 89 25.32 11.22 -4.91
C PHE C 89 25.30 10.72 -3.47
N ARG C 90 25.98 11.46 -2.59
CA ARG C 90 26.29 10.93 -1.26
C ARG C 90 25.05 10.92 -0.36
N ASN C 91 24.19 11.92 -0.51
CA ASN C 91 23.00 12.07 0.33
C ASN C 91 21.73 11.63 -0.39
N SER C 92 21.84 10.74 -1.35
CA SER C 92 20.70 10.28 -2.12
C SER C 92 20.05 9.07 -1.45
N LYS C 93 18.74 9.13 -1.24
CA LYS C 93 18.01 7.99 -0.69
C LYS C 93 17.59 7.02 -1.78
N LYS C 94 17.24 7.53 -2.96
CA LYS C 94 16.79 6.70 -4.07
C LYS C 94 16.93 7.52 -5.34
N ALA C 95 17.70 7.02 -6.30
CA ALA C 95 17.88 7.71 -7.57
C ALA C 95 17.81 6.69 -8.71
N ASP C 96 17.40 7.16 -9.87
CA ASP C 96 17.31 6.30 -11.04
C ASP C 96 17.47 7.12 -12.31
N ALA C 97 17.88 6.45 -13.37
CA ALA C 97 17.95 7.04 -14.70
C ALA C 97 16.67 6.75 -15.47
N HIS C 98 16.49 7.44 -16.59
CA HIS C 98 15.29 7.31 -17.39
C HIS C 98 15.60 6.50 -18.64
N TRP C 99 14.69 5.60 -19.00
CA TRP C 99 14.92 4.60 -20.03
C TRP C 99 13.84 4.58 -21.09
N ILE C 100 12.93 5.55 -21.10
CA ILE C 100 11.85 5.61 -22.07
C ILE C 100 12.14 6.75 -23.03
N THR C 101 12.12 6.46 -24.32
CA THR C 101 11.88 5.12 -24.83
C THR C 101 13.18 4.33 -24.96
N THR C 102 14.30 5.04 -24.88
CA THR C 102 15.65 4.50 -24.89
C THR C 102 16.42 5.13 -23.74
N PRO C 103 17.54 4.53 -23.33
CA PRO C 103 18.35 5.14 -22.28
C PRO C 103 18.71 6.58 -22.63
N ASN C 104 18.45 7.49 -21.69
CA ASN C 104 18.62 8.92 -21.88
C ASN C 104 20.07 9.31 -21.64
N ARG C 105 20.92 8.93 -22.59
CA ARG C 105 22.35 9.19 -22.49
C ARG C 105 22.87 9.66 -23.84
N MET C 106 23.74 10.67 -23.81
CA MET C 106 24.36 11.20 -25.01
C MET C 106 25.87 11.28 -24.80
N LEU C 107 26.62 10.91 -25.84
CA LEU C 107 28.07 10.86 -25.75
C LEU C 107 28.66 11.55 -26.98
N ARG C 108 29.53 12.53 -26.76
CA ARG C 108 30.18 13.22 -27.87
C ARG C 108 31.68 13.19 -27.67
N ILE C 109 32.40 12.95 -28.76
CA ILE C 109 33.85 12.84 -28.72
C ILE C 109 34.44 13.83 -29.72
N TRP C 110 35.46 14.58 -29.30
CA TRP C 110 36.17 15.45 -30.21
C TRP C 110 37.51 14.85 -30.59
N ASN C 111 38.08 15.37 -31.68
CA ASN C 111 39.30 14.78 -32.24
C ASN C 111 40.50 14.98 -31.33
N ASP C 112 40.44 15.91 -30.39
CA ASP C 112 41.53 16.12 -29.44
C ASP C 112 41.46 15.16 -28.27
N GLY C 113 40.43 14.32 -28.19
CA GLY C 113 40.27 13.37 -27.12
C GLY C 113 39.30 13.77 -26.04
N ARG C 114 38.62 14.88 -26.19
CA ARG C 114 37.68 15.35 -25.18
C ARG C 114 36.34 14.62 -25.30
N VAL C 115 35.81 14.18 -24.16
CA VAL C 115 34.59 13.40 -24.10
C VAL C 115 33.58 14.15 -23.26
N LEU C 116 32.36 14.26 -23.80
CA LEU C 116 31.20 14.83 -23.14
C LEU C 116 30.15 13.75 -22.95
N TYR C 117 29.73 13.53 -21.70
CA TYR C 117 28.79 12.48 -21.34
C TYR C 117 27.65 13.10 -20.55
N THR C 118 26.42 12.92 -21.03
CA THR C 118 25.28 13.55 -20.38
C THR C 118 24.18 12.51 -20.19
N LEU C 119 23.44 12.66 -19.09
CA LEU C 119 22.29 11.80 -18.85
C LEU C 119 21.30 12.51 -17.94
N ARG C 120 20.07 12.02 -17.95
CA ARG C 120 18.99 12.60 -17.17
C ARG C 120 18.71 11.76 -15.94
N LEU C 121 18.53 12.43 -14.81
CA LEU C 121 18.41 11.75 -13.52
C LEU C 121 17.28 12.36 -12.72
N THR C 122 16.60 11.50 -11.96
CA THR C 122 15.64 11.93 -10.95
C THR C 122 16.11 11.42 -9.61
N ILE C 123 16.21 12.31 -8.64
CA ILE C 123 16.88 12.05 -7.37
C ILE C 123 15.95 12.42 -6.24
N ASP C 124 15.92 11.57 -5.21
CA ASP C 124 15.29 11.86 -3.93
C ASP C 124 16.44 12.04 -2.94
N ALA C 125 16.68 13.28 -2.54
CA ALA C 125 17.84 13.61 -1.74
C ALA C 125 17.42 13.96 -0.33
N GLU C 126 18.33 13.73 0.61
CA GLU C 126 18.07 13.96 2.02
C GLU C 126 18.32 15.42 2.37
N CYS C 127 17.43 15.98 3.17
CA CYS C 127 17.55 17.35 3.67
C CYS C 127 17.03 17.37 5.09
N GLN C 128 17.92 17.55 6.06
CA GLN C 128 17.50 17.61 7.45
C GLN C 128 16.94 19.00 7.74
N LEU C 129 15.68 19.04 8.17
CA LEU C 129 14.94 20.28 8.34
C LEU C 129 14.79 20.59 9.81
N GLN C 130 15.09 21.81 10.19
CA GLN C 130 14.83 22.29 11.55
C GLN C 130 13.49 22.98 11.54
N LEU C 131 12.52 22.42 12.27
CA LEU C 131 11.14 22.89 12.20
C LEU C 131 10.74 23.64 13.46
N HIS C 132 11.70 24.27 14.12
CA HIS C 132 11.40 25.00 15.35
C HIS C 132 10.52 26.21 15.04
N ASN C 133 10.76 26.86 13.91
CA ASN C 133 10.05 28.07 13.52
C ASN C 133 8.92 27.79 12.54
N PHE C 134 8.54 26.52 12.37
CA PHE C 134 7.47 26.16 11.46
C PHE C 134 6.18 26.86 11.85
N PRO C 135 5.42 27.42 10.90
CA PRO C 135 5.63 27.42 9.45
C PRO C 135 6.39 28.64 8.93
N MET C 136 7.28 29.23 9.72
CA MET C 136 8.08 30.37 9.30
C MET C 136 9.56 30.00 9.25
N ASP C 137 9.84 28.82 8.71
CA ASP C 137 11.16 28.22 8.70
C ASP C 137 11.84 28.41 7.34
N GLU C 138 13.17 28.48 7.38
CA GLU C 138 13.99 28.59 6.19
C GLU C 138 15.01 27.46 6.21
N HIS C 139 15.31 26.93 5.04
CA HIS C 139 16.17 25.77 4.90
C HIS C 139 17.11 25.94 3.74
N SER C 140 18.26 25.28 3.82
CA SER C 140 19.20 25.20 2.71
C SER C 140 19.44 23.71 2.48
N CYS C 141 18.79 23.18 1.44
CA CYS C 141 18.86 21.75 1.16
C CYS C 141 20.02 21.44 0.23
N PRO C 142 20.90 20.52 0.61
CA PRO C 142 22.09 20.24 -0.18
C PRO C 142 21.87 19.12 -1.20
N LEU C 143 22.82 19.03 -2.11
CA LEU C 143 22.92 17.93 -3.07
C LEU C 143 24.40 17.69 -3.31
N GLU C 144 24.92 16.59 -2.79
CA GLU C 144 26.35 16.34 -2.80
C GLU C 144 26.65 15.14 -3.68
N PHE C 145 27.74 15.22 -4.44
CA PHE C 145 28.19 14.11 -5.25
C PHE C 145 29.71 14.01 -5.25
N SER C 146 30.20 12.78 -5.43
CA SER C 146 31.63 12.54 -5.45
C SER C 146 31.88 11.25 -6.22
N SER C 147 33.11 10.73 -6.15
CA SER C 147 33.47 9.47 -6.77
C SER C 147 33.48 8.38 -5.72
N TYR C 148 32.92 7.21 -6.07
CA TYR C 148 32.79 6.15 -5.08
C TYR C 148 34.11 5.44 -4.81
N GLY C 149 34.95 5.28 -5.83
CA GLY C 149 36.14 4.46 -5.69
C GLY C 149 37.45 5.19 -5.82
N TYR C 150 37.47 6.30 -6.55
CA TYR C 150 38.72 6.98 -6.87
C TYR C 150 38.96 8.10 -5.86
N PRO C 151 40.07 8.08 -5.13
CA PRO C 151 40.36 9.18 -4.20
C PRO C 151 40.81 10.44 -4.91
N ARG C 152 41.23 11.45 -4.14
CA ARG C 152 41.62 12.73 -4.72
C ARG C 152 42.85 12.61 -5.61
N GLU C 153 43.69 11.60 -5.40
CA GLU C 153 44.86 11.41 -6.23
C GLU C 153 44.55 10.86 -7.61
N GLU C 154 43.31 10.46 -7.87
CA GLU C 154 42.95 9.84 -9.14
C GLU C 154 41.88 10.60 -9.89
N ILE C 155 40.86 11.12 -9.21
CA ILE C 155 39.78 11.86 -9.85
C ILE C 155 39.56 13.15 -9.08
N VAL C 156 39.48 14.27 -9.80
CA VAL C 156 39.18 15.57 -9.23
C VAL C 156 38.02 16.17 -10.01
N TYR C 157 37.02 16.67 -9.31
CA TYR C 157 35.90 17.34 -9.95
C TYR C 157 36.07 18.85 -9.86
N GLN C 158 35.41 19.56 -10.77
CA GLN C 158 35.52 21.01 -10.81
C GLN C 158 34.32 21.59 -11.53
N TRP C 159 33.76 22.66 -10.98
CA TRP C 159 32.66 23.36 -11.62
C TRP C 159 33.15 24.15 -12.82
N LYS C 160 32.28 24.29 -13.82
CA LYS C 160 32.59 25.10 -14.99
C LYS C 160 32.18 26.54 -14.70
N ARG C 161 32.15 27.37 -15.74
CA ARG C 161 31.73 28.76 -15.58
C ARG C 161 30.29 28.83 -15.08
N SER C 162 29.35 28.34 -15.88
CA SER C 162 27.95 28.27 -15.48
C SER C 162 27.73 26.88 -14.91
N SER C 163 27.72 26.79 -13.57
CA SER C 163 27.69 25.50 -12.90
C SER C 163 26.28 24.89 -12.92
N VAL C 164 25.33 25.57 -12.31
CA VAL C 164 23.96 25.07 -12.16
C VAL C 164 23.04 26.06 -12.83
N GLU C 165 22.24 25.57 -13.77
CA GLU C 165 21.28 26.41 -14.49
C GLU C 165 19.86 26.00 -14.15
N VAL C 166 18.98 26.99 -14.05
CA VAL C 166 17.55 26.78 -13.82
C VAL C 166 16.79 27.58 -14.86
N GLY C 167 15.73 26.99 -15.40
CA GLY C 167 14.94 27.67 -16.40
C GLY C 167 13.78 28.42 -15.79
N ASP C 168 12.56 28.00 -16.09
CA ASP C 168 11.36 28.61 -15.53
C ASP C 168 11.25 28.13 -14.09
N THR C 169 11.68 28.96 -13.14
CA THR C 169 11.54 28.62 -11.74
C THR C 169 10.09 28.63 -11.29
N ARG C 170 9.22 29.33 -12.00
CA ARG C 170 7.81 29.38 -11.61
C ARG C 170 7.03 28.16 -12.08
N SER C 171 7.59 27.36 -12.97
CA SER C 171 6.93 26.17 -13.48
C SER C 171 7.34 24.92 -12.70
N TRP C 172 7.27 25.00 -11.37
CA TRP C 172 7.68 23.91 -10.51
C TRP C 172 6.52 23.50 -9.62
N ARG C 173 6.76 22.47 -8.80
CA ARG C 173 5.72 21.89 -7.96
C ARG C 173 5.94 22.19 -6.49
N LEU C 174 6.37 23.42 -6.18
CA LEU C 174 6.57 23.84 -4.80
C LEU C 174 5.36 24.65 -4.38
N TYR C 175 4.54 24.09 -3.50
CA TYR C 175 3.43 24.82 -2.92
C TYR C 175 3.80 25.48 -1.60
N GLN C 176 4.47 24.74 -0.72
CA GLN C 176 4.77 25.25 0.61
C GLN C 176 5.91 26.24 0.60
N PHE C 177 6.89 26.06 -0.29
CA PHE C 177 8.11 26.84 -0.27
C PHE C 177 8.23 27.70 -1.51
N SER C 178 9.10 28.71 -1.40
CA SER C 178 9.47 29.54 -2.53
C SER C 178 10.99 29.48 -2.69
N PHE C 179 11.43 29.41 -3.94
CA PHE C 179 12.86 29.24 -4.21
C PHE C 179 13.55 30.59 -4.13
N VAL C 180 14.65 30.64 -3.38
CA VAL C 180 15.38 31.89 -3.18
C VAL C 180 16.58 31.94 -4.12
N GLY C 181 17.49 30.99 -3.99
CA GLY C 181 18.70 30.98 -4.78
C GLY C 181 19.50 29.73 -4.52
N LEU C 182 20.66 29.66 -5.15
CA LEU C 182 21.50 28.48 -5.06
C LEU C 182 22.96 28.89 -4.91
N ARG C 183 23.75 27.98 -4.35
CA ARG C 183 25.19 28.11 -4.25
C ARG C 183 25.82 26.78 -4.60
N ASN C 184 27.08 26.81 -5.05
CA ASN C 184 27.81 25.57 -5.29
C ASN C 184 29.21 25.68 -4.72
N THR C 185 29.66 24.62 -4.06
CA THR C 185 30.95 24.64 -3.38
C THR C 185 31.83 23.45 -3.75
N THR C 186 32.96 23.31 -3.06
CA THR C 186 33.87 22.19 -3.24
C THR C 186 34.58 21.93 -1.93
N GLU C 187 34.72 20.65 -1.57
CA GLU C 187 35.38 20.30 -0.32
C GLU C 187 36.05 18.95 -0.47
N VAL C 188 36.96 18.64 0.45
CA VAL C 188 37.63 17.35 0.49
C VAL C 188 37.22 16.65 1.77
N VAL C 189 36.67 15.43 1.63
CA VAL C 189 36.17 14.66 2.76
C VAL C 189 37.04 13.44 2.96
N LYS C 190 37.50 13.22 4.19
CA LYS C 190 38.36 12.11 4.53
C LYS C 190 37.52 10.93 5.02
N THR C 191 37.68 9.78 4.38
CA THR C 191 36.97 8.56 4.76
C THR C 191 37.98 7.48 5.15
N THR C 192 37.45 6.28 5.42
CA THR C 192 38.31 5.17 5.81
C THR C 192 39.10 4.58 4.65
N SER C 193 38.74 4.91 3.40
CA SER C 193 39.41 4.37 2.23
C SER C 193 40.23 5.42 1.49
N GLY C 194 40.20 6.67 1.92
CA GLY C 194 41.00 7.72 1.32
C GLY C 194 40.30 9.05 1.45
N ASP C 195 40.83 10.03 0.73
CA ASP C 195 40.30 11.38 0.70
C ASP C 195 39.65 11.61 -0.65
N TYR C 196 38.41 12.10 -0.64
CA TYR C 196 37.64 12.24 -1.85
C TYR C 196 37.19 13.69 -2.04
N VAL C 197 37.15 14.11 -3.29
CA VAL C 197 36.63 15.43 -3.63
C VAL C 197 35.11 15.36 -3.70
N VAL C 198 34.44 16.25 -2.96
CA VAL C 198 32.99 16.28 -2.88
C VAL C 198 32.51 17.63 -3.39
N MET C 199 31.56 17.60 -4.32
CA MET C 199 30.96 18.80 -4.88
C MET C 199 29.53 18.91 -4.37
N SER C 200 29.16 20.09 -3.89
CA SER C 200 27.86 20.27 -3.29
C SER C 200 27.15 21.46 -3.94
N VAL C 201 25.82 21.37 -3.96
CA VAL C 201 24.97 22.47 -4.37
C VAL C 201 23.90 22.66 -3.31
N TYR C 202 23.66 23.90 -2.93
CA TYR C 202 22.70 24.22 -1.89
C TYR C 202 21.58 25.06 -2.48
N PHE C 203 20.33 24.69 -2.19
CA PHE C 203 19.16 25.43 -2.62
C PHE C 203 18.48 26.02 -1.40
N ASP C 204 18.28 27.34 -1.41
CA ASP C 204 17.68 28.04 -0.27
C ASP C 204 16.17 28.12 -0.48
N LEU C 205 15.42 27.71 0.54
CA LEU C 205 13.97 27.63 0.47
C LEU C 205 13.35 28.31 1.67
N SER C 206 12.35 29.16 1.42
CA SER C 206 11.59 29.82 2.47
C SER C 206 10.13 29.40 2.32
N ARG C 207 9.49 29.05 3.42
CA ARG C 207 8.14 28.54 3.35
C ARG C 207 7.11 29.67 3.24
N ARG C 208 6.06 29.41 2.47
CA ARG C 208 4.93 30.31 2.34
C ARG C 208 3.94 30.03 3.46
N MET C 209 3.26 31.08 3.93
CA MET C 209 2.39 30.92 5.07
C MET C 209 0.91 31.04 4.74
N GLY C 210 0.57 31.28 3.47
CA GLY C 210 -0.83 31.48 3.12
C GLY C 210 -1.69 30.26 3.38
N TYR C 211 -1.11 29.07 3.19
CA TYR C 211 -1.88 27.84 3.38
C TYR C 211 -2.16 27.61 4.85
N PHE C 212 -1.16 27.80 5.71
CA PHE C 212 -1.39 27.49 7.11
C PHE C 212 -2.21 28.58 7.75
N THR C 213 -2.23 29.75 7.12
CA THR C 213 -3.07 30.86 7.57
C THR C 213 -4.53 30.56 7.29
N ILE C 214 -4.82 30.12 6.05
CA ILE C 214 -6.22 29.85 5.69
C ILE C 214 -6.72 28.58 6.38
N GLN C 215 -5.89 27.54 6.44
CA GLN C 215 -6.36 26.27 6.99
C GLN C 215 -6.43 26.28 8.51
N THR C 216 -5.46 26.92 9.17
CA THR C 216 -5.33 26.83 10.62
C THR C 216 -5.55 28.16 11.32
N TYR C 217 -4.79 29.20 10.97
CA TYR C 217 -4.77 30.41 11.79
C TYR C 217 -6.12 31.12 11.77
N ILE C 218 -6.68 31.33 10.58
CA ILE C 218 -7.97 32.01 10.50
C ILE C 218 -9.08 31.19 11.15
N PRO C 219 -9.24 29.88 10.88
CA PRO C 219 -10.29 29.14 11.58
C PRO C 219 -10.12 29.16 13.08
N CYS C 220 -8.88 29.09 13.58
CA CYS C 220 -8.68 29.10 15.02
C CYS C 220 -9.03 30.46 15.60
N THR C 221 -8.72 31.54 14.87
CA THR C 221 -9.08 32.86 15.35
C THR C 221 -10.59 33.00 15.40
N LEU C 222 -11.28 32.48 14.39
CA LEU C 222 -12.73 32.61 14.37
C LEU C 222 -13.37 31.75 15.47
N ILE C 223 -12.75 30.61 15.80
CA ILE C 223 -13.27 29.81 16.91
C ILE C 223 -13.06 30.53 18.23
N VAL C 224 -11.93 31.20 18.39
CA VAL C 224 -11.71 31.97 19.62
C VAL C 224 -12.74 33.08 19.75
N VAL C 225 -12.99 33.79 18.65
CA VAL C 225 -14.03 34.83 18.68
C VAL C 225 -15.38 34.21 18.99
N LEU C 226 -15.64 33.02 18.44
CA LEU C 226 -16.91 32.39 18.70
C LEU C 226 -17.03 32.02 20.16
N SER C 227 -15.92 31.66 20.80
CA SER C 227 -16.01 31.39 22.22
C SER C 227 -16.19 32.68 23.00
N TRP C 228 -15.82 33.82 22.39
CA TRP C 228 -16.10 35.10 23.03
C TRP C 228 -17.55 35.51 22.86
N VAL C 229 -18.24 34.89 21.91
CA VAL C 229 -19.65 35.15 21.67
C VAL C 229 -20.50 34.82 22.90
N SER C 230 -20.08 33.82 23.67
CA SER C 230 -20.84 33.42 24.85
C SER C 230 -20.94 34.53 25.91
N PHE C 231 -20.01 35.49 25.89
CA PHE C 231 -20.05 36.55 26.89
C PHE C 231 -21.19 37.55 26.64
N TRP C 232 -21.73 37.59 25.43
CA TRP C 232 -22.84 38.46 25.11
C TRP C 232 -24.19 37.75 25.11
N ILE C 233 -24.24 36.49 25.49
CA ILE C 233 -25.50 35.76 25.59
C ILE C 233 -26.02 35.87 27.01
N ASN C 234 -27.34 36.02 27.14
CA ASN C 234 -27.97 36.12 28.46
C ASN C 234 -27.63 34.90 29.31
N LYS C 235 -27.32 35.17 30.59
CA LYS C 235 -26.90 34.09 31.48
C LYS C 235 -28.00 33.09 31.78
N ASP C 236 -29.26 33.42 31.50
CA ASP C 236 -30.33 32.47 31.74
C ASP C 236 -30.35 31.34 30.72
N ALA C 237 -29.80 31.57 29.52
CA ALA C 237 -29.78 30.53 28.48
C ALA C 237 -28.66 29.54 28.80
N VAL C 238 -28.91 28.71 29.80
CA VAL C 238 -27.93 27.72 30.23
C VAL C 238 -27.65 26.68 29.14
N PRO C 239 -28.69 26.06 28.53
CA PRO C 239 -28.39 25.07 27.48
C PRO C 239 -27.66 25.67 26.29
N ALA C 240 -28.00 26.91 25.93
CA ALA C 240 -27.40 27.51 24.74
C ALA C 240 -25.93 27.81 24.96
N ARG C 241 -25.58 28.36 26.12
CA ARG C 241 -24.19 28.71 26.39
C ARG C 241 -23.36 27.48 26.69
N THR C 242 -23.98 26.44 27.28
CA THR C 242 -23.25 25.21 27.52
C THR C 242 -22.96 24.50 26.20
N SER C 243 -23.95 24.43 25.31
CA SER C 243 -23.73 23.79 24.03
C SER C 243 -22.72 24.58 23.20
N LEU C 244 -22.78 25.90 23.26
CA LEU C 244 -21.80 26.71 22.53
C LEU C 244 -20.40 26.46 23.06
N GLY C 245 -20.24 26.42 24.39
CA GLY C 245 -18.92 26.23 24.96
C GLY C 245 -18.35 24.87 24.60
N ILE C 246 -19.17 23.82 24.74
CA ILE C 246 -18.62 22.49 24.54
C ILE C 246 -18.41 22.25 23.05
N THR C 247 -19.21 22.89 22.20
CA THR C 247 -19.02 22.69 20.77
C THR C 247 -17.79 23.43 20.29
N THR C 248 -17.50 24.61 20.87
CA THR C 248 -16.27 25.29 20.52
C THR C 248 -15.05 24.52 21.02
N VAL C 249 -15.15 23.86 22.17
CA VAL C 249 -14.07 22.99 22.64
C VAL C 249 -13.85 21.82 21.69
N LEU C 250 -14.94 21.21 21.22
CA LEU C 250 -14.82 20.11 20.28
C LEU C 250 -14.23 20.58 18.95
N THR C 251 -14.61 21.78 18.50
CA THR C 251 -14.06 22.31 17.26
C THR C 251 -12.58 22.62 17.41
N MET C 252 -12.19 23.16 18.57
CA MET C 252 -10.78 23.42 18.81
C MET C 252 -9.96 22.13 18.79
N THR C 253 -10.49 21.07 19.41
CA THR C 253 -9.79 19.79 19.38
C THR C 253 -9.72 19.22 17.97
N THR C 254 -10.79 19.37 17.20
CA THR C 254 -10.78 18.90 15.82
C THR C 254 -9.74 19.64 14.99
N LEU C 255 -9.65 20.96 15.15
CA LEU C 255 -8.62 21.66 14.40
C LEU C 255 -7.24 21.29 14.94
N SER C 256 -7.14 21.00 16.23
CA SER C 256 -5.85 20.73 16.83
C SER C 256 -5.27 19.44 16.28
N THR C 257 -6.14 18.48 15.91
CA THR C 257 -5.62 17.20 15.45
C THR C 257 -4.90 17.36 14.11
N ILE C 258 -5.46 18.18 13.22
CA ILE C 258 -4.94 18.28 11.85
C ILE C 258 -3.69 19.14 11.76
N ALA C 259 -3.20 19.66 12.88
CA ALA C 259 -2.05 20.55 12.86
C ALA C 259 -0.76 19.79 12.62
N ARG C 260 -0.64 18.59 13.19
CA ARG C 260 0.60 17.83 13.16
C ARG C 260 0.61 16.74 12.12
N LYS C 261 -0.45 16.62 11.32
CA LYS C 261 -0.49 15.60 10.28
C LYS C 261 0.44 15.90 9.11
N SER C 262 0.95 17.13 9.01
CA SER C 262 1.85 17.51 7.93
C SER C 262 3.31 17.52 8.37
N LEU C 263 3.61 17.02 9.55
CA LEU C 263 4.95 17.11 10.14
C LEU C 263 5.38 15.73 10.60
N PRO C 264 6.68 15.49 10.69
CA PRO C 264 7.17 14.30 11.40
C PRO C 264 6.96 14.44 12.90
N LYS C 265 7.15 13.32 13.60
CA LYS C 265 6.86 13.24 15.02
C LYS C 265 8.06 13.73 15.82
N VAL C 266 8.34 15.02 15.68
CA VAL C 266 9.35 15.68 16.50
C VAL C 266 8.80 15.90 17.90
N SER C 267 9.69 15.89 18.88
CA SER C 267 9.28 15.96 20.28
C SER C 267 9.48 17.35 20.87
N TYR C 268 9.85 18.33 20.06
CA TYR C 268 9.90 19.72 20.48
C TYR C 268 8.66 20.45 19.99
N VAL C 269 8.36 21.57 20.67
CA VAL C 269 7.15 22.33 20.37
C VAL C 269 7.42 23.27 19.21
N THR C 270 6.56 23.23 18.19
CA THR C 270 6.68 24.16 17.09
C THR C 270 5.85 25.40 17.36
N ALA C 271 6.02 26.41 16.51
CA ALA C 271 5.22 27.62 16.63
C ALA C 271 3.74 27.34 16.37
N MET C 272 3.44 26.34 15.55
CA MET C 272 2.05 26.00 15.29
C MET C 272 1.46 25.26 16.49
N ASP C 273 2.25 24.39 17.12
CA ASP C 273 1.74 23.67 18.27
C ASP C 273 1.50 24.65 19.41
N LEU C 274 2.37 25.67 19.52
CA LEU C 274 2.19 26.68 20.54
C LEU C 274 0.95 27.50 20.28
N PHE C 275 0.69 27.83 19.01
CA PHE C 275 -0.46 28.66 18.69
C PHE C 275 -1.75 27.89 18.97
N VAL C 276 -1.78 26.63 18.53
CA VAL C 276 -2.98 25.82 18.72
C VAL C 276 -3.21 25.57 20.20
N SER C 277 -2.12 25.38 20.97
CA SER C 277 -2.27 25.09 22.38
C SER C 277 -2.74 26.32 23.14
N VAL C 278 -2.27 27.50 22.74
CA VAL C 278 -2.74 28.72 23.40
C VAL C 278 -4.20 28.97 23.07
N CYS C 279 -4.61 28.69 21.83
CA CYS C 279 -6.03 28.82 21.50
C CYS C 279 -6.86 27.85 22.32
N PHE C 280 -6.33 26.64 22.53
CA PHE C 280 -7.02 25.66 23.36
C PHE C 280 -7.12 26.13 24.79
N ILE C 281 -6.08 26.81 25.29
CA ILE C 281 -6.11 27.33 26.64
C ILE C 281 -7.16 28.44 26.74
N PHE C 282 -7.27 29.25 25.69
CA PHE C 282 -8.25 30.34 25.72
C PHE C 282 -9.67 29.81 25.75
N VAL C 283 -9.98 28.80 24.92
CA VAL C 283 -11.33 28.26 24.95
C VAL C 283 -11.58 27.47 26.23
N PHE C 284 -10.54 26.81 26.76
CA PHE C 284 -10.69 26.12 28.04
C PHE C 284 -11.00 27.13 29.13
N SER C 285 -10.34 28.28 29.12
CA SER C 285 -10.56 29.23 30.20
C SER C 285 -11.92 29.89 30.01
N ALA C 286 -12.39 30.01 28.76
CA ALA C 286 -13.69 30.62 28.54
C ALA C 286 -14.79 29.69 29.06
N LEU C 287 -14.58 28.38 28.94
CA LEU C 287 -15.57 27.46 29.47
C LEU C 287 -15.49 27.36 30.99
N VAL C 288 -14.28 27.43 31.56
CA VAL C 288 -14.22 27.48 33.01
C VAL C 288 -14.84 28.78 33.51
N GLU C 289 -14.74 29.85 32.70
CA GLU C 289 -15.34 31.11 33.07
C GLU C 289 -16.84 30.97 33.13
N TYR C 290 -17.43 30.25 32.16
CA TYR C 290 -18.87 30.08 32.19
C TYR C 290 -19.28 29.18 33.34
N GLY C 291 -18.49 28.14 33.62
CA GLY C 291 -18.80 27.28 34.76
C GLY C 291 -18.78 28.04 36.08
N THR C 292 -17.84 28.98 36.21
CA THR C 292 -17.77 29.86 37.37
C THR C 292 -18.95 30.82 37.41
N LEU C 293 -19.34 31.36 36.25
CA LEU C 293 -20.47 32.28 36.24
C LEU C 293 -21.74 31.55 36.64
N HIS C 294 -21.94 30.35 36.11
CA HIS C 294 -23.13 29.58 36.44
C HIS C 294 -23.15 29.25 37.92
N TYR C 295 -21.98 28.90 38.49
CA TYR C 295 -21.99 28.55 39.91
C TYR C 295 -22.25 29.79 40.76
N PHE C 296 -21.70 30.94 40.35
CA PHE C 296 -21.82 32.17 41.13
C PHE C 296 -23.19 32.82 41.04
N VAL C 297 -24.01 32.45 40.05
CA VAL C 297 -25.33 33.08 39.94
C VAL C 297 -26.13 32.88 41.23
N SER C 298 -26.08 31.68 41.80
CA SER C 298 -26.77 31.43 43.06
C SER C 298 -26.02 32.03 44.25
N SER C 299 -24.69 31.98 44.24
CA SER C 299 -23.93 32.40 45.42
C SER C 299 -23.70 33.91 45.45
N GLN C 300 -23.04 34.45 44.42
CA GLN C 300 -22.69 35.87 44.36
C GLN C 300 -23.18 36.46 43.04
N PRO C 301 -24.48 36.74 42.93
CA PRO C 301 -25.01 37.18 41.63
C PRO C 301 -24.40 38.47 41.09
N ALA C 302 -24.04 39.42 41.96
CA ALA C 302 -23.42 40.65 41.45
C ALA C 302 -22.04 40.37 40.88
N ARG C 303 -21.25 39.52 41.55
CA ARG C 303 -19.93 39.22 41.01
C ARG C 303 -20.07 38.49 39.68
N ALA C 304 -21.04 37.59 39.58
CA ALA C 304 -21.20 36.87 38.32
C ALA C 304 -21.66 37.84 37.25
N ALA C 305 -22.40 38.88 37.64
CA ALA C 305 -22.86 39.87 36.68
C ALA C 305 -21.67 40.63 36.12
N LYS C 306 -20.71 40.97 36.98
CA LYS C 306 -19.55 41.73 36.55
C LYS C 306 -18.54 40.84 35.83
N MET C 307 -18.64 39.52 36.00
CA MET C 307 -17.63 38.64 35.45
C MET C 307 -17.67 38.64 33.93
N ASP C 308 -18.87 38.65 33.34
CA ASP C 308 -18.95 38.61 31.89
C ASP C 308 -18.50 39.94 31.30
N SER C 309 -18.78 41.04 32.00
CA SER C 309 -18.35 42.34 31.54
C SER C 309 -16.83 42.44 31.55
N TYR C 310 -16.20 41.88 32.59
CA TYR C 310 -14.75 41.91 32.63
C TYR C 310 -14.16 41.00 31.55
N ALA C 311 -14.78 39.84 31.32
CA ALA C 311 -14.29 38.90 30.33
C ALA C 311 -14.40 39.43 28.90
N ARG C 312 -15.43 40.25 28.64
CA ARG C 312 -15.60 40.85 27.32
C ARG C 312 -14.46 41.76 26.93
N ILE C 313 -13.69 42.22 27.89
CA ILE C 313 -12.58 43.12 27.66
C ILE C 313 -11.26 42.37 27.79
N PHE C 314 -11.11 41.58 28.84
CA PHE C 314 -9.85 40.91 29.11
C PHE C 314 -9.53 39.87 28.05
N PHE C 315 -10.50 39.04 27.66
CA PHE C 315 -10.19 37.98 26.70
C PHE C 315 -9.75 38.48 25.33
N PRO C 316 -10.47 39.40 24.67
CA PRO C 316 -9.95 39.92 23.40
C PRO C 316 -8.65 40.68 23.56
N THR C 317 -8.45 41.36 24.68
CA THR C 317 -7.21 42.11 24.86
C THR C 317 -6.04 41.14 25.04
N ALA C 318 -6.22 40.13 25.88
CA ALA C 318 -5.13 39.19 26.13
C ALA C 318 -4.81 38.39 24.88
N PHE C 319 -5.83 38.11 24.05
CA PHE C 319 -5.56 37.34 22.85
C PHE C 319 -4.91 38.19 21.76
N CYS C 320 -5.27 39.47 21.68
CA CYS C 320 -4.58 40.37 20.75
C CYS C 320 -3.14 40.59 21.18
N LEU C 321 -2.90 40.75 22.48
CA LEU C 321 -1.53 40.89 22.96
C LEU C 321 -0.71 39.64 22.69
N PHE C 322 -1.31 38.46 22.91
CA PHE C 322 -0.58 37.23 22.62
C PHE C 322 -0.24 37.13 21.14
N ASN C 323 -1.20 37.47 20.26
CA ASN C 323 -0.93 37.41 18.84
C ASN C 323 0.14 38.41 18.43
N LEU C 324 0.14 39.58 19.06
CA LEU C 324 1.16 40.59 18.76
C LEU C 324 2.54 40.11 19.16
N VAL C 325 2.66 39.47 20.32
CA VAL C 325 3.96 38.97 20.75
C VAL C 325 4.37 37.80 19.86
N TYR C 326 3.42 36.94 19.52
CA TYR C 326 3.73 35.74 18.75
C TYR C 326 4.27 36.14 17.39
N TRP C 327 3.55 37.02 16.68
CA TRP C 327 3.95 37.35 15.32
C TRP C 327 5.17 38.26 15.32
N VAL C 328 5.35 39.09 16.36
CA VAL C 328 6.55 39.91 16.41
C VAL C 328 7.77 39.02 16.60
N SER C 329 7.67 38.05 17.51
CA SER C 329 8.81 37.19 17.81
C SER C 329 9.16 36.35 16.60
N TYR C 330 8.15 35.80 15.91
CA TYR C 330 8.42 34.86 14.84
C TYR C 330 8.61 35.52 13.48
N LEU C 331 8.35 36.83 13.35
CA LEU C 331 8.57 37.48 12.07
C LEU C 331 9.67 38.53 12.09
N TYR C 332 10.00 39.13 13.24
CA TYR C 332 11.00 40.18 13.28
C TYR C 332 12.15 39.92 14.25
N LEU C 333 12.06 38.90 15.10
CA LEU C 333 13.09 38.61 16.07
C LEU C 333 13.62 37.19 16.04
N GLY C 334 12.88 36.25 15.46
CA GLY C 334 13.32 34.86 15.41
C GLY C 334 13.32 34.19 16.77
N ASP D 1 11.92 -24.04 -48.28
CA ASP D 1 12.18 -23.39 -49.56
C ASP D 1 12.23 -21.88 -49.40
N ASN D 2 11.11 -21.29 -48.99
CA ASN D 2 11.04 -19.84 -48.84
C ASN D 2 11.76 -19.36 -47.58
N THR D 3 11.70 -20.17 -46.51
CA THR D 3 12.28 -19.73 -45.25
C THR D 3 13.79 -19.57 -45.38
N THR D 4 14.43 -20.44 -46.18
CA THR D 4 15.87 -20.33 -46.36
C THR D 4 16.24 -19.01 -47.01
N VAL D 5 15.46 -18.59 -48.01
CA VAL D 5 15.70 -17.30 -48.68
C VAL D 5 15.45 -16.15 -47.73
N PHE D 6 14.44 -16.27 -46.87
CA PHE D 6 14.16 -15.19 -45.93
C PHE D 6 15.26 -15.10 -44.88
N THR D 7 15.80 -16.26 -44.48
CA THR D 7 16.82 -16.18 -43.45
C THR D 7 18.11 -15.69 -44.07
N ARG D 8 18.39 -16.04 -45.33
CA ARG D 8 19.62 -15.54 -45.90
C ARG D 8 19.54 -14.03 -46.06
N ILE D 9 18.33 -13.50 -46.34
CA ILE D 9 18.19 -12.06 -46.41
C ILE D 9 18.46 -11.45 -45.05
N LEU D 10 17.89 -12.06 -43.99
CA LEU D 10 18.06 -11.47 -42.67
C LEU D 10 19.50 -11.55 -42.21
N ASP D 11 20.21 -12.60 -42.60
CA ASP D 11 21.62 -12.74 -42.27
C ASP D 11 22.50 -11.96 -43.22
N ARG D 12 21.93 -11.30 -44.22
CA ARG D 12 22.72 -10.57 -45.19
C ARG D 12 22.57 -9.07 -45.01
N LEU D 13 21.43 -8.63 -44.47
CA LEU D 13 21.18 -7.19 -44.36
C LEU D 13 22.21 -6.56 -43.44
N LEU D 14 22.50 -7.22 -42.32
CA LEU D 14 23.35 -6.71 -41.26
C LEU D 14 24.82 -7.05 -41.46
N ASP D 15 25.23 -7.29 -42.71
CA ASP D 15 26.63 -7.49 -43.03
C ASP D 15 27.30 -6.13 -43.14
N GLY D 16 28.24 -5.85 -42.24
CA GLY D 16 28.85 -4.53 -42.25
C GLY D 16 27.85 -3.45 -41.89
N TYR D 17 27.05 -3.69 -40.85
CA TYR D 17 26.04 -2.75 -40.39
C TYR D 17 26.43 -2.22 -39.03
N ASP D 18 26.33 -0.90 -38.85
CA ASP D 18 26.65 -0.23 -37.60
C ASP D 18 25.40 0.48 -37.09
N ASN D 19 24.86 -0.02 -35.98
CA ASN D 19 23.67 0.59 -35.40
C ASN D 19 23.98 1.80 -34.55
N ARG D 20 25.27 2.07 -34.31
CA ARG D 20 25.71 3.27 -33.63
C ARG D 20 25.62 4.53 -34.49
N LEU D 21 25.38 4.39 -35.78
CA LEU D 21 25.30 5.52 -36.71
C LEU D 21 23.89 5.63 -37.26
N ARG D 22 23.39 6.85 -37.32
CA ARG D 22 22.06 7.10 -37.84
C ARG D 22 22.04 7.00 -39.36
N PRO D 23 20.88 6.72 -39.96
CA PRO D 23 20.78 6.72 -41.42
C PRO D 23 21.10 8.09 -42.01
N GLY D 24 21.79 8.07 -43.15
CA GLY D 24 22.18 9.32 -43.79
C GLY D 24 23.17 10.13 -42.99
N LEU D 25 24.07 9.48 -42.26
CA LEU D 25 25.05 10.17 -41.44
C LEU D 25 26.03 10.92 -42.33
N GLY D 26 25.98 12.25 -42.29
CA GLY D 26 26.86 13.07 -43.08
C GLY D 26 26.43 13.33 -44.50
N GLU D 27 25.19 12.99 -44.86
CA GLU D 27 24.73 13.24 -46.22
C GLU D 27 23.40 13.98 -46.24
N ARG D 28 22.57 13.76 -45.22
CA ARG D 28 21.23 14.34 -45.17
C ARG D 28 20.80 14.38 -43.72
N VAL D 29 19.59 14.88 -43.49
CA VAL D 29 19.00 14.96 -42.17
C VAL D 29 17.91 13.90 -42.07
N THR D 30 18.03 13.01 -41.09
CA THR D 30 17.05 11.95 -40.93
C THR D 30 15.71 12.54 -40.51
N GLU D 31 14.65 12.12 -41.20
CA GLU D 31 13.29 12.59 -40.93
C GLU D 31 12.48 11.47 -40.33
N VAL D 32 11.81 11.75 -39.21
CA VAL D 32 11.00 10.77 -38.51
C VAL D 32 9.56 11.23 -38.52
N LYS D 33 8.67 10.34 -38.95
CA LYS D 33 7.22 10.56 -38.92
C LYS D 33 6.66 9.91 -37.67
N THR D 34 5.84 10.65 -36.92
CA THR D 34 5.37 10.19 -35.64
C THR D 34 3.86 10.30 -35.57
N ASP D 35 3.23 9.31 -34.96
CA ASP D 35 1.81 9.36 -34.64
C ASP D 35 1.52 8.59 -33.36
N ILE D 36 0.44 8.97 -32.69
CA ILE D 36 0.08 8.40 -31.40
C ILE D 36 -1.38 7.97 -31.45
N PHE D 37 -1.65 6.80 -30.88
CA PHE D 37 -3.01 6.30 -30.68
C PHE D 37 -3.20 6.11 -29.18
N VAL D 38 -4.09 6.89 -28.59
CA VAL D 38 -4.34 6.85 -27.15
C VAL D 38 -5.36 5.75 -26.88
N THR D 39 -4.92 4.67 -26.23
CA THR D 39 -5.84 3.60 -25.90
C THR D 39 -6.73 3.98 -24.73
N SER D 40 -6.19 4.70 -23.76
CA SER D 40 -6.97 5.11 -22.59
C SER D 40 -6.29 6.32 -21.96
N PHE D 41 -7.04 7.41 -21.82
CA PHE D 41 -6.56 8.61 -21.14
C PHE D 41 -6.78 8.42 -19.64
N GLY D 42 -5.73 8.04 -18.93
CA GLY D 42 -5.87 7.61 -17.56
C GLY D 42 -6.22 8.71 -16.58
N PRO D 43 -6.05 8.42 -15.29
CA PRO D 43 -6.47 9.37 -14.25
C PRO D 43 -5.59 10.62 -14.23
N VAL D 44 -6.17 11.70 -13.70
CA VAL D 44 -5.46 12.95 -13.49
C VAL D 44 -5.40 13.19 -11.99
N SER D 45 -4.18 13.36 -11.46
CA SER D 45 -3.96 13.54 -10.03
C SER D 45 -3.71 15.01 -9.71
N ASP D 46 -4.67 15.65 -9.05
CA ASP D 46 -4.52 17.05 -8.69
C ASP D 46 -3.45 17.23 -7.62
N HIS D 47 -3.32 16.26 -6.71
CA HIS D 47 -2.34 16.35 -5.63
C HIS D 47 -0.90 16.26 -6.14
N ASP D 48 -0.66 15.48 -7.18
CA ASP D 48 0.71 15.29 -7.67
C ASP D 48 1.01 16.09 -8.92
N MET D 49 0.02 16.82 -9.46
CA MET D 49 0.18 17.64 -10.65
C MET D 49 0.73 16.82 -11.80
N GLU D 50 0.09 15.70 -12.08
CA GLU D 50 0.56 14.80 -13.13
C GLU D 50 -0.62 13.94 -13.60
N TYR D 51 -0.43 13.29 -14.74
CA TYR D 51 -1.48 12.47 -15.31
C TYR D 51 -0.84 11.27 -15.98
N THR D 52 -1.67 10.28 -16.28
CA THR D 52 -1.26 9.03 -16.91
C THR D 52 -1.96 8.89 -18.25
N ILE D 53 -1.28 8.24 -19.18
CA ILE D 53 -1.84 8.00 -20.50
C ILE D 53 -1.23 6.71 -21.04
N ASP D 54 -2.05 5.89 -21.68
CA ASP D 54 -1.59 4.66 -22.31
C ASP D 54 -1.68 4.85 -23.81
N VAL D 55 -0.56 4.67 -24.52
CA VAL D 55 -0.52 5.02 -25.92
C VAL D 55 0.19 3.94 -26.74
N PHE D 56 -0.12 3.96 -28.03
CA PHE D 56 0.65 3.29 -29.06
C PHE D 56 1.44 4.37 -29.77
N PHE D 57 2.76 4.20 -29.80
CA PHE D 57 3.70 5.18 -30.33
C PHE D 57 4.24 4.61 -31.62
N ARG D 58 3.98 5.28 -32.74
CA ARG D 58 4.35 4.78 -34.06
C ARG D 58 5.29 5.77 -34.73
N GLN D 59 6.42 5.25 -35.22
CA GLN D 59 7.48 6.03 -35.82
C GLN D 59 7.87 5.41 -37.15
N SER D 60 8.07 6.25 -38.15
CA SER D 60 8.42 5.80 -39.49
C SER D 60 9.64 6.57 -39.97
N TRP D 61 10.57 5.87 -40.60
CA TRP D 61 11.75 6.55 -41.16
C TRP D 61 12.34 5.68 -42.24
N LYS D 62 13.30 6.25 -42.97
CA LYS D 62 13.89 5.58 -44.12
C LYS D 62 15.36 5.29 -43.85
N ASP D 63 15.75 4.02 -44.05
CA ASP D 63 17.11 3.56 -43.90
C ASP D 63 17.48 2.81 -45.18
N GLU D 64 18.32 3.42 -46.01
CA GLU D 64 18.68 2.82 -47.28
C GLU D 64 19.61 1.62 -47.12
N ARG D 65 20.19 1.42 -45.94
CA ARG D 65 21.04 0.27 -45.68
C ARG D 65 20.27 -1.03 -45.53
N LEU D 66 18.93 -0.98 -45.50
CA LEU D 66 18.12 -2.16 -45.28
C LEU D 66 17.22 -2.50 -46.46
N LYS D 67 17.60 -2.10 -47.68
CA LYS D 67 16.83 -2.50 -48.84
C LYS D 67 16.99 -4.00 -49.09
N PHE D 68 15.93 -4.62 -49.57
CA PHE D 68 15.96 -6.05 -49.86
C PHE D 68 15.07 -6.34 -51.05
N LYS D 69 15.30 -7.50 -51.67
CA LYS D 69 14.52 -7.98 -52.80
C LYS D 69 13.99 -9.37 -52.49
N GLY D 70 12.70 -9.58 -52.72
CA GLY D 70 12.06 -10.85 -52.47
C GLY D 70 10.57 -10.78 -52.71
N PRO D 71 9.91 -11.94 -52.70
CA PRO D 71 8.46 -11.94 -52.92
C PRO D 71 7.68 -11.19 -51.86
N MET D 72 8.13 -11.22 -50.61
CA MET D 72 7.44 -10.55 -49.51
C MET D 72 7.89 -9.09 -49.46
N THR D 73 7.02 -8.19 -49.90
CA THR D 73 7.39 -6.78 -49.95
C THR D 73 7.47 -6.16 -48.55
N VAL D 74 6.89 -6.81 -47.55
CA VAL D 74 6.89 -6.32 -46.18
C VAL D 74 7.30 -7.46 -45.26
N LEU D 75 8.23 -7.17 -44.35
CA LEU D 75 8.68 -8.15 -43.37
C LEU D 75 8.44 -7.60 -41.97
N ARG D 76 7.75 -8.37 -41.14
CA ARG D 76 7.45 -7.97 -39.76
C ARG D 76 8.22 -8.88 -38.82
N LEU D 77 9.01 -8.29 -37.93
CA LEU D 77 9.88 -9.03 -37.04
C LEU D 77 9.45 -8.75 -35.60
N ASN D 78 9.62 -9.73 -34.72
CA ASN D 78 9.28 -9.47 -33.32
C ASN D 78 10.17 -8.54 -32.50
N ASN D 79 11.31 -9.03 -32.01
CA ASN D 79 12.13 -8.19 -31.13
C ASN D 79 13.64 -8.37 -31.16
N LEU D 80 14.12 -9.56 -31.53
CA LEU D 80 15.56 -9.77 -31.62
C LEU D 80 16.21 -8.96 -32.74
N MET D 81 15.61 -8.90 -33.92
CA MET D 81 16.28 -8.09 -34.93
C MET D 81 16.07 -6.60 -34.70
N ALA D 82 14.92 -6.19 -34.15
CA ALA D 82 14.72 -4.76 -33.97
C ALA D 82 15.70 -4.13 -32.99
N SER D 83 16.33 -4.91 -32.11
CA SER D 83 17.32 -4.32 -31.23
C SER D 83 18.71 -4.26 -31.86
N LYS D 84 18.87 -4.77 -33.08
CA LYS D 84 20.15 -4.77 -33.76
C LYS D 84 20.22 -3.72 -34.87
N ILE D 85 19.27 -2.79 -34.91
CA ILE D 85 19.26 -1.70 -35.87
C ILE D 85 19.20 -0.36 -35.16
N TRP D 86 19.21 0.72 -35.92
CA TRP D 86 19.21 2.06 -35.37
C TRP D 86 17.78 2.53 -35.20
N THR D 87 17.44 3.01 -34.01
CA THR D 87 16.13 3.58 -33.78
C THR D 87 16.27 4.94 -33.12
N PRO D 88 15.31 5.84 -33.36
CA PRO D 88 15.38 7.17 -32.73
C PRO D 88 15.32 7.06 -31.22
N ASP D 89 16.08 7.92 -30.56
CA ASP D 89 16.13 7.92 -29.09
C ASP D 89 15.15 8.95 -28.54
N THR D 90 13.89 8.76 -28.90
CA THR D 90 12.84 9.67 -28.47
C THR D 90 12.62 9.56 -26.96
N PHE D 91 12.40 10.71 -26.33
CA PHE D 91 12.09 10.78 -24.91
C PHE D 91 11.14 11.94 -24.70
N PHE D 92 10.40 11.86 -23.60
CA PHE D 92 9.42 12.88 -23.24
C PHE D 92 10.05 13.88 -22.28
N HIS D 93 9.99 15.16 -22.65
CA HIS D 93 10.68 16.18 -21.86
C HIS D 93 10.07 16.33 -20.48
N ASN D 94 8.74 16.40 -20.42
CA ASN D 94 8.02 16.52 -19.16
C ASN D 94 7.59 15.18 -18.61
N GLY D 95 8.07 14.07 -19.19
CA GLY D 95 7.62 12.76 -18.75
C GLY D 95 8.31 12.34 -17.47
N LYS D 96 7.53 11.83 -16.54
CA LYS D 96 8.04 11.24 -15.30
C LYS D 96 8.26 9.74 -15.54
N LYS D 97 8.43 8.97 -14.47
CA LYS D 97 8.60 7.53 -14.57
C LYS D 97 7.53 6.92 -15.46
N SER D 98 7.97 6.33 -16.57
CA SER D 98 7.07 5.70 -17.52
C SER D 98 7.40 4.22 -17.60
N VAL D 99 6.47 3.46 -18.18
CA VAL D 99 6.55 2.00 -18.19
C VAL D 99 6.45 1.53 -19.63
N ALA D 100 7.33 0.62 -20.03
CA ALA D 100 7.19 -0.10 -21.28
C ALA D 100 6.77 -1.53 -20.97
N HIS D 101 5.61 -1.93 -21.48
CA HIS D 101 5.00 -3.19 -21.06
C HIS D 101 5.74 -4.38 -21.64
N ASN D 102 5.85 -5.44 -20.84
CA ASN D 102 6.67 -6.60 -21.16
C ASN D 102 5.90 -7.90 -20.97
N MET D 103 4.58 -7.86 -21.12
CA MET D 103 3.73 -9.02 -20.92
C MET D 103 2.87 -9.26 -22.14
N THR D 104 2.89 -10.49 -22.68
CA THR D 104 3.77 -11.55 -22.19
C THR D 104 5.12 -11.48 -22.89
N MET D 105 5.23 -10.54 -23.82
CA MET D 105 6.42 -10.32 -24.63
C MET D 105 6.62 -8.82 -24.75
N PRO D 106 7.83 -8.39 -25.12
CA PRO D 106 8.04 -6.95 -25.37
C PRO D 106 7.06 -6.43 -26.40
N ASN D 107 6.33 -5.39 -26.03
CA ASN D 107 5.28 -4.80 -26.86
C ASN D 107 5.93 -3.85 -27.86
N LYS D 108 6.73 -4.43 -28.75
CA LYS D 108 7.45 -3.72 -29.78
C LYS D 108 7.27 -4.43 -31.10
N LEU D 109 7.11 -3.66 -32.17
CA LEU D 109 6.93 -4.20 -33.52
C LEU D 109 7.76 -3.41 -34.53
N LEU D 110 8.50 -4.14 -35.36
CA LEU D 110 9.31 -3.54 -36.40
C LEU D 110 8.96 -4.15 -37.75
N ARG D 111 8.53 -3.29 -38.68
CA ARG D 111 8.19 -3.69 -40.03
C ARG D 111 9.17 -3.02 -40.99
N ILE D 112 9.52 -3.73 -42.06
CA ILE D 112 10.43 -3.23 -43.08
C ILE D 112 9.75 -3.38 -44.43
N THR D 113 9.85 -2.36 -45.26
CA THR D 113 9.38 -2.41 -46.63
C THR D 113 10.54 -2.60 -47.60
N GLU D 114 10.21 -2.84 -48.86
CA GLU D 114 11.22 -3.19 -49.85
C GLU D 114 12.19 -2.03 -50.09
N ASP D 115 11.68 -0.80 -50.07
CA ASP D 115 12.53 0.37 -50.30
C ASP D 115 13.44 0.68 -49.12
N GLY D 116 13.23 0.04 -47.98
CA GLY D 116 14.03 0.29 -46.80
C GLY D 116 13.35 1.15 -45.75
N THR D 117 12.07 1.46 -45.94
CA THR D 117 11.32 2.21 -44.95
C THR D 117 10.97 1.31 -43.77
N LEU D 118 11.22 1.80 -42.56
CA LEU D 118 10.99 1.07 -41.33
C LEU D 118 9.87 1.72 -40.55
N LEU D 119 9.06 0.87 -39.92
CA LEU D 119 7.99 1.28 -39.02
C LEU D 119 8.20 0.62 -37.67
N TYR D 120 8.22 1.42 -36.62
CA TYR D 120 8.53 0.98 -35.26
C TYR D 120 7.35 1.39 -34.39
N THR D 121 6.75 0.43 -33.71
CA THR D 121 5.60 0.70 -32.86
C THR D 121 5.85 0.13 -31.48
N MET D 122 5.38 0.83 -30.46
CA MET D 122 5.54 0.36 -29.10
C MET D 122 4.36 0.83 -28.27
N ARG D 123 4.10 0.11 -27.17
CA ARG D 123 3.03 0.46 -26.25
C ARG D 123 3.65 0.98 -24.95
N LEU D 124 3.20 2.15 -24.53
CA LEU D 124 3.81 2.83 -23.41
C LEU D 124 2.74 3.35 -22.47
N THR D 125 3.15 3.53 -21.21
CA THR D 125 2.34 4.18 -20.20
C THR D 125 3.11 5.40 -19.73
N VAL D 126 2.74 6.55 -20.27
CA VAL D 126 3.45 7.80 -20.03
C VAL D 126 2.80 8.51 -18.86
N ARG D 127 3.61 8.94 -17.90
CA ARG D 127 3.14 9.72 -16.77
C ARG D 127 3.85 11.06 -16.85
N ALA D 128 3.07 12.13 -17.05
CA ALA D 128 3.65 13.42 -17.35
C ALA D 128 3.10 14.49 -16.41
N GLU D 129 3.88 15.56 -16.25
CA GLU D 129 3.50 16.67 -15.39
C GLU D 129 2.51 17.57 -16.10
N CYS D 130 1.51 18.05 -15.36
CA CYS D 130 0.53 19.00 -15.85
C CYS D 130 0.40 20.13 -14.84
N PRO D 131 1.19 21.20 -14.97
CA PRO D 131 1.05 22.34 -14.06
C PRO D 131 -0.36 22.91 -14.13
N MET D 132 -0.89 23.27 -12.97
CA MET D 132 -2.26 23.72 -12.86
C MET D 132 -2.34 25.03 -12.10
N HIS D 133 -3.24 25.89 -12.52
CA HIS D 133 -3.57 27.13 -11.81
C HIS D 133 -4.98 26.93 -11.27
N LEU D 134 -5.07 26.63 -9.98
CA LEU D 134 -6.33 26.24 -9.35
C LEU D 134 -7.05 27.43 -8.72
N GLU D 135 -6.85 28.64 -9.24
CA GLU D 135 -7.53 29.80 -8.71
C GLU D 135 -9.04 29.74 -8.94
N ASP D 136 -9.47 29.10 -10.04
CA ASP D 136 -10.89 28.98 -10.36
C ASP D 136 -11.50 27.68 -9.89
N PHE D 137 -10.81 26.93 -9.03
CA PHE D 137 -11.32 25.67 -8.53
C PHE D 137 -12.65 25.89 -7.80
N PRO D 138 -13.65 25.01 -8.02
CA PRO D 138 -13.65 23.83 -8.87
C PRO D 138 -14.23 24.09 -10.25
N MET D 139 -14.11 25.30 -10.75
CA MET D 139 -14.63 25.71 -12.05
C MET D 139 -13.48 26.03 -12.99
N ASP D 140 -12.44 25.22 -12.96
CA ASP D 140 -11.20 25.46 -13.68
C ASP D 140 -11.11 24.61 -14.93
N ALA D 141 -10.26 25.07 -15.85
CA ALA D 141 -9.93 24.36 -17.08
C ALA D 141 -8.42 24.33 -17.22
N HIS D 142 -7.91 23.23 -17.73
CA HIS D 142 -6.47 23.00 -17.82
C HIS D 142 -6.09 22.47 -19.19
N ALA D 143 -4.83 22.65 -19.55
CA ALA D 143 -4.30 22.14 -20.80
C ALA D 143 -3.00 21.41 -20.49
N CYS D 144 -3.07 20.08 -20.44
CA CYS D 144 -1.94 19.26 -20.06
C CYS D 144 -1.09 18.96 -21.28
N PRO D 145 0.21 19.24 -21.23
CA PRO D 145 1.07 19.00 -22.40
C PRO D 145 1.70 17.61 -22.39
N LEU D 146 2.11 17.22 -23.59
CA LEU D 146 2.89 16.01 -23.84
C LEU D 146 3.92 16.39 -24.89
N LYS D 147 5.18 16.54 -24.47
CA LYS D 147 6.24 17.02 -25.34
C LYS D 147 7.30 15.95 -25.47
N PHE D 148 7.75 15.69 -26.70
CA PHE D 148 8.77 14.67 -26.89
C PHE D 148 9.74 15.09 -27.98
N GLY D 149 10.92 14.49 -27.95
CA GLY D 149 11.93 14.80 -28.95
C GLY D 149 13.11 13.87 -28.83
N SER D 150 14.19 14.23 -29.52
CA SER D 150 15.41 13.44 -29.50
C SER D 150 16.33 13.91 -28.40
N TYR D 151 16.86 12.97 -27.62
CA TYR D 151 17.72 13.33 -26.49
C TYR D 151 19.11 13.74 -26.93
N ALA D 152 19.69 13.04 -27.91
CA ALA D 152 21.09 13.19 -28.24
C ALA D 152 21.35 13.84 -29.60
N TYR D 153 20.36 13.94 -30.47
CA TYR D 153 20.54 14.45 -31.81
C TYR D 153 19.93 15.84 -31.94
N THR D 154 20.74 16.79 -32.41
CA THR D 154 20.26 18.15 -32.64
C THR D 154 19.43 18.22 -33.92
N ARG D 155 18.83 19.39 -34.15
CA ARG D 155 17.93 19.53 -35.29
C ARG D 155 18.66 19.46 -36.62
N ALA D 156 19.98 19.53 -36.62
CA ALA D 156 20.74 19.33 -37.85
C ALA D 156 20.92 17.86 -38.20
N GLU D 157 20.60 16.94 -37.29
CA GLU D 157 20.74 15.52 -37.52
C GLU D 157 19.40 14.80 -37.66
N VAL D 158 18.49 15.01 -36.71
CA VAL D 158 17.20 14.34 -36.70
C VAL D 158 16.11 15.39 -36.56
N VAL D 159 15.08 15.30 -37.39
CA VAL D 159 13.92 16.18 -37.33
C VAL D 159 12.68 15.30 -37.27
N TYR D 160 11.68 15.75 -36.51
CA TYR D 160 10.44 15.00 -36.34
C TYR D 160 9.31 15.68 -37.11
N GLU D 161 8.43 14.86 -37.66
CA GLU D 161 7.23 15.34 -38.33
C GLU D 161 6.07 14.41 -38.01
N TRP D 162 4.86 14.93 -38.12
CA TRP D 162 3.67 14.11 -37.98
C TRP D 162 3.39 13.34 -39.26
N THR D 163 2.88 12.11 -39.12
CA THR D 163 2.64 11.27 -40.28
C THR D 163 1.59 11.86 -41.19
N ARG D 164 0.55 12.47 -40.61
CA ARG D 164 -0.54 13.05 -41.39
C ARG D 164 -0.73 14.51 -41.00
N GLU D 165 -1.84 15.10 -41.39
CA GLU D 165 -2.19 16.42 -40.89
C GLU D 165 -2.17 16.40 -39.36
N PRO D 166 -1.68 17.47 -38.72
CA PRO D 166 -1.47 17.42 -37.26
C PRO D 166 -2.71 17.05 -36.47
N ALA D 167 -3.89 17.49 -36.90
CA ALA D 167 -5.11 17.09 -36.20
C ALA D 167 -5.32 15.58 -36.28
N ARG D 168 -5.06 14.99 -37.44
CA ARG D 168 -5.29 13.59 -37.69
C ARG D 168 -4.14 12.69 -37.27
N SER D 169 -3.05 13.26 -36.74
CA SER D 169 -1.89 12.46 -36.36
C SER D 169 -1.95 12.00 -34.91
N VAL D 170 -2.90 12.50 -34.13
CA VAL D 170 -3.13 12.06 -32.77
C VAL D 170 -4.57 11.56 -32.70
N VAL D 171 -4.75 10.30 -32.35
CA VAL D 171 -6.07 9.67 -32.40
C VAL D 171 -6.39 9.15 -31.01
N VAL D 172 -7.62 9.40 -30.56
CA VAL D 172 -8.07 8.95 -29.24
C VAL D 172 -9.21 7.96 -29.43
N ALA D 173 -9.11 6.83 -28.73
CA ALA D 173 -10.17 5.83 -28.76
C ALA D 173 -11.44 6.35 -28.08
N GLU D 174 -12.58 5.91 -28.59
CA GLU D 174 -13.86 6.34 -28.03
C GLU D 174 -14.04 5.83 -26.61
N ASP D 175 -13.60 4.60 -26.33
CA ASP D 175 -13.65 4.03 -24.99
C ASP D 175 -12.42 4.38 -24.16
N GLY D 176 -11.53 5.22 -24.68
CA GLY D 176 -10.28 5.51 -24.01
C GLY D 176 -10.33 6.71 -23.09
N SER D 177 -11.43 6.88 -22.37
CA SER D 177 -11.54 7.94 -21.37
C SER D 177 -11.71 7.32 -20.00
N ARG D 178 -10.82 7.70 -19.08
CA ARG D 178 -10.78 7.17 -17.72
C ARG D 178 -10.76 8.33 -16.73
N LEU D 179 -11.62 9.31 -16.96
CA LEU D 179 -11.65 10.53 -16.17
C LEU D 179 -12.90 10.51 -15.31
N ASN D 180 -12.73 10.29 -14.02
CA ASN D 180 -13.85 10.33 -13.10
C ASN D 180 -14.43 11.73 -13.00
N GLN D 181 -13.58 12.76 -13.01
CA GLN D 181 -14.00 14.12 -12.70
C GLN D 181 -13.62 15.14 -13.77
N TYR D 182 -13.26 14.69 -14.96
CA TYR D 182 -12.86 15.60 -16.03
C TYR D 182 -13.57 15.25 -17.33
N ASP D 183 -13.72 16.27 -18.19
CA ASP D 183 -14.20 16.10 -19.55
C ASP D 183 -13.10 16.46 -20.52
N LEU D 184 -12.81 15.56 -21.46
CA LEU D 184 -11.76 15.80 -22.44
C LEU D 184 -12.38 16.56 -23.60
N LEU D 185 -12.12 17.87 -23.67
CA LEU D 185 -12.73 18.71 -24.68
C LEU D 185 -12.10 18.51 -26.04
N GLY D 186 -10.78 18.35 -26.09
CA GLY D 186 -10.09 18.24 -27.36
C GLY D 186 -8.60 18.29 -27.16
N GLN D 187 -7.90 18.41 -28.29
CA GLN D 187 -6.44 18.44 -28.28
C GLN D 187 -5.93 19.38 -29.36
N THR D 188 -4.71 19.86 -29.15
CA THR D 188 -4.01 20.73 -30.07
C THR D 188 -2.65 20.11 -30.35
N VAL D 189 -2.23 20.13 -31.60
CA VAL D 189 -0.99 19.49 -32.03
C VAL D 189 -0.06 20.54 -32.59
N ASP D 190 1.19 20.56 -32.11
CA ASP D 190 2.14 21.61 -32.45
C ASP D 190 3.53 21.01 -32.63
N SER D 191 4.40 21.79 -33.27
CA SER D 191 5.80 21.44 -33.41
C SER D 191 6.64 22.70 -33.20
N GLY D 192 7.88 22.51 -32.77
CA GLY D 192 8.71 23.66 -32.49
C GLY D 192 10.15 23.28 -32.21
N ILE D 193 10.87 24.23 -31.65
CA ILE D 193 12.30 24.09 -31.39
C ILE D 193 12.58 24.51 -29.96
N VAL D 194 13.48 23.78 -29.30
CA VAL D 194 13.95 24.14 -27.96
C VAL D 194 15.46 24.34 -28.03
N GLN D 195 15.94 25.26 -27.21
CA GLN D 195 17.34 25.65 -27.20
C GLN D 195 17.95 25.31 -25.85
N SER D 196 19.08 24.61 -25.88
CA SER D 196 19.78 24.21 -24.66
C SER D 196 21.24 24.60 -24.73
N SER D 197 22.03 24.13 -23.77
CA SER D 197 23.48 24.35 -23.79
C SER D 197 24.19 23.40 -24.73
N THR D 198 23.51 22.35 -25.20
CA THR D 198 24.12 21.38 -26.12
C THR D 198 23.68 21.57 -27.55
N GLY D 199 22.76 22.47 -27.83
CA GLY D 199 22.33 22.76 -29.18
C GLY D 199 20.83 22.97 -29.24
N GLU D 200 20.31 22.99 -30.46
CA GLU D 200 18.89 23.15 -30.73
C GLU D 200 18.28 21.80 -31.08
N TYR D 201 17.09 21.54 -30.53
CA TYR D 201 16.42 20.26 -30.72
C TYR D 201 14.99 20.48 -31.18
N VAL D 202 14.49 19.57 -31.99
CA VAL D 202 13.11 19.61 -32.46
C VAL D 202 12.22 18.97 -31.40
N VAL D 203 11.11 19.63 -31.08
CA VAL D 203 10.19 19.14 -30.06
C VAL D 203 8.80 19.08 -30.64
N MET D 204 8.10 17.97 -30.43
CA MET D 204 6.72 17.80 -30.87
C MET D 204 5.83 17.86 -29.64
N THR D 205 4.76 18.65 -29.74
CA THR D 205 3.93 18.99 -28.59
C THR D 205 2.48 18.59 -28.87
N THR D 206 1.81 18.13 -27.83
CA THR D 206 0.38 17.86 -27.87
C THR D 206 -0.23 18.37 -26.58
N HIS D 207 -1.36 19.05 -26.69
CA HIS D 207 -2.03 19.58 -25.52
C HIS D 207 -3.43 18.99 -25.45
N PHE D 208 -3.79 18.49 -24.27
CA PHE D 208 -5.12 17.95 -24.02
C PHE D 208 -5.86 18.89 -23.09
N HIS D 209 -7.07 19.29 -23.50
CA HIS D 209 -7.84 20.27 -22.76
C HIS D 209 -8.84 19.56 -21.86
N LEU D 210 -8.86 19.94 -20.60
CA LEU D 210 -9.68 19.28 -19.59
C LEU D 210 -10.53 20.33 -18.89
N LYS D 211 -11.75 19.94 -18.55
CA LYS D 211 -12.67 20.75 -17.77
C LYS D 211 -13.20 19.93 -16.60
N ARG D 212 -13.04 20.46 -15.40
CA ARG D 212 -13.46 19.76 -14.19
C ARG D 212 -14.97 19.75 -14.08
N LYS D 213 -15.49 18.66 -13.53
CA LYS D 213 -16.93 18.50 -13.33
C LYS D 213 -17.29 19.06 -11.97
N ILE D 214 -18.39 19.82 -11.92
CA ILE D 214 -18.71 20.60 -10.74
C ILE D 214 -19.90 20.08 -9.96
N GLY D 215 -20.67 19.13 -10.52
CA GLY D 215 -21.87 18.68 -9.82
C GLY D 215 -21.55 18.04 -8.48
N TYR D 216 -20.37 17.44 -8.35
CA TYR D 216 -19.97 16.87 -7.08
C TYR D 216 -19.80 17.95 -6.03
N PHE D 217 -19.16 19.06 -6.40
CA PHE D 217 -18.93 20.10 -5.41
C PHE D 217 -20.22 20.86 -5.14
N VAL D 218 -21.12 20.87 -6.11
CA VAL D 218 -22.43 21.50 -5.93
C VAL D 218 -23.22 20.74 -4.89
N ILE D 219 -23.24 19.41 -4.99
CA ILE D 219 -24.07 18.64 -4.07
C ILE D 219 -23.38 18.46 -2.72
N GLN D 220 -22.05 18.46 -2.68
CA GLN D 220 -21.35 18.18 -1.44
C GLN D 220 -21.07 19.44 -0.62
N THR D 221 -20.78 20.55 -1.28
CA THR D 221 -20.36 21.78 -0.60
C THR D 221 -21.33 22.94 -0.78
N TYR D 222 -21.68 23.27 -2.03
CA TYR D 222 -22.42 24.50 -2.31
C TYR D 222 -23.84 24.45 -1.77
N LEU D 223 -24.57 23.36 -2.05
CA LEU D 223 -25.95 23.26 -1.58
C LEU D 223 -26.08 23.26 -0.07
N PRO D 224 -25.29 22.48 0.69
CA PRO D 224 -25.40 22.59 2.16
C PRO D 224 -25.09 23.97 2.68
N CYS D 225 -24.14 24.69 2.06
CA CYS D 225 -23.81 26.02 2.55
C CYS D 225 -24.94 27.00 2.24
N ILE D 226 -25.56 26.85 1.08
CA ILE D 226 -26.67 27.74 0.73
C ILE D 226 -27.84 27.47 1.67
N MET D 227 -28.08 26.20 1.99
CA MET D 227 -29.20 25.88 2.86
C MET D 227 -28.94 26.38 4.28
N THR D 228 -27.68 26.31 4.72
CA THR D 228 -27.35 26.81 6.05
C THR D 228 -27.48 28.32 6.12
N VAL D 229 -27.12 29.02 5.04
CA VAL D 229 -27.32 30.47 5.01
C VAL D 229 -28.81 30.80 5.04
N ILE D 230 -29.62 30.03 4.30
CA ILE D 230 -31.05 30.30 4.30
C ILE D 230 -31.63 30.07 5.69
N LEU D 231 -31.17 29.01 6.38
CA LEU D 231 -31.65 28.79 7.74
C LEU D 231 -31.24 29.93 8.66
N SER D 232 -30.02 30.45 8.47
CA SER D 232 -29.60 31.54 9.33
C SER D 232 -30.44 32.77 9.10
N GLN D 233 -30.92 32.99 7.87
CA GLN D 233 -31.78 34.14 7.73
C GLN D 233 -33.22 33.82 8.08
N VAL D 234 -33.57 32.53 8.16
CA VAL D 234 -34.88 32.13 8.65
C VAL D 234 -35.00 32.48 10.12
N SER D 235 -33.87 32.48 10.83
CA SER D 235 -33.90 32.76 12.27
C SER D 235 -34.45 34.15 12.56
N PHE D 236 -34.33 35.08 11.61
CA PHE D 236 -34.76 36.47 11.77
C PHE D 236 -36.27 36.64 11.86
N TRP D 237 -37.07 35.62 11.53
CA TRP D 237 -38.52 35.74 11.55
C TRP D 237 -39.18 35.17 12.79
N LEU D 238 -38.41 34.67 13.76
CA LEU D 238 -38.97 34.18 15.00
C LEU D 238 -39.06 35.29 16.03
N ASN D 239 -40.05 35.17 16.91
CA ASN D 239 -40.30 36.21 17.91
C ASN D 239 -39.13 36.27 18.89
N ARG D 240 -38.87 37.47 19.41
CA ARG D 240 -37.67 37.67 20.19
C ARG D 240 -37.74 37.01 21.56
N GLU D 241 -38.93 36.62 22.01
CA GLU D 241 -39.02 35.90 23.28
C GLU D 241 -38.57 34.45 23.14
N SER D 242 -38.54 33.92 21.92
CA SER D 242 -38.16 32.53 21.66
C SER D 242 -36.64 32.45 21.59
N VAL D 243 -36.02 32.60 22.75
CA VAL D 243 -34.56 32.55 22.84
C VAL D 243 -33.99 31.19 22.44
N PRO D 244 -34.50 30.07 22.94
CA PRO D 244 -33.93 28.78 22.51
C PRO D 244 -34.07 28.50 21.01
N ALA D 245 -35.21 28.83 20.39
CA ALA D 245 -35.35 28.48 18.98
C ALA D 245 -34.36 29.25 18.11
N ARG D 246 -34.19 30.54 18.36
CA ARG D 246 -33.30 31.32 17.51
C ARG D 246 -31.85 31.06 17.85
N THR D 247 -31.56 30.78 19.12
CA THR D 247 -30.19 30.45 19.50
C THR D 247 -29.78 29.12 18.89
N VAL D 248 -30.65 28.11 18.95
CA VAL D 248 -30.31 26.83 18.35
C VAL D 248 -30.18 26.97 16.84
N PHE D 249 -31.04 27.76 16.20
CA PHE D 249 -30.90 27.98 14.77
C PHE D 249 -29.54 28.60 14.44
N GLY D 250 -29.14 29.61 15.22
CA GLY D 250 -27.90 30.30 14.95
C GLY D 250 -26.70 29.40 15.18
N VAL D 251 -26.72 28.66 16.28
CA VAL D 251 -25.51 27.94 16.64
C VAL D 251 -25.41 26.68 15.82
N THR D 252 -26.54 26.14 15.38
CA THR D 252 -26.47 24.95 14.55
C THR D 252 -26.05 25.31 13.16
N THR D 253 -26.43 26.49 12.66
CA THR D 253 -25.91 26.90 11.37
C THR D 253 -24.43 27.25 11.44
N VAL D 254 -23.97 27.80 12.57
CA VAL D 254 -22.54 28.02 12.74
C VAL D 254 -21.75 26.71 12.79
N LEU D 255 -22.26 25.73 13.52
CA LEU D 255 -21.58 24.44 13.58
C LEU D 255 -21.60 23.73 12.23
N THR D 256 -22.70 23.85 11.50
CA THR D 256 -22.76 23.24 10.18
C THR D 256 -21.77 23.89 9.23
N MET D 257 -21.67 25.22 9.25
CA MET D 257 -20.71 25.87 8.37
C MET D 257 -19.27 25.52 8.75
N THR D 258 -18.98 25.42 10.06
CA THR D 258 -17.64 25.03 10.46
C THR D 258 -17.29 23.62 9.99
N THR D 259 -18.24 22.68 10.16
CA THR D 259 -18.02 21.31 9.71
C THR D 259 -17.84 21.24 8.20
N LEU D 260 -18.67 21.98 7.46
CA LEU D 260 -18.55 21.96 6.01
C LEU D 260 -17.21 22.53 5.58
N SER D 261 -16.76 23.61 6.23
CA SER D 261 -15.50 24.21 5.81
C SER D 261 -14.35 23.25 6.06
N ILE D 262 -14.38 22.58 7.22
CA ILE D 262 -13.31 21.63 7.52
C ILE D 262 -13.32 20.47 6.53
N SER D 263 -14.50 19.93 6.24
CA SER D 263 -14.58 18.81 5.30
C SER D 263 -14.11 19.24 3.92
N ALA D 264 -14.56 20.41 3.48
CA ALA D 264 -14.28 20.90 2.14
C ALA D 264 -12.79 21.13 1.93
N ARG D 265 -12.10 21.66 2.94
CA ARG D 265 -10.69 21.95 2.73
C ARG D 265 -9.78 20.75 2.94
N ASN D 266 -10.30 19.64 3.45
CA ASN D 266 -9.47 18.44 3.59
C ASN D 266 -9.41 17.59 2.33
N SER D 267 -10.13 17.97 1.26
CA SER D 267 -10.03 17.29 -0.02
C SER D 267 -9.22 18.00 -1.10
N LEU D 268 -9.07 19.32 -1.01
CA LEU D 268 -8.32 20.04 -2.04
C LEU D 268 -6.83 19.70 -1.99
N PRO D 269 -6.14 19.80 -3.13
CA PRO D 269 -4.68 19.79 -3.14
C PRO D 269 -4.12 20.98 -2.37
N LYS D 270 -2.97 20.78 -1.75
CA LYS D 270 -2.38 21.81 -0.90
C LYS D 270 -1.79 22.95 -1.72
N VAL D 271 -2.62 23.92 -2.09
CA VAL D 271 -2.19 25.13 -2.77
C VAL D 271 -2.20 26.28 -1.78
N ALA D 272 -1.12 27.07 -1.75
CA ALA D 272 -0.98 28.12 -0.74
C ALA D 272 -1.73 29.39 -1.08
N TYR D 273 -2.45 29.44 -2.19
CA TYR D 273 -3.31 30.57 -2.53
C TYR D 273 -4.77 30.17 -2.33
N ALA D 274 -5.65 31.17 -2.40
CA ALA D 274 -7.07 30.94 -2.19
C ALA D 274 -7.74 30.62 -3.52
N THR D 275 -8.73 29.71 -3.47
CA THR D 275 -9.51 29.34 -4.64
C THR D 275 -10.91 29.94 -4.53
N ALA D 276 -11.74 29.66 -5.54
CA ALA D 276 -13.10 30.17 -5.52
C ALA D 276 -13.95 29.50 -4.46
N MET D 277 -13.65 28.24 -4.12
CA MET D 277 -14.41 27.60 -3.05
C MET D 277 -14.01 28.14 -1.70
N ASP D 278 -12.75 28.55 -1.53
CA ASP D 278 -12.36 29.13 -0.26
C ASP D 278 -13.11 30.44 -0.05
N TRP D 279 -13.25 31.24 -1.10
CA TRP D 279 -13.94 32.51 -0.95
C TRP D 279 -15.42 32.27 -0.69
N PHE D 280 -16.02 31.28 -1.36
CA PHE D 280 -17.44 31.04 -1.17
C PHE D 280 -17.72 30.59 0.25
N ILE D 281 -16.86 29.71 0.79
CA ILE D 281 -17.08 29.23 2.14
C ILE D 281 -16.81 30.35 3.14
N ALA D 282 -15.80 31.17 2.88
CA ALA D 282 -15.50 32.27 3.79
C ALA D 282 -16.67 33.26 3.87
N VAL D 283 -17.28 33.56 2.73
CA VAL D 283 -18.43 34.47 2.73
C VAL D 283 -19.64 33.84 3.41
N CYS D 284 -19.90 32.56 3.17
CA CYS D 284 -21.01 31.92 3.88
C CYS D 284 -20.77 31.89 5.38
N TYR D 285 -19.53 31.65 5.78
CA TYR D 285 -19.19 31.66 7.20
C TYR D 285 -19.37 33.04 7.79
N ALA D 286 -19.01 34.08 7.04
CA ALA D 286 -19.16 35.42 7.57
C ALA D 286 -20.63 35.82 7.62
N PHE D 287 -21.46 35.23 6.77
CA PHE D 287 -22.88 35.56 6.81
C PHE D 287 -23.54 34.93 8.02
N VAL D 288 -23.19 33.67 8.33
CA VAL D 288 -23.80 33.08 9.52
C VAL D 288 -23.19 33.67 10.78
N PHE D 289 -21.93 34.12 10.71
CA PHE D 289 -21.33 34.81 11.83
C PHE D 289 -22.05 36.14 12.08
N SER D 290 -22.37 36.86 11.01
CA SER D 290 -23.03 38.13 11.23
C SER D 290 -24.46 37.92 11.66
N ALA D 291 -25.04 36.75 11.33
CA ALA D 291 -26.41 36.49 11.76
C ALA D 291 -26.44 36.23 13.26
N LEU D 292 -25.38 35.58 13.75
CA LEU D 292 -25.34 35.33 15.19
C LEU D 292 -24.95 36.59 15.94
N ILE D 293 -24.16 37.47 15.31
CA ILE D 293 -23.90 38.75 15.96
C ILE D 293 -25.17 39.58 15.98
N GLU D 294 -25.99 39.47 14.93
CA GLU D 294 -27.24 40.22 14.89
C GLU D 294 -28.16 39.77 16.01
N PHE D 295 -28.20 38.46 16.27
CA PHE D 295 -29.02 38.00 17.39
C PHE D 295 -28.41 38.43 18.73
N ALA D 296 -27.08 38.46 18.82
CA ALA D 296 -26.43 38.94 20.04
C ALA D 296 -26.79 40.40 20.30
N THR D 297 -26.92 41.18 19.22
CA THR D 297 -27.31 42.58 19.34
C THR D 297 -28.77 42.71 19.71
N VAL D 298 -29.64 41.88 19.12
CA VAL D 298 -31.05 41.98 19.45
C VAL D 298 -31.26 41.63 20.91
N ASN D 299 -30.62 40.54 21.36
CA ASN D 299 -30.75 40.15 22.76
C ASN D 299 -30.14 41.19 23.68
N TYR D 300 -29.13 41.93 23.21
CA TYR D 300 -28.53 42.94 24.06
C TYR D 300 -29.47 44.13 24.24
N PHE D 301 -30.09 44.57 23.15
CA PHE D 301 -30.96 45.74 23.20
C PHE D 301 -32.38 45.39 23.61
N THR D 302 -32.71 44.11 23.72
CA THR D 302 -33.99 43.71 24.25
C THR D 302 -34.06 44.08 25.73
N LYS D 303 -35.29 44.36 26.19
CA LYS D 303 -35.63 44.79 27.54
C LYS D 303 -35.16 46.21 27.84
N SER D 304 -34.44 46.87 26.93
CA SER D 304 -34.07 48.26 27.13
C SER D 304 -34.59 49.16 26.01
N GLN D 305 -34.36 48.79 24.75
CA GLN D 305 -34.93 49.51 23.60
C GLN D 305 -35.56 48.50 22.64
N PRO D 306 -36.72 47.96 22.98
CA PRO D 306 -37.34 46.96 22.08
C PRO D 306 -37.67 47.52 20.71
N ALA D 307 -37.91 48.83 20.59
CA ALA D 307 -38.19 49.41 19.29
C ALA D 307 -36.96 49.38 18.39
N ARG D 308 -35.79 49.70 18.96
CA ARG D 308 -34.58 49.66 18.15
C ARG D 308 -34.26 48.23 17.76
N ALA D 309 -34.44 47.28 18.69
CA ALA D 309 -34.13 45.89 18.40
C ALA D 309 -35.05 45.37 17.30
N ALA D 310 -36.33 45.73 17.35
CA ALA D 310 -37.25 45.31 16.31
C ALA D 310 -36.88 45.94 14.97
N LYS D 311 -36.44 47.20 14.97
CA LYS D 311 -36.09 47.81 13.69
C LYS D 311 -34.85 47.15 13.11
N ILE D 312 -33.91 46.76 13.98
CA ILE D 312 -32.72 46.06 13.53
C ILE D 312 -33.09 44.71 12.94
N ASP D 313 -34.02 44.01 13.59
CA ASP D 313 -34.41 42.69 13.10
C ASP D 313 -35.11 42.83 11.75
N ARG D 314 -35.97 43.85 11.60
CA ARG D 314 -36.67 44.03 10.33
C ARG D 314 -35.69 44.35 9.22
N LEU D 315 -34.69 45.18 9.51
CA LEU D 315 -33.77 45.52 8.44
C LEU D 315 -32.87 44.35 8.13
N SER D 316 -32.57 43.50 9.12
CA SER D 316 -31.78 42.33 8.77
C SER D 316 -32.60 41.34 7.96
N ARG D 317 -33.93 41.33 8.21
CA ARG D 317 -34.87 40.49 7.45
C ARG D 317 -34.98 40.94 6.02
N ILE D 318 -34.55 42.15 5.72
CA ILE D 318 -34.59 42.66 4.35
C ILE D 318 -33.21 42.61 3.73
N ALA D 319 -32.20 43.07 4.45
CA ALA D 319 -30.85 43.20 3.92
C ALA D 319 -30.19 41.84 3.67
N PHE D 320 -30.31 40.89 4.61
CA PHE D 320 -29.61 39.62 4.47
C PHE D 320 -30.01 38.79 3.26
N PRO D 321 -31.30 38.51 2.99
CA PRO D 321 -31.59 37.76 1.76
C PRO D 321 -31.18 38.50 0.51
N LEU D 322 -31.31 39.82 0.48
CA LEU D 322 -30.95 40.56 -0.72
C LEU D 322 -29.45 40.54 -0.93
N LEU D 323 -28.68 40.74 0.15
CA LEU D 323 -27.23 40.74 0.04
C LEU D 323 -26.71 39.36 -0.34
N PHE D 324 -27.30 38.30 0.22
CA PHE D 324 -26.84 36.96 -0.14
C PHE D 324 -27.18 36.64 -1.59
N GLY D 325 -28.36 37.05 -2.06
CA GLY D 325 -28.69 36.84 -3.45
C GLY D 325 -27.76 37.59 -4.39
N ILE D 326 -27.41 38.83 -4.02
CA ILE D 326 -26.50 39.60 -4.85
C ILE D 326 -25.11 38.98 -4.83
N PHE D 327 -24.67 38.47 -3.68
CA PHE D 327 -23.36 37.82 -3.62
C PHE D 327 -23.33 36.59 -4.49
N ASN D 328 -24.39 35.79 -4.48
CA ASN D 328 -24.43 34.60 -5.31
C ASN D 328 -24.44 34.98 -6.79
N LEU D 329 -25.21 36.02 -7.14
CA LEU D 329 -25.27 36.43 -8.54
C LEU D 329 -23.91 36.90 -9.04
N VAL D 330 -23.20 37.68 -8.23
CA VAL D 330 -21.86 38.13 -8.61
C VAL D 330 -20.91 36.94 -8.72
N TYR D 331 -20.98 36.02 -7.76
CA TYR D 331 -20.05 34.90 -7.75
C TYR D 331 -20.22 34.04 -8.98
N TRP D 332 -21.46 33.63 -9.26
CA TRP D 332 -21.69 32.69 -10.34
C TRP D 332 -21.52 33.36 -11.69
N ALA D 333 -21.92 34.63 -11.82
CA ALA D 333 -21.72 35.32 -13.09
C ALA D 333 -20.23 35.52 -13.35
N THR D 334 -19.44 35.77 -12.29
CA THR D 334 -18.01 35.95 -12.48
C THR D 334 -17.36 34.65 -12.91
N TYR D 335 -17.63 33.56 -12.20
CA TYR D 335 -16.84 32.35 -12.41
C TYR D 335 -17.34 31.46 -13.55
N LEU D 336 -18.65 31.36 -13.77
CA LEU D 336 -19.14 30.51 -14.86
C LEU D 336 -18.71 31.04 -16.22
N ASN D 337 -18.72 32.37 -16.41
CA ASN D 337 -18.30 32.94 -17.68
C ASN D 337 -16.83 32.67 -17.96
N ARG D 338 -15.97 32.82 -16.96
CA ARG D 338 -14.54 32.57 -17.14
C ARG D 338 -14.22 31.10 -16.90
N ASN E 1 20.53 -43.62 -24.19
CA ASN E 1 19.18 -43.16 -24.51
C ASN E 1 19.03 -41.67 -24.27
N MET E 2 19.73 -41.17 -23.24
CA MET E 2 19.72 -39.74 -22.95
C MET E 2 20.61 -38.97 -23.92
N SER E 3 21.67 -39.60 -24.41
CA SER E 3 22.52 -38.96 -25.40
C SER E 3 21.79 -38.80 -26.73
N PHE E 4 20.94 -39.77 -27.07
CA PHE E 4 20.16 -39.66 -28.29
C PHE E 4 19.17 -38.50 -28.19
N VAL E 5 18.58 -38.30 -27.00
CA VAL E 5 17.69 -37.16 -26.81
C VAL E 5 18.46 -35.86 -26.92
N LYS E 6 19.67 -35.82 -26.34
CA LYS E 6 20.48 -34.61 -26.44
C LYS E 6 20.83 -34.30 -27.88
N GLU E 7 21.14 -35.34 -28.66
CA GLU E 7 21.43 -35.14 -30.07
C GLU E 7 20.20 -34.64 -30.82
N THR E 8 19.03 -35.21 -30.53
CA THR E 8 17.86 -34.81 -31.29
C THR E 8 17.50 -33.37 -31.00
N VAL E 9 17.55 -32.98 -29.72
CA VAL E 9 17.20 -31.61 -29.36
C VAL E 9 18.19 -30.63 -29.97
N ASP E 10 19.49 -30.95 -29.89
CA ASP E 10 20.47 -30.04 -30.49
C ASP E 10 20.31 -30.01 -31.99
N LYS E 11 19.81 -31.08 -32.59
CA LYS E 11 19.54 -31.07 -34.02
C LYS E 11 18.43 -30.08 -34.32
N LEU E 12 17.38 -30.09 -33.49
CA LEU E 12 16.24 -29.21 -33.75
C LEU E 12 16.65 -27.76 -33.61
N LEU E 13 17.42 -27.44 -32.57
CA LEU E 13 17.78 -26.04 -32.32
C LEU E 13 18.93 -25.55 -33.21
N LYS E 14 19.58 -26.44 -33.93
CA LYS E 14 20.64 -26.05 -34.86
C LYS E 14 20.01 -25.48 -36.13
N GLY E 15 20.35 -24.24 -36.44
CA GLY E 15 19.79 -23.56 -37.58
C GLY E 15 18.42 -22.96 -37.36
N TYR E 16 17.87 -23.09 -36.16
CA TYR E 16 16.55 -22.53 -35.86
C TYR E 16 16.64 -21.01 -35.81
N ASP E 17 15.70 -20.35 -36.47
CA ASP E 17 15.64 -18.90 -36.51
C ASP E 17 14.48 -18.43 -35.67
N ILE E 18 14.77 -17.61 -34.65
CA ILE E 18 13.73 -17.14 -33.74
C ILE E 18 12.93 -15.99 -34.34
N ARG E 19 13.46 -15.30 -35.34
CA ARG E 19 12.83 -14.10 -35.86
C ARG E 19 11.73 -14.40 -36.87
N LEU E 20 11.53 -15.66 -37.24
CA LEU E 20 10.53 -16.03 -38.23
C LEU E 20 9.45 -16.89 -37.60
N ARG E 21 8.20 -16.52 -37.84
CA ARG E 21 7.08 -17.28 -37.33
C ARG E 21 6.95 -18.58 -38.10
N PRO E 22 6.32 -19.59 -37.51
CA PRO E 22 6.07 -20.84 -38.26
C PRO E 22 5.24 -20.56 -39.50
N ASP E 23 5.57 -21.29 -40.57
CA ASP E 23 4.95 -21.08 -41.88
C ASP E 23 5.05 -19.62 -42.31
N PHE E 24 6.22 -19.02 -42.09
CA PHE E 24 6.43 -17.62 -42.42
C PHE E 24 6.22 -17.40 -43.92
N GLY E 25 5.43 -16.38 -44.25
CA GLY E 25 5.12 -16.08 -45.63
C GLY E 25 4.02 -16.92 -46.24
N GLY E 26 3.45 -17.86 -45.50
CA GLY E 26 2.40 -18.71 -46.02
C GLY E 26 1.11 -18.57 -45.24
N PRO E 27 0.44 -19.68 -44.98
CA PRO E 27 -0.81 -19.62 -44.22
C PRO E 27 -0.56 -19.16 -42.80
N PRO E 28 -1.52 -18.50 -42.17
CA PRO E 28 -1.32 -18.06 -40.80
C PRO E 28 -1.21 -19.22 -39.83
N VAL E 29 -0.45 -19.00 -38.76
CA VAL E 29 -0.28 -19.99 -37.70
C VAL E 29 -1.43 -19.84 -36.71
N CYS E 30 -2.04 -20.96 -36.35
CA CYS E 30 -3.19 -20.96 -35.45
C CYS E 30 -2.72 -21.24 -34.03
N VAL E 31 -3.13 -20.38 -33.09
CA VAL E 31 -2.75 -20.49 -31.69
C VAL E 31 -4.00 -20.70 -30.86
N GLY E 32 -4.00 -21.76 -30.05
CA GLY E 32 -5.09 -22.04 -29.13
C GLY E 32 -4.71 -21.62 -27.71
N MET E 33 -5.70 -21.10 -26.99
CA MET E 33 -5.47 -20.50 -25.68
C MET E 33 -6.28 -21.23 -24.62
N ASN E 34 -5.69 -21.42 -23.45
CA ASN E 34 -6.40 -21.91 -22.27
C ASN E 34 -6.06 -21.02 -21.09
N ILE E 35 -7.05 -20.76 -20.23
CA ILE E 35 -6.84 -20.01 -19.01
C ILE E 35 -7.39 -20.82 -17.85
N ASP E 36 -6.57 -20.99 -16.81
CA ASP E 36 -6.96 -21.68 -15.59
C ASP E 36 -6.87 -20.65 -14.47
N ILE E 37 -8.00 -20.05 -14.10
CA ILE E 37 -7.99 -18.99 -13.12
C ILE E 37 -7.76 -19.56 -11.73
N ALA E 38 -6.77 -19.02 -11.02
CA ALA E 38 -6.41 -19.49 -9.69
C ALA E 38 -7.04 -18.66 -8.59
N SER E 39 -7.15 -17.34 -8.78
CA SER E 39 -7.72 -16.48 -7.77
C SER E 39 -7.97 -15.10 -8.35
N ILE E 40 -9.06 -14.47 -7.90
CA ILE E 40 -9.38 -13.09 -8.21
C ILE E 40 -9.52 -12.35 -6.88
N ASP E 41 -8.84 -11.22 -6.75
CA ASP E 41 -8.87 -10.49 -5.49
C ASP E 41 -8.58 -9.03 -5.78
N MET E 42 -8.84 -8.20 -4.75
CA MET E 42 -8.54 -6.77 -4.79
C MET E 42 -9.27 -6.09 -5.94
N VAL E 43 -10.60 -6.12 -5.88
CA VAL E 43 -11.43 -5.36 -6.80
C VAL E 43 -11.52 -3.96 -6.22
N SER E 44 -10.77 -3.03 -6.82
CA SER E 44 -10.58 -1.69 -6.26
C SER E 44 -11.50 -0.70 -6.95
N GLU E 45 -12.32 -0.02 -6.17
CA GLU E 45 -13.17 1.05 -6.70
C GLU E 45 -12.36 2.32 -6.94
N VAL E 46 -11.42 2.61 -6.04
CA VAL E 46 -10.62 3.82 -6.17
C VAL E 46 -9.70 3.72 -7.38
N ASN E 47 -9.00 2.61 -7.52
CA ASN E 47 -8.11 2.41 -8.65
C ASN E 47 -8.82 1.96 -9.92
N MET E 48 -10.07 1.50 -9.81
CA MET E 48 -10.86 1.05 -10.95
C MET E 48 -10.14 -0.06 -11.72
N ASP E 49 -9.79 -1.12 -11.00
CA ASP E 49 -9.12 -2.28 -11.59
C ASP E 49 -9.34 -3.48 -10.68
N TYR E 50 -8.86 -4.63 -11.14
CA TYR E 50 -8.93 -5.86 -10.36
C TYR E 50 -7.68 -6.69 -10.65
N THR E 51 -7.33 -7.54 -9.68
CA THR E 51 -6.14 -8.37 -9.77
C THR E 51 -6.54 -9.82 -10.02
N LEU E 52 -5.85 -10.46 -10.98
CA LEU E 52 -6.19 -11.80 -11.44
C LEU E 52 -4.91 -12.62 -11.50
N THR E 53 -4.97 -13.85 -10.99
CA THR E 53 -3.88 -14.80 -11.09
C THR E 53 -4.34 -16.01 -11.88
N MET E 54 -3.51 -16.47 -12.81
CA MET E 54 -3.99 -17.51 -13.71
C MET E 54 -2.83 -18.29 -14.29
N TYR E 55 -3.17 -19.45 -14.84
CA TYR E 55 -2.29 -20.24 -15.67
C TYR E 55 -2.71 -20.04 -17.12
N PHE E 56 -1.79 -19.58 -17.95
CA PHE E 56 -2.06 -19.20 -19.32
C PHE E 56 -1.30 -20.16 -20.22
N GLN E 57 -2.04 -20.97 -20.99
CA GLN E 57 -1.43 -21.96 -21.86
C GLN E 57 -1.70 -21.58 -23.30
N GLN E 58 -0.72 -21.85 -24.16
CA GLN E 58 -0.84 -21.62 -25.59
C GLN E 58 -0.33 -22.84 -26.35
N TYR E 59 -1.09 -23.23 -27.38
CA TYR E 59 -0.77 -24.40 -28.18
C TYR E 59 -0.63 -23.97 -29.62
N TRP E 60 0.45 -24.38 -30.26
CA TRP E 60 0.57 -24.10 -31.69
C TRP E 60 1.50 -25.12 -32.33
N ARG E 61 1.44 -25.22 -33.65
CA ARG E 61 2.25 -26.21 -34.36
C ARG E 61 3.34 -25.52 -35.15
N ASP E 62 4.58 -25.94 -34.95
CA ASP E 62 5.75 -25.45 -35.67
C ASP E 62 6.46 -26.65 -36.29
N LYS E 63 6.44 -26.73 -37.62
CA LYS E 63 7.02 -27.89 -38.30
C LYS E 63 8.52 -27.99 -38.11
N ARG E 64 9.20 -26.87 -37.84
CA ARG E 64 10.64 -26.89 -37.63
C ARG E 64 11.04 -27.61 -36.33
N LEU E 65 10.07 -27.92 -35.47
CA LEU E 65 10.34 -28.57 -34.19
C LEU E 65 9.83 -30.01 -34.15
N ALA E 66 9.62 -30.63 -35.31
CA ALA E 66 9.13 -31.99 -35.36
C ALA E 66 10.30 -32.96 -35.26
N TYR E 67 10.13 -34.00 -34.45
CA TYR E 67 11.17 -34.99 -34.22
C TYR E 67 10.58 -36.38 -34.26
N SER E 68 11.44 -37.35 -34.54
CA SER E 68 11.03 -38.75 -34.61
C SER E 68 12.07 -39.63 -33.91
N GLY E 69 11.66 -40.86 -33.63
CA GLY E 69 12.51 -41.81 -32.94
C GLY E 69 12.35 -41.84 -31.44
N ILE E 70 11.66 -40.87 -30.85
CA ILE E 70 11.41 -40.86 -29.41
C ILE E 70 9.92 -40.87 -29.17
N PRO E 71 9.36 -41.91 -28.58
CA PRO E 71 7.92 -41.96 -28.31
C PRO E 71 7.54 -41.29 -26.99
N LEU E 72 7.89 -40.01 -26.86
CA LEU E 72 7.67 -39.30 -25.62
C LEU E 72 7.36 -37.83 -25.92
N ASN E 73 6.68 -37.19 -24.97
CA ASN E 73 6.54 -35.74 -24.99
C ASN E 73 7.63 -35.13 -24.14
N LEU E 74 8.38 -34.20 -24.73
CA LEU E 74 9.58 -33.66 -24.08
C LEU E 74 9.23 -32.38 -23.34
N THR E 75 9.19 -32.45 -22.01
CA THR E 75 9.06 -31.25 -21.19
C THR E 75 10.46 -30.73 -20.95
N LEU E 76 10.78 -29.57 -21.51
CA LEU E 76 12.13 -29.04 -21.39
C LEU E 76 12.22 -27.95 -20.33
N ASP E 77 13.46 -27.68 -19.93
CA ASP E 77 13.73 -26.60 -19.00
C ASP E 77 13.24 -25.29 -19.59
N ASN E 78 12.62 -24.46 -18.74
CA ASN E 78 11.94 -23.28 -19.26
C ASN E 78 12.87 -22.25 -19.89
N ARG E 79 14.18 -22.36 -19.66
CA ARG E 79 15.07 -21.42 -20.33
C ARG E 79 15.20 -21.72 -21.82
N VAL E 80 14.69 -22.87 -22.28
CA VAL E 80 14.74 -23.14 -23.70
C VAL E 80 13.71 -22.30 -24.40
N ALA E 81 12.84 -21.64 -23.62
CA ALA E 81 11.84 -20.79 -24.22
C ALA E 81 12.53 -19.60 -24.89
N ASP E 82 13.68 -19.19 -24.35
CA ASP E 82 14.39 -18.10 -24.99
C ASP E 82 15.01 -18.49 -26.33
N GLN E 83 15.09 -19.79 -26.63
CA GLN E 83 15.67 -20.24 -27.89
C GLN E 83 14.63 -20.58 -28.95
N LEU E 84 13.35 -20.30 -28.69
CA LEU E 84 12.29 -20.66 -29.62
C LEU E 84 11.45 -19.43 -29.93
N TRP E 85 10.55 -19.59 -30.90
CA TRP E 85 9.59 -18.55 -31.23
C TRP E 85 8.32 -18.74 -30.43
N VAL E 86 7.84 -17.66 -29.81
CA VAL E 86 6.60 -17.68 -29.04
C VAL E 86 5.74 -16.52 -29.51
N PRO E 87 4.43 -16.61 -29.40
CA PRO E 87 3.58 -15.50 -29.88
C PRO E 87 3.77 -14.25 -29.05
N ASP E 88 3.52 -13.10 -29.69
CA ASP E 88 3.64 -11.79 -29.05
C ASP E 88 2.30 -11.38 -28.46
N THR E 89 1.78 -12.25 -27.60
CA THR E 89 0.50 -12.03 -26.97
C THR E 89 0.62 -10.98 -25.86
N TYR E 90 -0.40 -10.12 -25.76
CA TYR E 90 -0.44 -9.12 -24.70
C TYR E 90 -1.88 -8.84 -24.32
N PHE E 91 -2.03 -8.20 -23.16
CA PHE E 91 -3.32 -7.85 -22.59
C PHE E 91 -3.54 -6.35 -22.77
N LEU E 92 -4.67 -5.99 -23.40
CA LEU E 92 -4.86 -4.59 -23.80
C LEU E 92 -5.19 -3.68 -22.63
N ASN E 93 -5.88 -4.20 -21.61
CA ASN E 93 -6.27 -3.37 -20.47
C ASN E 93 -5.42 -3.62 -19.23
N ASP E 94 -4.22 -4.18 -19.41
CA ASP E 94 -3.37 -4.50 -18.28
C ASP E 94 -2.60 -3.25 -17.85
N LYS E 95 -2.69 -2.91 -16.57
CA LYS E 95 -1.94 -1.81 -15.99
C LYS E 95 -0.60 -2.26 -15.45
N LYS E 96 -0.56 -3.41 -14.78
CA LYS E 96 0.67 -3.94 -14.21
C LYS E 96 0.54 -5.45 -14.13
N SER E 97 1.56 -6.16 -14.62
CA SER E 97 1.54 -7.61 -14.61
C SER E 97 2.97 -8.12 -14.53
N PHE E 98 3.11 -9.35 -14.03
CA PHE E 98 4.43 -9.97 -13.91
C PHE E 98 4.27 -11.47 -13.93
N VAL E 99 5.38 -12.15 -14.23
CA VAL E 99 5.46 -13.61 -14.19
C VAL E 99 6.19 -14.00 -12.93
N HIS E 100 5.63 -14.94 -12.18
CA HIS E 100 6.25 -15.37 -10.95
C HIS E 100 7.58 -16.04 -11.23
N GLY E 101 8.54 -15.84 -10.32
CA GLY E 101 9.89 -16.30 -10.54
C GLY E 101 10.53 -16.96 -9.33
N VAL E 102 9.73 -17.60 -8.50
CA VAL E 102 10.21 -18.34 -7.35
C VAL E 102 9.66 -19.76 -7.45
N THR E 103 10.53 -20.75 -7.32
CA THR E 103 11.96 -20.56 -7.08
C THR E 103 12.69 -20.29 -8.39
N VAL E 104 12.03 -20.61 -9.49
CA VAL E 104 12.49 -20.26 -10.82
C VAL E 104 11.33 -19.62 -11.55
N LYS E 105 11.60 -19.10 -12.75
CA LYS E 105 10.54 -18.50 -13.53
C LYS E 105 9.46 -19.53 -13.82
N ASN E 106 8.22 -19.18 -13.52
CA ASN E 106 7.08 -20.10 -13.63
C ASN E 106 6.66 -20.20 -15.09
N ARG E 107 7.45 -20.95 -15.85
CA ARG E 107 7.25 -21.09 -17.28
C ARG E 107 7.42 -22.55 -17.66
N MET E 108 6.72 -22.96 -18.71
CA MET E 108 6.76 -24.35 -19.16
C MET E 108 6.81 -24.40 -20.67
N ILE E 109 7.66 -25.29 -21.18
CA ILE E 109 7.73 -25.61 -22.61
C ILE E 109 7.64 -27.13 -22.76
N ARG E 110 6.71 -27.59 -23.59
CA ARG E 110 6.54 -29.01 -23.84
C ARG E 110 6.42 -29.24 -25.34
N LEU E 111 7.11 -30.28 -25.81
CA LEU E 111 7.17 -30.63 -27.22
C LEU E 111 6.50 -31.98 -27.44
N HIS E 112 5.96 -32.16 -28.64
CA HIS E 112 5.28 -33.37 -29.07
C HIS E 112 5.86 -33.82 -30.40
N PRO E 113 5.80 -35.13 -30.71
CA PRO E 113 6.45 -35.62 -31.93
C PRO E 113 5.95 -34.97 -33.20
N ASP E 114 4.66 -34.62 -33.28
CA ASP E 114 4.13 -34.02 -34.49
C ASP E 114 4.57 -32.56 -34.65
N GLY E 115 5.22 -31.98 -33.64
CA GLY E 115 5.64 -30.60 -33.69
C GLY E 115 4.77 -29.64 -32.90
N THR E 116 3.78 -30.12 -32.18
CA THR E 116 2.96 -29.23 -31.36
C THR E 116 3.74 -28.75 -30.15
N VAL E 117 3.65 -27.45 -29.89
CA VAL E 117 4.33 -26.81 -28.77
C VAL E 117 3.28 -26.33 -27.79
N LEU E 118 3.45 -26.71 -26.53
CA LEU E 118 2.66 -26.22 -25.40
C LEU E 118 3.53 -25.25 -24.61
N TYR E 119 3.02 -24.05 -24.36
CA TYR E 119 3.75 -22.98 -23.70
C TYR E 119 2.89 -22.42 -22.58
N GLY E 120 3.31 -22.63 -21.34
CA GLY E 120 2.53 -22.24 -20.18
C GLY E 120 3.24 -21.20 -19.34
N LEU E 121 2.45 -20.33 -18.73
CA LEU E 121 2.94 -19.28 -17.85
C LEU E 121 2.00 -19.09 -16.67
N ARG E 122 2.55 -18.69 -15.54
CA ARG E 122 1.75 -18.36 -14.36
C ARG E 122 1.84 -16.86 -14.18
N ILE E 123 0.72 -16.17 -14.37
CA ILE E 123 0.73 -14.72 -14.52
C ILE E 123 -0.22 -14.11 -13.48
N THR E 124 0.25 -13.06 -12.83
CA THR E 124 -0.58 -12.18 -12.02
C THR E 124 -0.66 -10.83 -12.71
N THR E 125 -1.86 -10.38 -13.01
CA THR E 125 -2.08 -9.16 -13.77
C THR E 125 -3.13 -8.29 -13.10
N THR E 126 -2.93 -6.99 -13.18
CA THR E 126 -3.94 -6.02 -12.74
C THR E 126 -4.57 -5.44 -13.98
N ALA E 127 -5.87 -5.72 -14.17
CA ALA E 127 -6.58 -5.30 -15.37
C ALA E 127 -7.60 -4.23 -15.01
N ALA E 128 -7.72 -3.25 -15.90
CA ALA E 128 -8.58 -2.09 -15.69
C ALA E 128 -9.95 -2.33 -16.31
N CYS E 129 -10.99 -2.11 -15.52
CA CYS E 129 -12.36 -2.15 -16.04
C CYS E 129 -13.13 -0.99 -15.46
N MET E 130 -13.91 -0.33 -16.31
CA MET E 130 -14.74 0.79 -15.88
C MET E 130 -15.91 0.29 -15.05
N MET E 131 -16.20 1.00 -13.97
CA MET E 131 -17.30 0.66 -13.08
C MET E 131 -18.32 1.80 -13.07
N ASP E 132 -19.58 1.46 -13.30
CA ASP E 132 -20.68 2.41 -13.26
C ASP E 132 -21.37 2.26 -11.91
N LEU E 133 -21.12 3.22 -11.03
CA LEU E 133 -21.50 3.14 -9.62
C LEU E 133 -22.71 4.02 -9.29
N ARG E 134 -23.56 4.31 -10.27
CA ARG E 134 -24.74 5.12 -9.98
C ARG E 134 -25.69 4.39 -9.05
N ARG E 135 -25.67 3.06 -9.07
CA ARG E 135 -26.52 2.25 -8.22
C ARG E 135 -25.75 1.66 -7.04
N TYR E 136 -24.56 2.19 -6.76
CA TYR E 136 -23.75 1.69 -5.67
C TYR E 136 -24.46 1.85 -4.33
N PRO E 137 -24.39 0.85 -3.43
CA PRO E 137 -23.66 -0.42 -3.56
C PRO E 137 -24.50 -1.52 -4.16
N LEU E 138 -25.70 -1.20 -4.66
CA LEU E 138 -26.61 -2.18 -5.26
C LEU E 138 -26.41 -2.18 -6.78
N ASP E 139 -25.18 -2.49 -7.17
CA ASP E 139 -24.74 -2.37 -8.55
C ASP E 139 -24.17 -3.69 -9.06
N GLU E 140 -24.20 -3.82 -10.38
CA GLU E 140 -23.59 -4.94 -11.07
C GLU E 140 -22.49 -4.40 -11.99
N GLN E 141 -21.42 -5.15 -12.10
CA GLN E 141 -20.26 -4.75 -12.88
C GLN E 141 -19.92 -5.82 -13.89
N ASN E 142 -19.24 -5.41 -14.96
CA ASN E 142 -18.85 -6.30 -16.05
C ASN E 142 -17.40 -5.98 -16.36
N CYS E 143 -16.50 -6.84 -15.89
CA CYS E 143 -15.07 -6.64 -16.08
C CYS E 143 -14.50 -7.68 -17.01
N THR E 144 -13.58 -7.25 -17.88
CA THR E 144 -13.12 -8.08 -18.97
C THR E 144 -11.60 -8.19 -18.94
N LEU E 145 -11.10 -9.06 -19.81
CA LEU E 145 -9.68 -9.23 -20.09
C LEU E 145 -9.53 -9.45 -21.58
N GLU E 146 -8.67 -8.66 -22.21
CA GLU E 146 -8.52 -8.65 -23.66
C GLU E 146 -7.16 -9.24 -24.02
N ILE E 147 -7.16 -10.18 -24.96
CA ILE E 147 -5.97 -10.89 -25.38
C ILE E 147 -5.79 -10.61 -26.86
N GLU E 148 -4.62 -10.10 -27.22
CA GLU E 148 -4.39 -9.70 -28.61
C GLU E 148 -2.93 -9.95 -28.97
N SER E 149 -2.66 -9.98 -30.27
CA SER E 149 -1.30 -10.12 -30.76
C SER E 149 -0.76 -8.75 -31.10
N TYR E 150 0.45 -8.46 -30.65
CA TYR E 150 0.97 -7.10 -30.80
C TYR E 150 1.37 -6.79 -32.23
N GLY E 151 2.04 -7.73 -32.90
CA GLY E 151 2.65 -7.40 -34.17
C GLY E 151 2.07 -8.08 -35.38
N TYR E 152 1.53 -9.27 -35.22
CA TYR E 152 1.09 -10.00 -36.39
C TYR E 152 -0.36 -9.62 -36.70
N THR E 153 -0.80 -9.97 -37.90
CA THR E 153 -2.17 -9.73 -38.31
C THR E 153 -2.85 -11.06 -38.60
N THR E 154 -4.08 -10.97 -39.11
CA THR E 154 -4.81 -12.21 -39.39
C THR E 154 -4.27 -12.94 -40.59
N ASP E 155 -3.37 -12.31 -41.36
CA ASP E 155 -2.66 -13.00 -42.42
C ASP E 155 -1.48 -13.79 -41.90
N ASP E 156 -1.14 -13.64 -40.62
CA ASP E 156 0.00 -14.30 -40.00
C ASP E 156 -0.38 -15.19 -38.83
N ILE E 157 -1.29 -14.75 -37.96
CA ILE E 157 -1.62 -15.50 -36.76
C ILE E 157 -3.13 -15.44 -36.55
N GLU E 158 -3.67 -16.50 -35.94
CA GLU E 158 -5.08 -16.57 -35.61
C GLU E 158 -5.25 -17.11 -34.20
N PHE E 159 -6.24 -16.59 -33.49
CA PHE E 159 -6.53 -17.00 -32.12
C PHE E 159 -7.85 -17.74 -32.09
N TYR E 160 -7.91 -18.79 -31.28
CA TYR E 160 -9.17 -19.47 -30.98
C TYR E 160 -9.09 -20.04 -29.58
N TRP E 161 -10.26 -20.25 -28.98
CA TRP E 161 -10.34 -20.87 -27.67
C TRP E 161 -10.25 -22.39 -27.82
N ARG E 162 -9.32 -23.00 -27.11
CA ARG E 162 -9.08 -24.43 -27.23
C ARG E 162 -10.02 -25.15 -26.27
N GLY E 163 -11.04 -25.81 -26.82
CA GLY E 163 -12.04 -26.47 -26.04
C GLY E 163 -13.40 -25.80 -26.03
N GLY E 164 -13.60 -24.76 -26.83
CA GLY E 164 -14.90 -24.09 -26.84
C GLY E 164 -15.12 -23.31 -25.57
N ASP E 165 -16.32 -23.44 -25.00
CA ASP E 165 -16.66 -22.75 -23.77
C ASP E 165 -15.98 -23.35 -22.54
N LYS E 166 -15.32 -24.50 -22.69
CA LYS E 166 -14.58 -25.13 -21.60
C LYS E 166 -13.13 -24.68 -21.56
N ALA E 167 -12.74 -23.70 -22.38
CA ALA E 167 -11.35 -23.27 -22.43
C ALA E 167 -10.91 -22.56 -21.17
N VAL E 168 -11.84 -22.04 -20.37
CA VAL E 168 -11.52 -21.33 -19.13
C VAL E 168 -12.15 -22.09 -17.97
N THR E 169 -11.32 -22.45 -16.99
CA THR E 169 -11.76 -23.24 -15.85
C THR E 169 -11.35 -22.53 -14.56
N GLY E 170 -12.00 -22.90 -13.47
CA GLY E 170 -11.65 -22.40 -12.16
C GLY E 170 -12.50 -21.25 -11.65
N VAL E 171 -13.46 -20.77 -12.45
CA VAL E 171 -14.32 -19.69 -11.99
C VAL E 171 -15.24 -20.18 -10.87
N GLU E 172 -15.72 -21.42 -10.97
CA GLU E 172 -16.67 -21.94 -9.98
C GLU E 172 -16.05 -22.07 -8.60
N ARG E 173 -14.73 -22.03 -8.49
CA ARG E 173 -14.05 -22.16 -7.20
C ARG E 173 -13.62 -20.82 -6.62
N ILE E 174 -14.01 -19.72 -7.23
CA ILE E 174 -13.57 -18.40 -6.78
C ILE E 174 -14.54 -17.90 -5.72
N GLU E 175 -14.00 -17.33 -4.65
CA GLU E 175 -14.79 -16.71 -3.59
C GLU E 175 -14.35 -15.26 -3.44
N LEU E 176 -15.28 -14.34 -3.58
CA LEU E 176 -14.98 -12.92 -3.43
C LEU E 176 -15.64 -12.38 -2.18
N PRO E 177 -14.89 -11.67 -1.33
CA PRO E 177 -15.48 -11.21 -0.05
C PRO E 177 -16.67 -10.28 -0.24
N GLN E 178 -16.65 -9.45 -1.27
CA GLN E 178 -17.71 -8.46 -1.48
C GLN E 178 -18.57 -8.71 -2.71
N PHE E 179 -18.10 -9.50 -3.66
CA PHE E 179 -18.85 -9.78 -4.87
C PHE E 179 -19.18 -11.27 -4.96
N SER E 180 -19.98 -11.60 -5.97
CA SER E 180 -20.26 -12.98 -6.34
C SER E 180 -20.31 -13.06 -7.85
N ILE E 181 -19.48 -13.90 -8.45
CA ILE E 181 -19.45 -14.02 -9.90
C ILE E 181 -20.74 -14.66 -10.39
N VAL E 182 -21.41 -13.97 -11.31
CA VAL E 182 -22.69 -14.45 -11.82
C VAL E 182 -22.50 -15.25 -13.11
N GLU E 183 -21.65 -14.77 -14.01
CA GLU E 183 -21.45 -15.43 -15.28
C GLU E 183 -20.09 -15.01 -15.85
N HIS E 184 -19.58 -15.85 -16.75
CA HIS E 184 -18.39 -15.53 -17.54
C HIS E 184 -18.65 -15.91 -18.99
N ARG E 185 -17.94 -15.22 -19.89
CA ARG E 185 -18.23 -15.29 -21.32
C ARG E 185 -16.94 -15.18 -22.12
N LEU E 186 -16.91 -15.90 -23.25
CA LEU E 186 -15.77 -15.93 -24.14
C LEU E 186 -16.21 -15.39 -25.51
N VAL E 187 -15.47 -14.39 -26.01
CA VAL E 187 -15.77 -13.75 -27.29
C VAL E 187 -14.53 -13.77 -28.18
N SER E 188 -14.69 -14.13 -29.44
CA SER E 188 -13.61 -14.08 -30.41
C SER E 188 -14.00 -13.15 -31.54
N ARG E 189 -13.10 -12.24 -31.91
CA ARG E 189 -13.40 -11.23 -32.92
C ARG E 189 -12.09 -10.64 -33.42
N ASN E 190 -12.16 -9.85 -34.48
CA ASN E 190 -10.97 -9.13 -34.93
C ASN E 190 -11.19 -7.63 -34.82
N VAL E 191 -10.10 -6.93 -34.54
CA VAL E 191 -10.07 -5.47 -34.37
C VAL E 191 -9.30 -4.85 -35.53
N VAL E 192 -9.96 -3.97 -36.28
CA VAL E 192 -9.36 -3.37 -37.47
C VAL E 192 -8.68 -2.07 -37.02
N PHE E 193 -7.36 -2.13 -36.80
CA PHE E 193 -6.62 -0.92 -36.50
C PHE E 193 -6.12 -0.25 -37.78
N ALA E 194 -5.31 0.80 -37.60
CA ALA E 194 -4.73 1.50 -38.74
C ALA E 194 -3.64 0.69 -39.40
N THR E 195 -3.03 -0.24 -38.67
CA THR E 195 -1.98 -1.05 -39.24
C THR E 195 -2.52 -2.34 -39.82
N GLY E 196 -3.85 -2.55 -39.75
CA GLY E 196 -4.40 -3.78 -40.29
C GLY E 196 -5.28 -4.46 -39.28
N ALA E 197 -5.72 -5.68 -39.60
CA ALA E 197 -6.58 -6.34 -38.64
C ALA E 197 -5.73 -7.07 -37.59
N TYR E 198 -6.36 -7.34 -36.45
CA TYR E 198 -5.73 -8.00 -35.33
C TYR E 198 -6.66 -9.00 -34.66
N PRO E 199 -6.23 -10.24 -34.46
CA PRO E 199 -7.11 -11.22 -33.81
C PRO E 199 -7.22 -10.86 -32.35
N ARG E 200 -8.40 -11.07 -31.76
CA ARG E 200 -8.58 -10.80 -30.35
C ARG E 200 -9.54 -11.80 -29.74
N LEU E 201 -9.21 -12.18 -28.50
CA LEU E 201 -10.06 -12.97 -27.63
C LEU E 201 -10.37 -12.16 -26.39
N SER E 202 -11.57 -12.35 -25.87
CA SER E 202 -12.04 -11.59 -24.72
C SER E 202 -12.69 -12.52 -23.73
N LEU E 203 -12.40 -12.31 -22.45
CA LEU E 203 -13.00 -13.09 -21.38
C LEU E 203 -13.61 -12.11 -20.39
N SER E 204 -14.90 -12.26 -20.12
CA SER E 204 -15.60 -11.31 -19.28
C SER E 204 -16.32 -12.00 -18.14
N PHE E 205 -16.39 -11.30 -17.01
CA PHE E 205 -17.15 -11.76 -15.85
C PHE E 205 -18.12 -10.68 -15.45
N ARG E 206 -19.25 -11.10 -14.89
CA ARG E 206 -20.26 -10.20 -14.37
C ARG E 206 -20.35 -10.41 -12.87
N LEU E 207 -20.20 -9.33 -12.12
CA LEU E 207 -20.13 -9.34 -10.67
C LEU E 207 -21.35 -8.64 -10.08
N LYS E 208 -21.86 -9.19 -8.98
CA LYS E 208 -22.98 -8.63 -8.24
C LYS E 208 -22.54 -8.42 -6.81
N ARG E 209 -22.59 -7.18 -6.33
CA ARG E 209 -22.04 -6.86 -5.03
C ARG E 209 -22.93 -7.37 -3.90
N ASN E 210 -22.28 -7.76 -2.81
CA ASN E 210 -22.95 -8.20 -1.60
C ASN E 210 -23.34 -6.98 -0.76
N ILE E 211 -24.40 -7.14 0.03
CA ILE E 211 -24.98 -6.01 0.74
C ILE E 211 -24.83 -6.09 2.25
N GLY E 212 -24.47 -7.26 2.79
CA GLY E 212 -24.49 -7.42 4.24
C GLY E 212 -23.55 -6.47 4.96
N TYR E 213 -22.39 -6.21 4.36
CA TYR E 213 -21.44 -5.30 4.99
C TYR E 213 -22.01 -3.90 5.07
N PHE E 214 -22.69 -3.44 4.02
CA PHE E 214 -23.16 -2.07 4.05
C PHE E 214 -24.39 -1.98 4.95
N ILE E 215 -25.15 -3.07 5.05
CA ILE E 215 -26.33 -3.07 5.89
C ILE E 215 -25.92 -2.92 7.34
N LEU E 216 -24.93 -3.71 7.77
CA LEU E 216 -24.52 -3.66 9.17
C LEU E 216 -23.55 -2.53 9.48
N GLN E 217 -22.94 -1.90 8.49
CA GLN E 217 -21.93 -0.88 8.73
C GLN E 217 -22.35 0.54 8.33
N THR E 218 -23.24 0.70 7.36
CA THR E 218 -23.60 2.01 6.84
C THR E 218 -25.06 2.38 7.12
N TYR E 219 -26.01 1.55 6.71
CA TYR E 219 -27.41 1.96 6.74
C TYR E 219 -27.97 1.90 8.17
N MET E 220 -27.60 0.89 8.94
CA MET E 220 -28.10 0.78 10.30
C MET E 220 -27.76 1.97 11.18
N PRO E 221 -26.54 2.53 11.17
CA PRO E 221 -26.31 3.72 12.01
C PRO E 221 -27.21 4.89 11.65
N SER E 222 -27.47 5.10 10.36
CA SER E 222 -28.33 6.21 9.97
C SER E 222 -29.76 5.95 10.38
N ILE E 223 -30.19 4.68 10.28
CA ILE E 223 -31.55 4.33 10.67
C ILE E 223 -31.70 4.55 12.17
N LEU E 224 -30.69 4.13 12.94
CA LEU E 224 -30.79 4.24 14.38
C LEU E 224 -30.80 5.70 14.81
N ILE E 225 -30.02 6.55 14.13
CA ILE E 225 -30.02 7.96 14.49
C ILE E 225 -31.37 8.58 14.14
N THR E 226 -31.99 8.14 13.04
CA THR E 226 -33.31 8.64 12.69
C THR E 226 -34.33 8.23 13.74
N ILE E 227 -34.25 6.98 14.22
CA ILE E 227 -35.21 6.53 15.23
C ILE E 227 -34.98 7.28 16.54
N LEU E 228 -33.70 7.52 16.89
CA LEU E 228 -33.36 8.25 18.09
C LEU E 228 -33.87 9.68 18.03
N SER E 229 -34.01 10.22 16.83
CA SER E 229 -34.52 11.58 16.70
C SER E 229 -36.01 11.67 17.04
N TRP E 230 -36.71 10.53 17.07
CA TRP E 230 -38.11 10.53 17.45
C TRP E 230 -38.31 10.49 18.96
N VAL E 231 -37.25 10.27 19.74
CA VAL E 231 -37.37 10.30 21.19
C VAL E 231 -37.80 11.67 21.69
N SER E 232 -37.45 12.73 20.94
CA SER E 232 -37.82 14.07 21.34
C SER E 232 -39.32 14.24 21.45
N PHE E 233 -40.09 13.58 20.58
CA PHE E 233 -41.54 13.75 20.58
C PHE E 233 -42.19 13.22 21.85
N TRP E 234 -41.53 12.31 22.56
CA TRP E 234 -42.05 11.75 23.80
C TRP E 234 -41.51 12.45 25.04
N ILE E 235 -40.73 13.51 24.88
CA ILE E 235 -40.22 14.28 26.00
C ILE E 235 -41.09 15.51 26.19
N ASN E 236 -41.27 15.90 27.45
CA ASN E 236 -42.06 17.08 27.78
C ASN E 236 -41.44 18.32 27.17
N TYR E 237 -42.28 19.25 26.72
CA TYR E 237 -41.78 20.39 25.96
C TYR E 237 -41.03 21.39 26.83
N ASP E 238 -41.22 21.33 28.16
CA ASP E 238 -40.47 22.21 29.05
C ASP E 238 -39.05 21.72 29.30
N ALA E 239 -38.71 20.51 28.87
CA ALA E 239 -37.34 19.99 28.98
C ALA E 239 -36.54 20.48 27.78
N SER E 240 -36.26 21.79 27.79
CA SER E 240 -35.63 22.42 26.63
C SER E 240 -34.20 21.91 26.43
N ALA E 241 -33.47 21.72 27.52
CA ALA E 241 -32.07 21.30 27.40
C ALA E 241 -31.97 19.87 26.88
N ALA E 242 -32.90 19.00 27.28
CA ALA E 242 -32.83 17.61 26.83
C ALA E 242 -33.17 17.51 25.36
N ARG E 243 -34.19 18.22 24.90
CA ARG E 243 -34.60 18.07 23.51
C ARG E 243 -33.62 18.79 22.59
N VAL E 244 -33.10 19.93 23.03
CA VAL E 244 -32.09 20.64 22.23
C VAL E 244 -30.83 19.79 22.12
N ALA E 245 -30.38 19.22 23.25
CA ALA E 245 -29.18 18.39 23.23
C ALA E 245 -29.37 17.16 22.35
N LEU E 246 -30.54 16.51 22.43
CA LEU E 246 -30.82 15.37 21.57
C LEU E 246 -30.81 15.77 20.10
N GLY E 247 -31.43 16.90 19.77
CA GLY E 247 -31.51 17.30 18.37
C GLY E 247 -30.13 17.64 17.83
N ILE E 248 -29.34 18.37 18.59
CA ILE E 248 -28.08 18.81 18.03
C ILE E 248 -27.06 17.70 18.06
N THR E 249 -27.19 16.74 19.00
CA THR E 249 -26.25 15.66 18.96
C THR E 249 -26.58 14.68 17.86
N THR E 250 -27.87 14.50 17.53
CA THR E 250 -28.19 13.66 16.37
C THR E 250 -27.77 14.34 15.08
N VAL E 251 -27.85 15.67 15.02
CA VAL E 251 -27.36 16.38 13.84
C VAL E 251 -25.86 16.22 13.70
N LEU E 252 -25.13 16.36 14.81
CA LEU E 252 -23.68 16.19 14.74
C LEU E 252 -23.29 14.77 14.38
N THR E 253 -23.98 13.77 14.93
CA THR E 253 -23.67 12.39 14.59
C THR E 253 -23.94 12.08 13.12
N MET E 254 -25.06 12.57 12.59
CA MET E 254 -25.33 12.34 11.17
C MET E 254 -24.34 13.06 10.28
N THR E 255 -23.96 14.29 10.65
CA THR E 255 -22.96 15.01 9.89
C THR E 255 -21.61 14.31 9.94
N THR E 256 -21.22 13.80 11.11
CA THR E 256 -19.96 13.08 11.22
C THR E 256 -19.97 11.82 10.37
N ILE E 257 -21.11 11.12 10.34
CA ILE E 257 -21.22 9.93 9.51
C ILE E 257 -21.05 10.29 8.05
N ASN E 258 -21.76 11.32 7.59
CA ASN E 258 -21.72 11.63 6.17
C ASN E 258 -20.33 12.12 5.77
N THR E 259 -19.72 12.96 6.62
CA THR E 259 -18.41 13.51 6.28
C THR E 259 -17.35 12.42 6.28
N HIS E 260 -17.40 11.49 7.24
CA HIS E 260 -16.34 10.49 7.28
C HIS E 260 -16.55 9.46 6.19
N LEU E 261 -17.80 9.16 5.82
CA LEU E 261 -18.01 8.30 4.68
C LEU E 261 -17.48 8.95 3.40
N ARG E 262 -17.71 10.26 3.25
CA ARG E 262 -17.13 10.96 2.11
C ARG E 262 -15.61 10.92 2.14
N GLU E 263 -15.02 10.88 3.33
CA GLU E 263 -13.57 10.86 3.43
C GLU E 263 -13.01 9.47 3.10
N THR E 264 -13.75 8.42 3.43
CA THR E 264 -13.24 7.06 3.26
C THR E 264 -13.67 6.42 1.95
N LEU E 265 -14.87 6.73 1.47
CA LEU E 265 -15.33 6.13 0.22
C LEU E 265 -14.58 6.71 -0.98
N PRO E 266 -14.52 5.96 -2.07
CA PRO E 266 -13.85 6.46 -3.28
C PRO E 266 -14.53 7.70 -3.84
N LYS E 267 -13.70 8.62 -4.35
CA LYS E 267 -14.18 9.90 -4.86
C LYS E 267 -14.82 9.61 -6.22
N ILE E 268 -16.14 9.52 -6.22
CA ILE E 268 -16.91 9.26 -7.42
C ILE E 268 -17.87 10.43 -7.63
N PRO E 269 -17.48 11.42 -8.43
CA PRO E 269 -18.23 12.68 -8.48
C PRO E 269 -19.51 12.59 -9.30
N TYR E 270 -20.42 11.73 -8.83
CA TYR E 270 -21.82 11.79 -9.26
C TYR E 270 -22.67 11.11 -8.20
N VAL E 271 -23.98 11.34 -8.29
CA VAL E 271 -24.92 10.96 -7.25
C VAL E 271 -25.07 9.44 -7.21
N LYS E 272 -24.80 8.84 -6.05
CA LYS E 272 -24.99 7.40 -5.90
C LYS E 272 -26.21 7.15 -5.02
N ALA E 273 -26.57 5.88 -4.86
CA ALA E 273 -27.71 5.57 -3.99
C ALA E 273 -27.38 5.81 -2.52
N ILE E 274 -26.12 5.64 -2.13
CA ILE E 274 -25.80 5.85 -0.73
C ILE E 274 -25.87 7.32 -0.37
N ASP E 275 -25.53 8.20 -1.31
CA ASP E 275 -25.62 9.62 -0.98
C ASP E 275 -27.06 10.05 -0.90
N MET E 276 -27.94 9.41 -1.68
CA MET E 276 -29.34 9.76 -1.64
C MET E 276 -29.96 9.29 -0.34
N TYR E 277 -29.51 8.12 0.15
CA TYR E 277 -30.08 7.60 1.39
C TYR E 277 -29.60 8.42 2.57
N LEU E 278 -28.30 8.74 2.61
CA LEU E 278 -27.78 9.53 3.71
C LEU E 278 -28.39 10.93 3.71
N MET E 279 -28.57 11.52 2.53
CA MET E 279 -29.20 12.84 2.48
C MET E 279 -30.66 12.77 2.91
N GLY E 280 -31.36 11.68 2.55
CA GLY E 280 -32.74 11.54 2.98
C GLY E 280 -32.85 11.42 4.49
N CYS E 281 -31.93 10.65 5.10
CA CYS E 281 -31.95 10.56 6.55
C CYS E 281 -31.62 11.91 7.19
N PHE E 282 -30.69 12.65 6.58
CA PHE E 282 -30.36 13.97 7.12
C PHE E 282 -31.56 14.90 7.02
N VAL E 283 -32.36 14.75 5.95
CA VAL E 283 -33.55 15.57 5.82
C VAL E 283 -34.56 15.18 6.88
N PHE E 284 -34.65 13.88 7.18
CA PHE E 284 -35.63 13.45 8.17
C PHE E 284 -35.28 13.99 9.55
N VAL E 285 -33.99 13.96 9.92
CA VAL E 285 -33.64 14.50 11.23
C VAL E 285 -33.69 16.03 11.22
N PHE E 286 -33.50 16.65 10.05
CA PHE E 286 -33.67 18.08 9.95
C PHE E 286 -35.12 18.47 10.18
N LEU E 287 -36.04 17.67 9.64
CA LEU E 287 -37.44 18.00 9.82
C LEU E 287 -37.89 17.64 11.22
N ALA E 288 -37.24 16.66 11.84
CA ALA E 288 -37.60 16.31 13.20
C ALA E 288 -37.23 17.44 14.15
N LEU E 289 -36.06 18.07 13.94
CA LEU E 289 -35.72 19.24 14.74
C LEU E 289 -36.51 20.48 14.34
N LEU E 290 -36.91 20.57 13.06
CA LEU E 290 -37.72 21.69 12.65
C LEU E 290 -39.13 21.59 13.21
N GLU E 291 -39.61 20.36 13.47
CA GLU E 291 -40.94 20.25 14.06
C GLU E 291 -40.91 20.85 15.45
N TYR E 292 -39.83 20.59 16.20
CA TYR E 292 -39.75 21.20 17.51
C TYR E 292 -39.54 22.70 17.38
N ALA E 293 -38.98 23.15 16.25
CA ALA E 293 -38.85 24.59 16.04
C ALA E 293 -40.24 25.23 15.95
N PHE E 294 -41.14 24.57 15.23
CA PHE E 294 -42.52 25.06 15.14
C PHE E 294 -43.21 24.97 16.49
N VAL E 295 -43.05 23.86 17.20
CA VAL E 295 -43.75 23.71 18.47
C VAL E 295 -43.26 24.76 19.44
N ASN E 296 -41.94 24.97 19.51
CA ASN E 296 -41.42 26.00 20.40
C ASN E 296 -41.91 27.37 19.96
N TYR E 297 -42.18 27.54 18.65
CA TYR E 297 -42.60 28.82 18.13
C TYR E 297 -44.08 29.09 18.41
N ILE E 298 -44.88 28.07 18.69
CA ILE E 298 -46.33 28.22 18.81
C ILE E 298 -46.88 27.66 20.11
N PHE E 299 -46.04 27.10 20.99
CA PHE E 299 -46.55 26.45 22.19
C PHE E 299 -47.12 27.42 23.21
N PHE E 300 -46.90 28.72 23.05
CA PHE E 300 -47.48 29.68 23.99
C PHE E 300 -48.85 30.18 23.54
N SER E 301 -48.99 30.55 22.27
CA SER E 301 -50.28 31.02 21.80
C SER E 301 -51.27 29.88 21.63
N GLN E 302 -50.84 28.76 21.07
CA GLN E 302 -51.71 27.61 20.80
C GLN E 302 -51.09 26.34 21.36
N PRO E 303 -51.13 26.15 22.67
CA PRO E 303 -50.48 24.95 23.25
C PRO E 303 -51.20 23.66 22.87
N ALA E 304 -52.49 23.73 22.57
CA ALA E 304 -53.22 22.52 22.20
C ALA E 304 -52.88 22.11 20.78
N ARG E 305 -52.71 23.09 19.88
CA ARG E 305 -52.35 22.72 18.52
C ARG E 305 -50.93 22.19 18.49
N ALA E 306 -50.04 22.76 19.32
CA ALA E 306 -48.68 22.23 19.37
C ALA E 306 -48.65 20.83 19.94
N ALA E 307 -49.56 20.52 20.89
CA ALA E 307 -49.60 19.16 21.40
C ALA E 307 -50.17 18.22 20.35
N ALA E 308 -51.08 18.71 19.51
CA ALA E 308 -51.64 17.85 18.48
C ALA E 308 -50.60 17.63 17.38
N ILE E 309 -49.73 18.62 17.16
CA ILE E 309 -48.68 18.46 16.17
C ILE E 309 -47.67 17.45 16.66
N ASP E 310 -47.35 17.48 17.95
CA ASP E 310 -46.40 16.49 18.47
C ASP E 310 -47.00 15.09 18.39
N ARG E 311 -48.30 14.97 18.72
CA ARG E 311 -48.93 13.65 18.68
C ARG E 311 -49.00 13.13 17.25
N TRP E 312 -49.31 14.00 16.28
CA TRP E 312 -49.36 13.54 14.91
C TRP E 312 -47.96 13.28 14.35
N SER E 313 -46.95 14.01 14.84
CA SER E 313 -45.58 13.75 14.41
C SER E 313 -45.08 12.40 14.89
N ARG E 314 -45.62 11.92 16.01
CA ARG E 314 -45.24 10.61 16.54
C ARG E 314 -45.66 9.50 15.60
N ILE E 315 -46.59 9.78 14.70
CA ILE E 315 -47.11 8.80 13.76
C ILE E 315 -46.57 9.07 12.37
N VAL E 316 -46.54 10.34 11.96
CA VAL E 316 -46.15 10.71 10.61
C VAL E 316 -44.68 10.41 10.38
N PHE E 317 -43.80 10.76 11.33
CA PHE E 317 -42.38 10.54 11.09
C PHE E 317 -42.03 9.06 10.92
N PRO E 318 -42.42 8.14 11.79
CA PRO E 318 -42.13 6.73 11.51
C PRO E 318 -42.81 6.23 10.27
N PHE E 319 -44.02 6.73 9.96
CA PHE E 319 -44.72 6.27 8.77
C PHE E 319 -44.07 6.81 7.50
N THR E 320 -43.64 8.08 7.53
CA THR E 320 -43.03 8.63 6.33
C THR E 320 -41.63 8.05 6.14
N PHE E 321 -40.97 7.68 7.23
CA PHE E 321 -39.64 7.08 7.10
C PHE E 321 -39.73 5.66 6.58
N SER E 322 -40.75 4.91 7.01
CA SER E 322 -40.95 3.59 6.44
C SER E 322 -41.41 3.68 4.98
N LEU E 323 -42.19 4.70 4.63
CA LEU E 323 -42.55 4.86 3.23
C LEU E 323 -41.34 5.21 2.37
N PHE E 324 -40.42 6.01 2.92
CA PHE E 324 -39.18 6.32 2.21
C PHE E 324 -38.34 5.07 2.04
N ASN E 325 -38.24 4.24 3.08
CA ASN E 325 -37.46 3.02 2.95
C ASN E 325 -38.08 2.09 1.93
N LEU E 326 -39.41 1.98 1.95
CA LEU E 326 -40.10 1.08 1.02
C LEU E 326 -39.86 1.52 -0.42
N VAL E 327 -39.97 2.82 -0.68
CA VAL E 327 -39.75 3.32 -2.03
C VAL E 327 -38.28 3.16 -2.44
N TYR E 328 -37.36 3.38 -1.50
CA TYR E 328 -35.95 3.29 -1.82
C TYR E 328 -35.57 1.87 -2.20
N TRP E 329 -36.04 0.91 -1.40
CA TRP E 329 -35.62 -0.47 -1.64
C TRP E 329 -36.35 -1.05 -2.84
N LEU E 330 -37.60 -0.61 -3.09
CA LEU E 330 -38.26 -1.05 -4.31
C LEU E 330 -37.55 -0.49 -5.54
N TYR E 331 -37.11 0.76 -5.47
CA TYR E 331 -36.46 1.41 -6.61
C TYR E 331 -35.01 0.96 -6.79
N TYR E 332 -34.45 0.20 -5.83
CA TYR E 332 -33.05 -0.18 -5.93
C TYR E 332 -32.79 -1.66 -5.75
N VAL E 333 -33.81 -2.47 -5.47
CA VAL E 333 -33.61 -3.92 -5.37
C VAL E 333 -34.56 -4.64 -6.30
N GLN F 1 -30.95 -24.53 7.68
CA GLN F 1 -30.00 -25.40 8.34
C GLN F 1 -29.04 -26.00 7.32
N VAL F 2 -27.98 -26.66 7.81
CA VAL F 2 -26.95 -27.27 6.97
C VAL F 2 -27.11 -28.77 7.06
N GLN F 3 -27.32 -29.42 5.91
CA GLN F 3 -27.43 -30.87 5.88
C GLN F 3 -26.55 -31.45 4.78
N LEU F 4 -25.82 -32.52 5.13
CA LEU F 4 -25.00 -33.29 4.20
C LEU F 4 -25.74 -34.60 3.92
N GLN F 5 -26.41 -34.68 2.78
CA GLN F 5 -27.14 -35.90 2.42
C GLN F 5 -26.27 -36.79 1.54
N GLU F 6 -26.26 -38.08 1.84
CA GLU F 6 -25.40 -39.04 1.15
C GLU F 6 -26.25 -40.01 0.35
N SER F 7 -25.75 -40.39 -0.82
CA SER F 7 -26.45 -41.37 -1.65
C SER F 7 -25.50 -42.52 -2.00
N GLY F 8 -25.94 -43.39 -2.91
CA GLY F 8 -25.11 -44.52 -3.25
C GLY F 8 -25.10 -45.55 -2.13
N GLY F 9 -24.11 -46.45 -2.21
CA GLY F 9 -23.97 -47.49 -1.21
C GLY F 9 -24.53 -48.81 -1.69
N GLY F 10 -25.11 -49.58 -0.78
CA GLY F 10 -25.69 -50.85 -1.18
C GLY F 10 -24.78 -52.05 -1.01
N LEU F 11 -24.83 -52.96 -1.98
CA LEU F 11 -24.05 -54.19 -1.96
C LEU F 11 -23.41 -54.41 -3.32
N VAL F 12 -22.19 -54.94 -3.33
CA VAL F 12 -21.50 -55.30 -4.57
C VAL F 12 -20.87 -56.69 -4.43
N GLN F 13 -20.64 -57.33 -5.57
CA GLN F 13 -20.15 -58.71 -5.58
C GLN F 13 -18.62 -58.74 -5.67
N ALA F 14 -18.00 -58.31 -4.58
CA ALA F 14 -16.54 -58.37 -4.40
C ALA F 14 -15.79 -57.72 -5.57
N GLY F 15 -16.30 -56.59 -6.04
CA GLY F 15 -15.64 -55.89 -7.12
C GLY F 15 -16.59 -54.91 -7.77
N GLY F 16 -16.11 -54.31 -8.86
CA GLY F 16 -16.87 -53.36 -9.62
C GLY F 16 -16.82 -51.95 -9.05
N SER F 17 -17.29 -51.01 -9.86
CA SER F 17 -17.32 -49.62 -9.48
C SER F 17 -18.46 -49.35 -8.50
N LEU F 18 -18.26 -48.35 -7.65
CA LEU F 18 -19.32 -47.93 -6.73
C LEU F 18 -19.08 -46.47 -6.38
N ARG F 19 -19.85 -45.57 -6.99
CA ARG F 19 -19.67 -44.14 -6.82
C ARG F 19 -20.62 -43.65 -5.74
N VAL F 20 -20.07 -43.30 -4.58
CA VAL F 20 -20.85 -42.75 -3.48
C VAL F 20 -20.81 -41.24 -3.57
N SER F 21 -21.98 -40.61 -3.51
CA SER F 21 -22.03 -39.16 -3.64
C SER F 21 -22.34 -38.51 -2.30
N CYS F 22 -22.32 -37.18 -2.30
CA CYS F 22 -22.61 -36.41 -1.09
C CYS F 22 -22.97 -34.99 -1.50
N ALA F 23 -24.21 -34.59 -1.21
CA ALA F 23 -24.75 -33.29 -1.58
C ALA F 23 -24.91 -32.45 -0.31
N ALA F 24 -24.47 -31.20 -0.39
CA ALA F 24 -24.54 -30.28 0.75
C ALA F 24 -25.66 -29.28 0.54
N SER F 25 -26.21 -28.79 1.65
CA SER F 25 -27.28 -27.81 1.58
C SER F 25 -27.24 -26.93 2.81
N GLY F 26 -27.66 -25.68 2.63
CA GLY F 26 -27.69 -24.69 3.69
C GLY F 26 -26.42 -23.89 3.86
N ARG F 27 -25.36 -24.22 3.14
CA ARG F 27 -24.10 -23.51 3.19
C ARG F 27 -23.23 -23.97 2.05
N THR F 28 -22.57 -23.02 1.38
CA THR F 28 -21.66 -23.32 0.29
C THR F 28 -20.29 -23.64 0.85
N PHE F 29 -19.76 -24.82 0.48
CA PHE F 29 -18.50 -25.32 1.00
C PHE F 29 -17.36 -25.17 0.00
N THR F 30 -17.38 -24.11 -0.82
CA THR F 30 -16.34 -23.92 -1.80
C THR F 30 -14.98 -23.72 -1.14
N THR F 31 -14.93 -22.94 -0.06
CA THR F 31 -13.69 -22.64 0.64
C THR F 31 -13.35 -23.66 1.73
N TYR F 32 -14.10 -24.74 1.85
CA TYR F 32 -13.86 -25.74 2.88
C TYR F 32 -13.21 -26.98 2.29
N ILE F 33 -12.72 -27.84 3.19
CA ILE F 33 -12.17 -29.13 2.84
C ILE F 33 -13.28 -30.15 3.00
N MET F 34 -13.56 -30.90 1.94
CA MET F 34 -14.56 -31.97 1.99
C MET F 34 -13.88 -33.32 1.92
N ALA F 35 -14.21 -34.19 2.88
CA ALA F 35 -13.51 -35.45 3.06
C ALA F 35 -14.51 -36.59 3.17
N TRP F 36 -13.96 -37.80 3.21
CA TRP F 36 -14.70 -39.03 3.41
C TRP F 36 -14.07 -39.86 4.51
N PHE F 37 -14.92 -40.49 5.31
CA PHE F 37 -14.49 -41.33 6.41
C PHE F 37 -15.17 -42.68 6.30
N ARG F 38 -14.66 -43.65 7.05
CA ARG F 38 -15.15 -45.02 7.01
C ARG F 38 -15.19 -45.57 8.42
N GLN F 39 -16.27 -46.28 8.75
CA GLN F 39 -16.42 -46.88 10.07
C GLN F 39 -16.85 -48.34 9.92
N ALA F 40 -15.89 -49.23 10.14
CA ALA F 40 -16.16 -50.66 10.19
C ALA F 40 -16.97 -50.96 11.45
N PRO F 41 -17.66 -52.11 11.48
CA PRO F 41 -18.56 -52.37 12.62
C PRO F 41 -17.82 -52.40 13.94
N GLY F 42 -18.05 -51.35 14.73
CA GLY F 42 -17.55 -51.16 16.07
C GLY F 42 -16.09 -50.78 16.14
N LYS F 43 -15.39 -50.73 15.02
CA LYS F 43 -13.95 -50.48 14.99
C LYS F 43 -13.72 -48.97 15.02
N GLU F 44 -12.49 -48.57 14.71
CA GLU F 44 -12.10 -47.18 14.79
C GLU F 44 -12.71 -46.42 13.62
N ARG F 45 -12.77 -45.10 13.73
CA ARG F 45 -13.17 -44.26 12.61
C ARG F 45 -11.93 -43.87 11.82
N GLU F 46 -11.95 -44.10 10.52
CA GLU F 46 -10.76 -44.00 9.69
C GLU F 46 -10.91 -42.97 8.58
N PHE F 47 -9.84 -42.21 8.36
CA PHE F 47 -9.76 -41.26 7.26
C PHE F 47 -9.54 -42.00 5.95
N LEU F 48 -10.24 -41.56 4.90
CA LEU F 48 -10.12 -42.17 3.58
C LEU F 48 -9.53 -41.20 2.57
N ALA F 49 -10.15 -40.04 2.37
CA ALA F 49 -9.73 -39.13 1.31
C ALA F 49 -10.25 -37.74 1.64
N ALA F 50 -9.66 -36.74 1.00
CA ALA F 50 -10.08 -35.36 1.23
C ALA F 50 -9.63 -34.49 0.07
N MET F 51 -10.44 -33.48 -0.23
CA MET F 51 -10.12 -32.50 -1.26
C MET F 51 -10.45 -31.10 -0.78
N ASP F 52 -9.46 -30.21 -0.88
CA ASP F 52 -9.56 -28.85 -0.39
C ASP F 52 -10.03 -27.94 -1.53
N GLN F 53 -9.97 -26.62 -1.31
CA GLN F 53 -10.42 -25.67 -2.33
C GLN F 53 -9.55 -25.69 -3.58
N GLY F 54 -8.25 -25.92 -3.43
CA GLY F 54 -7.35 -25.97 -4.55
C GLY F 54 -7.31 -27.27 -5.32
N ARG F 55 -8.24 -28.19 -5.04
CA ARG F 55 -8.36 -29.47 -5.71
C ARG F 55 -7.19 -30.39 -5.39
N ILE F 56 -6.49 -30.16 -4.28
CA ILE F 56 -5.42 -31.05 -3.85
C ILE F 56 -6.07 -32.28 -3.23
N GLN F 57 -5.63 -33.46 -3.64
CA GLN F 57 -6.24 -34.71 -3.20
C GLN F 57 -5.34 -35.40 -2.19
N TYR F 58 -5.89 -35.71 -1.02
CA TYR F 58 -5.18 -36.46 0.00
C TYR F 58 -5.86 -37.81 0.19
N TYR F 59 -5.06 -38.85 0.40
CA TYR F 59 -5.59 -40.19 0.56
C TYR F 59 -4.90 -40.87 1.74
N GLY F 60 -5.60 -41.83 2.34
CA GLY F 60 -4.98 -42.68 3.32
C GLY F 60 -4.03 -43.69 2.71
N ASP F 61 -3.09 -44.16 3.51
CA ASP F 61 -2.05 -45.06 3.02
C ASP F 61 -2.59 -46.45 2.67
N SER F 62 -3.83 -46.76 3.03
CA SER F 62 -4.42 -48.05 2.75
C SER F 62 -5.30 -48.06 1.51
N VAL F 63 -5.85 -46.92 1.11
CA VAL F 63 -6.79 -46.84 -0.01
C VAL F 63 -6.20 -46.09 -1.20
N ARG F 64 -4.91 -45.81 -1.19
CA ARG F 64 -4.28 -45.09 -2.29
C ARG F 64 -4.22 -45.98 -3.53
N GLY F 65 -4.69 -45.46 -4.65
CA GLY F 65 -4.74 -46.20 -5.89
C GLY F 65 -6.02 -46.99 -6.12
N ARG F 66 -6.94 -46.98 -5.18
CA ARG F 66 -8.20 -47.70 -5.32
C ARG F 66 -9.41 -46.79 -5.27
N PHE F 67 -9.42 -45.80 -4.38
CA PHE F 67 -10.53 -44.88 -4.23
C PHE F 67 -10.14 -43.53 -4.81
N THR F 68 -11.03 -42.94 -5.60
CA THR F 68 -10.78 -41.67 -6.25
C THR F 68 -11.79 -40.64 -5.75
N ILE F 69 -11.32 -39.48 -5.32
CA ILE F 69 -12.19 -38.45 -4.82
C ILE F 69 -12.35 -37.36 -5.87
N SER F 70 -13.50 -36.68 -5.84
CA SER F 70 -13.75 -35.58 -6.75
C SER F 70 -14.79 -34.67 -6.13
N ARG F 71 -14.88 -33.45 -6.64
CA ARG F 71 -15.85 -32.48 -6.14
C ARG F 71 -16.50 -31.76 -7.31
N ASP F 72 -17.81 -31.58 -7.22
CA ASP F 72 -18.54 -30.77 -8.20
C ASP F 72 -18.88 -29.44 -7.55
N TYR F 73 -17.98 -28.46 -7.76
CA TYR F 73 -18.08 -27.19 -7.06
C TYR F 73 -19.33 -26.42 -7.46
N ALA F 74 -19.81 -26.59 -8.70
CA ALA F 74 -21.01 -25.88 -9.14
C ALA F 74 -22.22 -26.33 -8.36
N LYS F 75 -22.37 -27.64 -8.17
CA LYS F 75 -23.50 -28.21 -7.47
C LYS F 75 -23.21 -28.38 -6.00
N ASN F 76 -21.99 -28.03 -5.58
CA ASN F 76 -21.57 -28.08 -4.18
C ASN F 76 -21.73 -29.51 -3.65
N SER F 77 -21.02 -30.43 -4.30
CA SER F 77 -21.11 -31.83 -3.94
C SER F 77 -19.72 -32.46 -3.98
N VAL F 78 -19.67 -33.73 -3.61
CA VAL F 78 -18.42 -34.48 -3.63
C VAL F 78 -18.73 -35.96 -3.84
N ASP F 79 -17.88 -36.62 -4.63
CA ASP F 79 -18.08 -38.02 -4.97
C ASP F 79 -16.82 -38.81 -4.65
N LEU F 80 -17.01 -40.11 -4.46
CA LEU F 80 -15.93 -41.05 -4.19
C LEU F 80 -16.16 -42.31 -5.01
N GLN F 81 -15.26 -42.58 -5.94
CA GLN F 81 -15.29 -43.75 -6.81
C GLN F 81 -14.55 -44.88 -6.13
N LEU F 82 -15.27 -45.94 -5.78
CA LEU F 82 -14.72 -47.11 -5.13
C LEU F 82 -14.52 -48.19 -6.20
N ASP F 83 -13.26 -48.59 -6.40
CA ASP F 83 -12.92 -49.60 -7.39
C ASP F 83 -12.07 -50.68 -6.75
N GLY F 84 -12.22 -51.90 -7.24
CA GLY F 84 -11.50 -53.05 -6.70
C GLY F 84 -11.87 -53.31 -5.26
N LEU F 85 -13.17 -53.30 -4.98
CA LEU F 85 -13.65 -53.46 -3.61
C LEU F 85 -13.38 -54.87 -3.11
N ARG F 86 -13.21 -54.98 -1.80
CA ARG F 86 -12.88 -56.22 -1.12
C ARG F 86 -13.81 -56.41 0.06
N PRO F 87 -13.94 -57.64 0.57
CA PRO F 87 -14.84 -57.86 1.72
C PRO F 87 -14.49 -57.00 2.93
N GLU F 88 -13.22 -56.66 3.11
CA GLU F 88 -12.80 -55.78 4.20
C GLU F 88 -13.30 -54.36 4.05
N ASP F 89 -13.84 -54.00 2.89
CA ASP F 89 -14.36 -52.66 2.63
C ASP F 89 -15.82 -52.51 3.01
N THR F 90 -16.42 -53.51 3.65
CA THR F 90 -17.80 -53.43 4.10
C THR F 90 -17.85 -52.63 5.38
N ALA F 91 -18.45 -51.46 5.33
CA ALA F 91 -18.50 -50.55 6.48
C ALA F 91 -19.53 -49.47 6.20
N VAL F 92 -19.57 -48.44 7.05
CA VAL F 92 -20.45 -47.29 6.85
C VAL F 92 -19.59 -46.12 6.43
N TYR F 93 -19.81 -45.62 5.22
CA TYR F 93 -19.05 -44.51 4.67
C TYR F 93 -19.73 -43.18 4.99
N TYR F 94 -18.95 -42.23 5.52
CA TYR F 94 -19.43 -40.95 5.98
C TYR F 94 -18.84 -39.84 5.14
N CYS F 95 -19.58 -38.73 5.03
CA CYS F 95 -19.17 -37.53 4.32
C CYS F 95 -19.00 -36.39 5.32
N ALA F 96 -17.89 -35.67 5.23
CA ALA F 96 -17.62 -34.63 6.20
C ALA F 96 -17.09 -33.38 5.50
N ALA F 97 -17.31 -32.23 6.15
CA ALA F 97 -16.77 -30.97 5.68
C ALA F 97 -16.20 -30.21 6.87
N GLY F 98 -15.07 -29.56 6.66
CA GLY F 98 -14.45 -28.84 7.76
C GLY F 98 -13.33 -27.95 7.25
N ALA F 99 -12.74 -27.21 8.19
CA ALA F 99 -11.62 -26.34 7.88
C ALA F 99 -10.26 -27.00 8.10
N GLY F 100 -10.23 -28.23 8.61
CA GLY F 100 -8.97 -28.91 8.83
C GLY F 100 -8.06 -28.30 9.86
N PHE F 101 -8.62 -27.77 10.95
CA PHE F 101 -7.80 -27.21 12.01
C PHE F 101 -7.17 -28.33 12.83
N TRP F 102 -5.86 -28.23 13.04
CA TRP F 102 -5.06 -29.24 13.74
C TRP F 102 -5.03 -30.57 13.01
N GLY F 103 -5.25 -30.56 11.70
CA GLY F 103 -5.11 -31.76 10.90
C GLY F 103 -6.35 -32.15 10.13
N LEU F 104 -6.23 -32.28 8.82
CA LEU F 104 -7.37 -32.70 8.01
C LEU F 104 -7.57 -34.20 8.00
N ARG F 105 -6.61 -34.97 8.50
CA ARG F 105 -6.71 -36.42 8.58
C ARG F 105 -7.32 -36.89 9.90
N THR F 106 -7.57 -35.97 10.83
CA THR F 106 -8.18 -36.29 12.11
C THR F 106 -9.66 -36.00 12.04
N ALA F 107 -10.48 -36.94 12.55
CA ALA F 107 -11.92 -36.77 12.50
C ALA F 107 -12.41 -35.66 13.40
N SER F 108 -11.65 -35.30 14.43
CA SER F 108 -12.08 -34.31 15.40
C SER F 108 -11.92 -32.88 14.90
N SER F 109 -11.69 -32.68 13.61
CA SER F 109 -11.54 -31.34 13.06
C SER F 109 -12.60 -30.97 12.03
N TYR F 110 -13.69 -31.71 11.93
CA TYR F 110 -14.72 -31.45 10.94
C TYR F 110 -15.99 -31.00 11.64
N HIS F 111 -16.52 -29.86 11.22
CA HIS F 111 -17.69 -29.27 11.88
C HIS F 111 -18.96 -30.04 11.54
N TYR F 112 -19.12 -30.42 10.28
CA TYR F 112 -20.34 -31.04 9.78
C TYR F 112 -20.07 -32.49 9.41
N TRP F 113 -21.01 -33.36 9.74
CA TRP F 113 -20.91 -34.78 9.41
C TRP F 113 -22.18 -35.29 8.75
N GLY F 114 -22.01 -36.26 7.87
CA GLY F 114 -23.14 -36.90 7.22
C GLY F 114 -23.77 -37.98 8.08
N GLN F 115 -24.89 -38.51 7.58
CA GLN F 115 -25.63 -39.56 8.27
C GLN F 115 -25.13 -40.95 7.95
N GLY F 116 -24.17 -41.10 7.05
CA GLY F 116 -23.59 -42.38 6.75
C GLY F 116 -24.31 -43.10 5.61
N THR F 117 -23.63 -44.10 5.05
CA THR F 117 -24.19 -44.91 3.98
C THR F 117 -23.49 -46.26 3.96
N GLN F 118 -24.24 -47.33 4.21
CA GLN F 118 -23.66 -48.66 4.28
C GLN F 118 -23.20 -49.17 2.92
N VAL F 119 -21.96 -49.64 2.86
CA VAL F 119 -21.41 -50.30 1.68
C VAL F 119 -21.04 -51.72 2.10
N THR F 120 -21.66 -52.71 1.44
CA THR F 120 -21.50 -54.12 1.74
C THR F 120 -20.82 -54.80 0.57
N VAL F 121 -19.78 -55.58 0.86
CA VAL F 121 -19.08 -56.36 -0.16
C VAL F 121 -19.28 -57.83 0.13
N SER F 122 -19.76 -58.56 -0.88
CA SER F 122 -20.07 -59.98 -0.75
C SER F 122 -19.10 -60.79 -1.60
N SER F 123 -18.53 -61.84 -1.00
CA SER F 123 -17.60 -62.70 -1.72
C SER F 123 -18.03 -64.16 -1.63
C1 NAG G . 19.55 -9.27 -7.75
C2 NAG G . 20.69 -8.47 -8.38
C3 NAG G . 20.16 -7.31 -9.21
C4 NAG G . 19.13 -7.78 -10.21
C5 NAG G . 18.03 -8.58 -9.49
C6 NAG G . 17.03 -9.19 -10.44
C7 NAG G . 22.80 -8.60 -7.14
C8 NAG G . 23.65 -7.99 -6.06
N2 NAG G . 21.64 -8.01 -7.37
O3 NAG G . 21.23 -6.66 -9.88
O4 NAG G . 18.54 -6.67 -10.87
O5 NAG G . 18.64 -9.67 -8.77
O6 NAG G . 16.05 -9.95 -9.73
O7 NAG G . 23.17 -9.59 -7.76
C1 NAG G . 18.81 -6.76 -12.29
C2 NAG G . 18.11 -5.59 -12.99
C3 NAG G . 18.41 -5.64 -14.49
C4 NAG G . 19.91 -5.70 -14.75
C5 NAG G . 20.52 -6.85 -13.95
C6 NAG G . 22.03 -6.89 -14.05
C7 NAG G . 16.13 -5.02 -11.68
C8 NAG G . 14.64 -5.12 -11.57
N2 NAG G . 16.69 -5.60 -12.74
O3 NAG G . 17.85 -4.49 -15.12
O4 NAG G . 20.14 -5.92 -16.12
O5 NAG G . 20.21 -6.71 -12.56
O6 NAG G . 22.57 -8.00 -13.36
O7 NAG G . 16.80 -4.42 -10.84
C1 BMA G . 20.77 -4.77 -16.72
C2 BMA G . 21.36 -5.19 -18.06
C3 BMA G . 21.96 -4.00 -18.79
C4 BMA G . 20.96 -2.85 -18.88
C5 BMA G . 20.42 -2.52 -17.49
C6 BMA G . 19.33 -1.47 -17.53
O2 BMA G . 20.33 -5.79 -18.85
O3 BMA G . 22.30 -4.42 -20.12
O4 BMA G . 21.59 -1.70 -19.42
O5 BMA G . 19.83 -3.70 -16.90
O6 BMA G . 18.60 -1.39 -16.32
C1 MAN G . 23.69 -4.17 -20.43
C2 MAN G . 23.82 -4.26 -21.95
C3 MAN G . 23.49 -5.67 -22.41
C4 MAN G . 24.39 -6.67 -21.69
C5 MAN G . 24.28 -6.48 -20.17
C6 MAN G . 25.25 -7.34 -19.40
O2 MAN G . 25.14 -3.93 -22.35
O3 MAN G . 23.66 -5.79 -23.81
O4 MAN G . 24.03 -8.00 -22.02
O5 MAN G . 24.56 -5.12 -19.82
O6 MAN G . 26.59 -7.02 -19.72
C1 MAN G . 25.24 -2.55 -22.75
C2 MAN G . 25.51 -2.41 -24.24
C3 MAN G . 25.78 -0.95 -24.57
C4 MAN G . 24.61 -0.09 -24.11
C5 MAN G . 24.32 -0.34 -22.63
C6 MAN G . 23.07 0.37 -22.15
O2 MAN G . 24.35 -2.85 -24.94
O3 MAN G . 26.00 -0.79 -25.96
O4 MAN G . 24.92 1.29 -24.30
O5 MAN G . 24.11 -1.74 -22.39
O6 MAN G . 23.10 1.74 -22.50
C1 MAN G . 24.69 -3.73 -26.03
C2 MAN G . 24.22 -3.14 -27.35
C3 MAN G . 24.52 -4.09 -28.50
C4 MAN G . 26.01 -4.45 -28.50
C5 MAN G . 26.40 -5.00 -27.14
C6 MAN G . 27.88 -5.29 -27.02
O2 MAN G . 24.87 -1.88 -27.57
O3 MAN G . 24.17 -3.47 -29.75
O4 MAN G . 26.26 -5.44 -29.50
O5 MAN G . 26.08 -4.03 -26.11
O6 MAN G . 28.66 -4.12 -27.20
C1 MAN G . 17.46 -0.54 -16.60
C2 MAN G . 16.79 -0.10 -15.30
C3 MAN G . 16.18 -1.30 -14.58
C4 MAN G . 15.25 -2.05 -15.51
C5 MAN G . 15.98 -2.43 -16.79
C6 MAN G . 15.10 -3.09 -17.81
O2 MAN G . 15.76 0.85 -15.59
O3 MAN G . 15.47 -0.84 -13.42
O4 MAN G . 14.78 -3.23 -14.87
O5 MAN G . 16.51 -1.25 -17.41
O6 MAN G . 15.87 -3.49 -18.94
C1 MAN G . 15.11 -3.31 -20.15
C2 MAN G . 15.53 -4.40 -21.11
C3 MAN G . 16.99 -4.24 -21.48
C4 MAN G . 17.24 -2.85 -22.05
C5 MAN G . 16.74 -1.79 -21.06
C6 MAN G . 16.82 -0.39 -21.62
O2 MAN G . 14.73 -4.32 -22.29
O3 MAN G . 17.38 -5.23 -22.42
O4 MAN G . 18.63 -2.65 -22.27
O5 MAN G . 15.36 -2.03 -20.74
O6 MAN G . 16.30 0.56 -20.70
C1 MAN G . 13.86 -5.46 -22.35
C2 MAN G . 13.65 -5.83 -23.81
C3 MAN G . 12.92 -4.71 -24.53
C4 MAN G . 11.62 -4.37 -23.80
C5 MAN G . 11.91 -4.07 -22.34
C6 MAN G . 10.66 -3.83 -21.52
O2 MAN G . 12.92 -7.04 -23.90
O3 MAN G . 12.63 -5.10 -25.87
O4 MAN G . 11.01 -3.23 -24.40
O5 MAN G . 12.59 -5.18 -21.74
O6 MAN G . 10.97 -3.54 -20.17
C1 MAN G . 15.99 -1.46 -12.24
C2 MAN G . 15.01 -1.20 -11.11
C3 MAN G . 14.97 0.29 -10.77
C4 MAN G . 16.37 0.79 -10.46
C5 MAN G . 17.30 0.47 -11.63
C6 MAN G . 18.74 0.85 -11.35
O2 MAN G . 15.37 -1.96 -9.96
O3 MAN G . 14.11 0.52 -9.65
O4 MAN G . 16.35 2.19 -10.24
O5 MAN G . 17.28 -0.94 -11.88
O6 MAN G . 19.56 0.57 -12.49
C1 NAG H . 48.27 1.01 -0.76
C2 NAG H . 49.06 2.25 -0.36
C3 NAG H . 49.87 1.96 0.91
C4 NAG H . 48.96 1.45 2.01
C5 NAG H . 48.17 0.24 1.51
C6 NAG H . 47.16 -0.27 2.50
C7 NAG H . 49.71 3.79 -2.16
C8 NAG H . 50.72 4.08 -3.24
N2 NAG H . 49.93 2.68 -1.44
O3 NAG H . 50.53 3.16 1.33
O4 NAG H . 49.74 1.09 3.14
O5 NAG H . 47.44 0.60 0.33
O6 NAG H . 46.21 0.72 2.82
O7 NAG H . 48.75 4.52 -1.95
C1 NAG H . 49.33 1.87 4.27
C2 NAG H . 49.99 1.27 5.51
C3 NAG H . 49.62 2.08 6.76
C4 NAG H . 49.97 3.54 6.53
C5 NAG H . 49.32 4.06 5.25
C6 NAG H . 49.71 5.48 4.92
C7 NAG H . 50.49 -1.09 5.92
C8 NAG H . 49.93 -2.48 6.07
N2 NAG H . 49.61 -0.12 5.68
O3 NAG H . 50.32 1.57 7.88
O4 NAG H . 49.52 4.33 7.64
O5 NAG H . 49.72 3.24 4.15
O6 NAG H . 51.11 5.60 4.76
O7 NAG H . 51.70 -0.87 6.02
C1 NAG I . 20.55 -6.84 21.94
C2 NAG I . 21.83 -6.33 22.59
C3 NAG I . 23.02 -7.22 22.20
C4 NAG I . 22.71 -8.68 22.50
C5 NAG I . 21.38 -9.09 21.88
C6 NAG I . 20.93 -10.48 22.27
C7 NAG I . 22.67 -4.07 23.04
C8 NAG I . 22.87 -2.68 22.49
N2 NAG I . 22.09 -4.95 22.22
O3 NAG I . 24.17 -6.81 22.93
O4 NAG I . 23.72 -9.50 21.90
O5 NAG I . 20.34 -8.19 22.32
O6 NAG I . 20.77 -10.58 23.68
O7 NAG I . 23.03 -4.37 24.18
C1 NAG I . 24.45 -10.22 22.91
C2 NAG I . 24.88 -11.54 22.29
C3 NAG I . 25.73 -12.34 23.26
C4 NAG I . 26.89 -11.50 23.77
C5 NAG I . 26.35 -10.19 24.35
C6 NAG I . 27.44 -9.24 24.79
C7 NAG I . 23.49 -12.62 20.57
C8 NAG I . 22.25 -13.43 20.31
N2 NAG I . 23.73 -12.31 21.85
O3 NAG I . 26.23 -13.50 22.62
O4 NAG I . 27.59 -12.21 24.78
O5 NAG I . 25.59 -9.50 23.36
O6 NAG I . 28.28 -8.88 23.70
O7 NAG I . 24.25 -12.27 19.67
C1 BMA I . 28.98 -12.33 24.41
C2 BMA I . 29.76 -12.67 25.67
C3 BMA I . 31.24 -12.84 25.34
C4 BMA I . 31.42 -13.85 24.21
C5 BMA I . 30.56 -13.47 23.01
C6 BMA I . 30.59 -14.50 21.92
O2 BMA I . 29.25 -13.87 26.23
O3 BMA I . 31.94 -13.28 26.50
O4 BMA I . 32.79 -13.89 23.81
O5 BMA I . 29.18 -13.34 23.42
O6 BMA I . 30.33 -15.80 22.44
C1 MAN I . 30.04 -16.70 21.37
C2 MAN I . 29.34 -17.91 21.95
C3 MAN I . 30.29 -18.63 22.90
C4 MAN I . 31.57 -19.01 22.18
C5 MAN I . 32.20 -17.78 21.55
C6 MAN I . 33.41 -18.10 20.69
O2 MAN I . 28.94 -18.79 20.91
O3 MAN I . 29.66 -19.80 23.44
O4 MAN I . 32.50 -19.60 23.09
O5 MAN I . 31.25 -17.11 20.69
O6 MAN I . 34.41 -18.77 21.44
C1 MAN I . 28.57 -19.39 24.28
C2 MAN I . 29.13 -18.80 25.58
C3 MAN I . 29.87 -19.88 26.37
C4 MAN I . 28.96 -21.09 26.59
C5 MAN I . 28.41 -21.57 25.25
C6 MAN I . 27.41 -22.70 25.39
O2 MAN I . 28.09 -18.25 26.36
O3 MAN I . 30.29 -19.35 27.62
O4 MAN I . 29.68 -22.14 27.21
O5 MAN I . 27.71 -20.49 24.60
O6 MAN I . 26.92 -23.12 24.13
C1 MAN I . 31.93 -12.25 27.49
C2 MAN I . 33.31 -11.63 27.56
C3 MAN I . 34.32 -12.66 28.03
C4 MAN I . 33.89 -13.28 29.34
C5 MAN I . 32.47 -13.83 29.21
C6 MAN I . 31.91 -14.36 30.51
O2 MAN I . 33.30 -10.51 28.45
O3 MAN I . 35.61 -12.06 28.17
O4 MAN I . 34.76 -14.34 29.71
O5 MAN I . 31.58 -12.79 28.77
O6 MAN I . 32.70 -15.43 31.01
C1 NAG J . 30.33 27.50 -8.53
C2 NAG J . 30.15 28.95 -8.11
C3 NAG J . 30.85 29.89 -9.09
C4 NAG J . 32.30 29.46 -9.29
C5 NAG J . 32.37 27.99 -9.67
C6 NAG J . 33.79 27.47 -9.79
C7 NAG J . 28.21 29.88 -6.92
C8 NAG J . 29.15 30.15 -5.79
N2 NAG J . 28.74 29.29 -7.99
O3 NAG J . 30.80 31.23 -8.60
O4 NAG J . 32.87 30.21 -10.36
O5 NAG J . 31.72 27.21 -8.66
O6 NAG J . 34.49 27.63 -8.55
O7 NAG J . 27.02 30.17 -6.85
C1 NAG J . 33.92 31.07 -9.88
C2 NAG J . 34.07 32.21 -10.88
C3 NAG J . 35.17 33.16 -10.43
C4 NAG J . 34.90 33.64 -9.01
C5 NAG J . 34.71 32.44 -8.09
C6 NAG J . 34.33 32.83 -6.68
C7 NAG J . 33.44 31.73 -13.21
C8 NAG J . 32.09 32.31 -12.87
N2 NAG J . 34.33 31.71 -12.22
O3 NAG J . 35.21 34.29 -11.32
O4 NAG J . 35.98 34.42 -8.54
O5 NAG J . 33.66 31.60 -8.59
O6 NAG J . 34.19 31.69 -5.85
O7 NAG J . 33.69 31.28 -14.32
C1 NAG K . 11.20 -8.37 -20.91
C2 NAG K . 12.40 -8.35 -19.97
C3 NAG K . 13.66 -8.78 -20.71
C4 NAG K . 13.44 -10.14 -21.37
C5 NAG K . 12.19 -10.10 -22.23
C6 NAG K . 11.84 -11.46 -22.80
C7 NAG K . 12.07 -6.70 -18.18
C8 NAG K . 12.33 -5.30 -17.72
N2 NAG K . 12.58 -7.03 -19.39
O3 NAG K . 14.75 -8.85 -19.79
O4 NAG K . 14.54 -10.44 -22.21
O5 NAG K . 11.06 -9.69 -21.46
O6 NAG K . 10.69 -11.40 -23.62
O7 NAG K . 11.43 -7.50 -17.51
C1 NAG K . 15.34 -11.50 -21.65
C2 NAG K . 16.11 -12.15 -22.80
C3 NAG K . 17.02 -13.25 -22.27
C4 NAG K . 17.93 -12.68 -21.18
C5 NAG K . 17.09 -12.04 -20.09
C6 NAG K . 17.91 -11.37 -19.01
C7 NAG K . 15.51 -12.85 -25.07
C8 NAG K . 14.44 -13.42 -25.96
N2 NAG K . 15.19 -12.69 -23.79
O3 NAG K . 17.81 -13.78 -23.33
O4 NAG K . 18.74 -13.70 -20.62
O5 NAG K . 16.25 -11.01 -20.67
O6 NAG K . 17.08 -10.82 -18.00
O7 NAG K . 16.63 -12.56 -25.50
C1 BMA K . 20.10 -13.45 -21.04
C2 BMA K . 21.05 -14.17 -20.07
C3 BMA K . 22.49 -13.97 -20.50
C4 BMA K . 22.68 -14.38 -21.95
C5 BMA K . 21.66 -13.67 -22.84
C6 BMA K . 21.71 -14.14 -24.27
O2 BMA K . 20.74 -15.56 -20.05
O3 BMA K . 23.36 -14.72 -19.66
O4 BMA K . 24.00 -14.04 -22.39
O5 BMA K . 20.33 -13.93 -22.36
O6 BMA K . 21.78 -15.56 -24.35
C1 MAN K . 24.13 -13.80 -18.85
C2 MAN K . 25.39 -14.53 -18.37
C3 MAN K . 25.01 -15.67 -17.43
C4 MAN K . 24.14 -15.16 -16.30
C5 MAN K . 22.93 -14.40 -16.86
C6 MAN K . 22.09 -13.76 -15.79
O2 MAN K . 26.25 -13.61 -17.71
O3 MAN K . 26.19 -16.28 -16.91
O4 MAN K . 23.67 -16.25 -15.50
O5 MAN K . 23.38 -13.35 -17.73
O6 MAN K . 20.97 -13.08 -16.36
C1 MAN K . 22.15 -15.94 -25.69
C2 MAN K . 21.67 -17.37 -25.92
C3 MAN K . 22.42 -18.33 -25.01
C4 MAN K . 23.92 -18.16 -25.17
C5 MAN K . 24.31 -16.69 -24.96
C6 MAN K . 25.77 -16.43 -25.23
O2 MAN K . 21.87 -17.73 -27.28
O3 MAN K . 22.05 -19.67 -25.30
O4 MAN K . 24.61 -18.97 -24.22
O5 MAN K . 23.57 -15.87 -25.88
O6 MAN K . 26.14 -16.80 -26.55
C1 NAG L . 1.84 -36.78 -25.51
C2 NAG L . 1.09 -37.88 -24.76
C3 NAG L . -0.12 -38.34 -25.58
C4 NAG L . -0.99 -37.14 -25.93
C5 NAG L . -0.15 -36.08 -26.64
C6 NAG L . -0.91 -34.81 -26.92
C7 NAG L . 2.08 -39.53 -23.24
C8 NAG L . 3.02 -40.68 -23.10
N2 NAG L . 1.96 -39.00 -24.46
O3 NAG L . -0.87 -39.28 -24.81
O4 NAG L . -2.07 -37.54 -26.77
O5 NAG L . 0.96 -35.71 -25.80
O6 NAG L . -1.39 -34.20 -25.73
O7 NAG L . 1.46 -39.08 -22.27
C1 NAG L . -3.31 -37.26 -26.09
C2 NAG L . -4.46 -37.68 -26.98
C3 NAG L . -5.79 -37.44 -26.28
C4 NAG L . -5.80 -38.12 -24.92
C5 NAG L . -4.59 -37.68 -24.10
C6 NAG L . -4.47 -38.40 -22.78
C7 NAG L . -4.39 -37.62 -29.44
C8 NAG L . -4.35 -36.74 -30.65
N2 NAG L . -4.42 -36.98 -28.25
O3 NAG L . -6.86 -37.93 -27.08
O4 NAG L . -6.99 -37.80 -24.20
O5 NAG L . -3.39 -37.96 -24.84
O6 NAG L . -4.30 -39.80 -22.97
O7 NAG L . -4.40 -38.84 -29.51
C1 NAG M . -19.35 -7.10 -20.90
C2 NAG M . -20.11 -8.38 -21.24
C3 NAG M . -19.60 -8.96 -22.55
C4 NAG M . -19.64 -7.91 -23.65
C5 NAG M . -18.90 -6.65 -23.21
C6 NAG M . -19.01 -5.51 -24.20
C7 NAG M . -20.97 -10.19 -19.83
C8 NAG M . -20.67 -11.15 -18.71
N2 NAG M . -19.99 -9.35 -20.17
O3 NAG M . -20.41 -10.07 -22.91
O4 NAG M . -18.97 -8.42 -24.81
O5 NAG M . -19.47 -6.17 -21.97
O6 NAG M . -20.37 -5.14 -24.41
O7 NAG M . -22.05 -10.19 -20.41
C1 NAG M . -19.86 -8.59 -25.92
C2 NAG M . -19.02 -8.41 -27.18
C3 NAG M . -19.88 -8.66 -28.42
C4 NAG M . -20.54 -10.02 -28.33
C5 NAG M . -21.34 -10.11 -27.03
C6 NAG M . -21.97 -11.47 -26.81
C7 NAG M . -17.12 -6.87 -27.39
C8 NAG M . -16.68 -5.44 -27.41
N2 NAG M . -18.43 -7.09 -27.22
O3 NAG M . -19.05 -8.59 -29.58
O4 NAG M . -21.41 -10.21 -29.45
O5 NAG M . -20.47 -9.88 -25.92
O6 NAG M . -21.00 -12.50 -26.80
O7 NAG M . -16.32 -7.80 -27.53
C1 BMA M . -20.92 -11.34 -30.20
C2 BMA M . -22.08 -11.91 -31.01
C3 BMA M . -21.61 -13.09 -31.86
C4 BMA M . -20.40 -12.70 -32.70
C5 BMA M . -19.32 -12.09 -31.82
C6 BMA M . -18.15 -11.57 -32.62
O2 BMA M . -22.61 -10.89 -31.86
O3 BMA M . -22.67 -13.54 -32.70
O4 BMA M . -19.88 -13.86 -33.36
O5 BMA M . -19.86 -10.97 -31.09
O6 BMA M . -18.59 -10.90 -33.80
C1 MAN M . -17.45 -10.46 -34.57
C2 MAN M . -17.97 -9.59 -35.70
C3 MAN M . -18.80 -10.41 -36.66
C4 MAN M . -18.00 -11.61 -37.16
C5 MAN M . -17.49 -12.41 -35.98
C6 MAN M . -16.58 -13.55 -36.39
O2 MAN M . -16.86 -9.00 -36.39
O3 MAN M . -19.24 -9.61 -37.76
O4 MAN M . -18.82 -12.44 -37.97
O5 MAN M . -16.70 -11.56 -35.11
O6 MAN M . -16.17 -14.32 -35.27
C1 MAN M . -20.67 -9.52 -37.70
C2 MAN M . -21.19 -9.13 -39.07
C3 MAN M . -20.72 -7.71 -39.42
C4 MAN M . -21.13 -6.74 -38.33
C5 MAN M . -20.61 -7.23 -36.98
C6 MAN M . -21.07 -6.37 -35.83
O2 MAN M . -22.61 -9.19 -39.09
O3 MAN M . -21.27 -7.32 -40.68
O4 MAN M . -20.60 -5.44 -38.60
O5 MAN M . -21.08 -8.56 -36.72
O6 MAN M . -20.70 -5.00 -36.02
C1 MAN M . -23.68 -14.18 -31.91
C2 MAN M . -24.03 -15.50 -32.58
C3 MAN M . -24.65 -15.25 -33.94
C4 MAN M . -25.84 -14.31 -33.81
C5 MAN M . -25.42 -13.04 -33.10
C6 MAN M . -26.58 -12.10 -32.83
O2 MAN M . -24.93 -16.23 -31.75
O3 MAN M . -25.06 -16.48 -34.53
O4 MAN M . -26.35 -13.98 -35.10
O5 MAN M . -24.85 -13.36 -31.82
O6 MAN M . -26.15 -10.93 -32.15
N ABU N . 23.89 -20.17 6.88
CD ABU N . 22.97 -20.45 5.78
CB ABU N . 22.59 -21.93 5.77
CG ABU N . 21.55 -22.24 4.70
C ABU N . 20.92 -23.64 4.78
O ABU N . 21.31 -24.41 5.68
OXT ABU N . 20.06 -23.89 3.91
N ABU O . -2.02 -4.70 -32.36
CD ABU O . -2.12 -3.27 -32.19
CB ABU O . -0.92 -2.55 -32.79
CG ABU O . -0.95 -1.05 -32.52
C ABU O . 0.11 -0.22 -33.24
O ABU O . 0.95 -0.82 -33.94
OXT ABU O . 0.03 1.02 -33.08
#